data_6QHE
#
_entry.id   6QHE
#
_cell.length_a   80.731
_cell.length_b   119.041
_cell.length_c   348.578
_cell.angle_alpha   90.00
_cell.angle_beta   90.00
_cell.angle_gamma   90.00
#
_symmetry.space_group_name_H-M   'C 2 2 21'
#
loop_
_entity.id
_entity.type
_entity.pdbx_description
1 polymer 'Alcohol Dehydrogenase'
2 non-polymer NICOTINAMIDE-ADENINE-DINUCLEOTIDE
3 non-polymer 'SODIUM ION'
4 water water
#
_entity_poly.entity_id   1
_entity_poly.type   'polypeptide(L)'
_entity_poly.pdbx_seq_one_letter_code
;HMINMRNRVAIVTGGAMGMGNGCARKLAEAGAKVYLIDRSNLVAAAAQDMREAGLNANHVQVDITDQESLTSAYDGIAAE
SGRLDVLVNAAGVGDSRMFLDVDDAHYKKVIDVNVRGTWNSCRAAVPHMLSNKHGRIINFGSISGPIVADPGWTVYALSK
GAIFGFTKALASEFAGQNILVNAILPGSMDTPMMRAAAADTNPADPQSVIDEIAAAVPLKRLGTIDDAGNLALFLASDLA
SYLTGQAIVLDGAFTLAEYQSGGLEAPAETPALVN
;
_entity_poly.pdbx_strand_id   A,B,C,D,E,F
#
loop_
_chem_comp.id
_chem_comp.type
_chem_comp.name
_chem_comp.formula
NA non-polymer 'SODIUM ION' 'Na 1'
NAD non-polymer NICOTINAMIDE-ADENINE-DINUCLEOTIDE 'C21 H27 N7 O14 P2'
#
# COMPACT_ATOMS: atom_id res chain seq x y z
N HIS A 1 18.40 13.03 13.60
CA HIS A 1 17.74 11.68 13.58
C HIS A 1 16.26 11.82 13.91
N MET A 2 15.37 11.33 13.06
CA MET A 2 13.91 11.38 13.33
C MET A 2 13.55 10.30 14.36
N ILE A 3 14.24 9.15 14.30
CA ILE A 3 14.07 8.01 15.25
C ILE A 3 15.37 7.87 16.04
N ASN A 4 15.27 7.92 17.36
CA ASN A 4 16.45 7.71 18.22
C ASN A 4 16.01 6.80 19.37
N MET A 5 16.43 5.55 19.34
CA MET A 5 16.07 4.59 20.40
C MET A 5 17.27 4.40 21.33
N ARG A 6 18.27 5.30 21.31
CA ARG A 6 19.48 5.16 22.18
C ARG A 6 19.04 5.11 23.66
N ASN A 7 19.63 4.23 24.46
CA ASN A 7 19.33 4.08 25.91
C ASN A 7 17.95 3.42 26.13
N ARG A 8 17.21 3.03 25.10
CA ARG A 8 15.97 2.23 25.29
C ARG A 8 16.34 0.75 25.33
N VAL A 9 15.60 -0.01 26.11
CA VAL A 9 15.79 -1.48 26.23
C VAL A 9 14.58 -2.18 25.62
N ALA A 10 14.80 -3.07 24.67
CA ALA A 10 13.75 -3.85 24.00
C ALA A 10 13.96 -5.35 24.19
N ILE A 11 12.87 -6.08 24.38
CA ILE A 11 12.82 -7.55 24.31
C ILE A 11 12.05 -7.91 23.06
N VAL A 12 12.59 -8.81 22.24
CA VAL A 12 11.87 -9.33 21.06
C VAL A 12 11.78 -10.85 21.17
N THR A 13 10.56 -11.36 21.31
CA THR A 13 10.34 -12.83 21.27
C THR A 13 10.39 -13.26 19.81
N GLY A 14 10.80 -14.48 19.55
CA GLY A 14 11.00 -14.99 18.18
C GLY A 14 12.21 -14.33 17.52
N GLY A 15 13.16 -13.81 18.30
CA GLY A 15 14.29 -13.02 17.80
C GLY A 15 15.30 -13.80 16.94
N ALA A 16 15.29 -15.14 16.97
CA ALA A 16 16.35 -15.95 16.32
C ALA A 16 16.22 -15.86 14.79
N MET A 17 15.01 -15.74 14.26
CA MET A 17 14.79 -15.73 12.81
C MET A 17 13.46 -15.05 12.46
N GLY A 18 13.18 -14.94 11.17
CA GLY A 18 11.88 -14.43 10.70
C GLY A 18 11.62 -13.02 11.17
N MET A 19 10.34 -12.66 11.33
CA MET A 19 10.00 -11.25 11.60
C MET A 19 10.56 -10.78 12.95
N GLY A 20 10.62 -11.64 13.96
CA GLY A 20 11.22 -11.23 15.25
C GLY A 20 12.67 -10.80 15.05
N ASN A 21 13.42 -11.54 14.24
CA ASN A 21 14.82 -11.17 13.94
C ASN A 21 14.85 -9.80 13.25
N GLY A 22 13.97 -9.57 12.28
CA GLY A 22 13.86 -8.26 11.61
C GLY A 22 13.57 -7.14 12.60
N CYS A 23 12.62 -7.36 13.52
CA CYS A 23 12.25 -6.34 14.52
C CYS A 23 13.45 -6.03 15.43
N ALA A 24 14.13 -7.07 15.91
CA ALA A 24 15.30 -6.87 16.80
C ALA A 24 16.39 -6.07 16.05
N ARG A 25 16.64 -6.40 14.79
CA ARG A 25 17.68 -5.72 13.96
C ARG A 25 17.30 -4.25 13.80
N LYS A 26 16.04 -3.92 13.49
CA LYS A 26 15.68 -2.51 13.25
C LYS A 26 15.77 -1.73 14.56
N LEU A 27 15.32 -2.30 15.68
CA LEU A 27 15.38 -1.60 16.99
C LEU A 27 16.87 -1.35 17.34
N ALA A 28 17.72 -2.34 17.09
CA ALA A 28 19.17 -2.26 17.40
C ALA A 28 19.83 -1.21 16.50
N GLU A 29 19.47 -1.17 15.22
CA GLU A 29 20.03 -0.18 14.27
C GLU A 29 19.64 1.23 14.72
N ALA A 30 18.48 1.38 15.36
CA ALA A 30 18.00 2.69 15.86
C ALA A 30 18.65 3.04 17.20
N GLY A 31 19.47 2.14 17.77
CA GLY A 31 20.30 2.43 18.96
C GLY A 31 19.83 1.73 20.21
N ALA A 32 18.75 0.95 20.16
CA ALA A 32 18.22 0.25 21.35
C ALA A 32 19.22 -0.82 21.79
N LYS A 33 19.21 -1.10 23.09
CA LYS A 33 19.76 -2.37 23.64
C LYS A 33 18.69 -3.44 23.47
N VAL A 34 18.94 -4.44 22.65
CA VAL A 34 17.91 -5.45 22.28
C VAL A 34 18.27 -6.81 22.87
N TYR A 35 17.29 -7.50 23.43
CA TYR A 35 17.38 -8.90 23.87
C TYR A 35 16.52 -9.77 22.96
N LEU A 36 17.16 -10.70 22.27
CA LEU A 36 16.50 -11.75 21.46
C LEU A 36 16.06 -12.88 22.40
N ILE A 37 14.75 -13.10 22.50
CA ILE A 37 14.14 -14.18 23.33
C ILE A 37 13.68 -15.25 22.33
N ASP A 38 14.14 -16.48 22.50
CA ASP A 38 13.76 -17.57 21.59
C ASP A 38 14.08 -18.92 22.25
N ARG A 39 13.30 -19.93 21.93
CA ARG A 39 13.56 -21.33 22.36
C ARG A 39 14.68 -21.91 21.49
N SER A 40 14.92 -21.37 20.30
CA SER A 40 15.86 -21.95 19.31
C SER A 40 17.31 -21.87 19.82
N ASN A 41 18.10 -22.91 19.59
CA ASN A 41 19.54 -22.86 19.96
C ASN A 41 20.30 -21.92 19.02
N LEU A 42 19.67 -21.45 17.94
CA LEU A 42 20.26 -20.50 16.97
C LEU A 42 20.24 -19.07 17.52
N VAL A 43 19.60 -18.83 18.65
CA VAL A 43 19.40 -17.43 19.11
C VAL A 43 20.74 -16.82 19.52
N ALA A 44 21.67 -17.58 20.12
CA ALA A 44 22.98 -17.01 20.54
C ALA A 44 23.73 -16.49 19.31
N ALA A 45 23.78 -17.28 18.23
CA ALA A 45 24.46 -16.88 16.97
C ALA A 45 23.75 -15.68 16.35
N ALA A 46 22.42 -15.61 16.44
CA ALA A 46 21.67 -14.46 15.90
C ALA A 46 22.12 -13.18 16.61
N ALA A 47 22.24 -13.20 17.94
CA ALA A 47 22.65 -12.00 18.71
C ALA A 47 24.12 -11.68 18.39
N GLN A 48 24.96 -12.71 18.29
CA GLN A 48 26.39 -12.57 17.91
C GLN A 48 26.52 -11.84 16.57
N ASP A 49 25.75 -12.25 15.56
CA ASP A 49 25.77 -11.65 14.19
C ASP A 49 25.45 -10.15 14.28
N MET A 50 24.51 -9.77 15.15
CA MET A 50 24.15 -8.35 15.31
C MET A 50 25.28 -7.58 15.99
N ARG A 51 25.90 -8.15 17.02
CA ARG A 51 27.05 -7.49 17.72
C ARG A 51 28.20 -7.28 16.72
N GLU A 52 28.40 -8.21 15.80
CA GLU A 52 29.46 -8.10 14.77
C GLU A 52 29.14 -6.96 13.79
N ALA A 53 27.89 -6.58 13.62
CA ALA A 53 27.50 -5.42 12.77
C ALA A 53 27.47 -4.14 13.60
N GLY A 54 27.97 -4.16 14.83
CA GLY A 54 28.13 -2.97 15.71
C GLY A 54 26.88 -2.68 16.54
N LEU A 55 25.93 -3.61 16.64
CA LEU A 55 24.62 -3.39 17.31
C LEU A 55 24.69 -3.92 18.75
N ASN A 56 23.96 -3.29 19.68
CA ASN A 56 23.86 -3.74 21.08
C ASN A 56 22.77 -4.83 21.20
N ALA A 57 23.12 -6.07 20.87
CA ALA A 57 22.25 -7.26 20.90
C ALA A 57 22.74 -8.28 21.95
N ASN A 58 21.78 -8.91 22.61
CA ASN A 58 21.90 -9.89 23.71
C ASN A 58 20.86 -10.99 23.46
N HIS A 59 20.96 -12.16 24.08
CA HIS A 59 19.95 -13.24 23.91
C HIS A 59 19.60 -13.85 25.27
N VAL A 60 18.41 -14.44 25.36
CA VAL A 60 18.02 -15.41 26.41
C VAL A 60 17.34 -16.55 25.68
N GLN A 61 17.88 -17.75 25.81
CA GLN A 61 17.21 -18.95 25.30
C GLN A 61 16.18 -19.36 26.36
N VAL A 62 14.89 -19.21 26.04
CA VAL A 62 13.80 -19.50 27.00
C VAL A 62 12.52 -19.78 26.19
N ASP A 63 11.66 -20.60 26.74
CA ASP A 63 10.37 -20.98 26.14
C ASP A 63 9.29 -20.04 26.71
N ILE A 64 8.63 -19.25 25.85
CA ILE A 64 7.62 -18.25 26.33
C ILE A 64 6.41 -18.97 26.93
N THR A 65 6.19 -20.27 26.68
CA THR A 65 5.06 -21.01 27.30
C THR A 65 5.39 -21.42 28.75
N ASP A 66 6.61 -21.19 29.20
CA ASP A 66 7.01 -21.48 30.61
C ASP A 66 6.99 -20.18 31.39
N GLN A 67 5.89 -19.88 32.06
CA GLN A 67 5.68 -18.54 32.64
C GLN A 67 6.74 -18.23 33.68
N GLU A 68 7.09 -19.19 34.54
CA GLU A 68 8.09 -18.95 35.64
C GLU A 68 9.46 -18.61 35.03
N SER A 69 9.94 -19.39 34.05
CA SER A 69 11.26 -19.17 33.42
C SER A 69 11.25 -17.84 32.66
N LEU A 70 10.15 -17.52 31.99
CA LEU A 70 10.10 -16.27 31.19
C LEU A 70 10.13 -15.09 32.14
N THR A 71 9.36 -15.15 33.24
CA THR A 71 9.32 -14.06 34.24
C THR A 71 10.73 -13.87 34.82
N SER A 72 11.41 -14.97 35.17
CA SER A 72 12.79 -14.90 35.71
C SER A 72 13.70 -14.22 34.67
N ALA A 73 13.61 -14.60 33.39
CA ALA A 73 14.42 -13.99 32.31
C ALA A 73 14.14 -12.49 32.22
N TYR A 74 12.88 -12.06 32.18
CA TYR A 74 12.57 -10.62 31.99
C TYR A 74 12.99 -9.84 33.24
N ASP A 75 12.80 -10.39 34.44
CA ASP A 75 13.24 -9.74 35.70
C ASP A 75 14.77 -9.51 35.63
N GLY A 76 15.52 -10.50 35.14
CA GLY A 76 16.98 -10.41 34.97
C GLY A 76 17.38 -9.35 33.96
N ILE A 77 16.68 -9.29 32.84
CA ILE A 77 16.93 -8.25 31.79
C ILE A 77 16.71 -6.86 32.40
N ALA A 78 15.61 -6.65 33.10
CA ALA A 78 15.26 -5.34 33.67
C ALA A 78 16.28 -4.96 34.76
N ALA A 79 16.68 -5.91 35.60
CA ALA A 79 17.64 -5.70 36.72
C ALA A 79 19.00 -5.28 36.14
N GLU A 80 19.49 -5.96 35.13
CA GLU A 80 20.85 -5.70 34.58
C GLU A 80 20.84 -4.47 33.66
N SER A 81 19.69 -4.04 33.13
CA SER A 81 19.60 -2.88 32.19
C SER A 81 19.11 -1.63 32.92
N GLY A 82 18.42 -1.80 34.04
CA GLY A 82 17.85 -0.71 34.83
C GLY A 82 16.49 -0.24 34.32
N ARG A 83 15.99 -0.83 33.23
CA ARG A 83 14.69 -0.41 32.64
C ARG A 83 14.24 -1.42 31.58
N LEU A 84 12.98 -1.31 31.16
CA LEU A 84 12.43 -2.07 30.01
C LEU A 84 11.42 -1.17 29.30
N ASP A 85 11.67 -0.85 28.04
CA ASP A 85 10.87 0.16 27.29
C ASP A 85 9.93 -0.53 26.30
N VAL A 86 10.40 -1.58 25.64
CA VAL A 86 9.75 -2.10 24.39
C VAL A 86 9.67 -3.61 24.48
N LEU A 87 8.52 -4.17 24.13
CA LEU A 87 8.33 -5.61 23.96
C LEU A 87 7.73 -5.85 22.59
N VAL A 88 8.35 -6.71 21.79
CA VAL A 88 7.76 -7.21 20.53
C VAL A 88 7.49 -8.71 20.67
N ASN A 89 6.24 -9.12 20.53
CA ASN A 89 5.83 -10.54 20.64
C ASN A 89 5.72 -11.14 19.24
N ALA A 90 6.85 -11.57 18.67
CA ALA A 90 6.88 -12.10 17.29
C ALA A 90 6.95 -13.64 17.30
N ALA A 91 7.23 -14.28 18.43
CA ALA A 91 7.28 -15.75 18.47
C ALA A 91 5.92 -16.32 18.12
N GLY A 92 5.86 -17.32 17.24
CA GLY A 92 4.57 -17.89 16.84
C GLY A 92 4.78 -19.19 16.11
N VAL A 93 3.72 -19.97 15.99
CA VAL A 93 3.70 -21.17 15.13
C VAL A 93 2.53 -21.07 14.16
N GLY A 94 2.72 -21.62 12.96
CA GLY A 94 1.81 -21.43 11.83
C GLY A 94 1.21 -22.73 11.33
N ASP A 95 1.00 -23.71 12.19
CA ASP A 95 0.48 -25.05 11.77
C ASP A 95 -0.94 -24.94 11.26
N SER A 96 -1.19 -25.57 10.11
CA SER A 96 -2.53 -25.70 9.49
C SER A 96 -3.05 -27.12 9.71
N ARG A 97 -4.36 -27.26 9.83
CA ARG A 97 -5.03 -28.59 10.00
C ARG A 97 -6.50 -28.36 9.74
N MET A 98 -7.10 -29.20 8.92
CA MET A 98 -8.55 -29.15 8.66
C MET A 98 -9.27 -29.39 10.00
N PHE A 99 -10.37 -28.67 10.20
CA PHE A 99 -11.10 -28.60 11.48
C PHE A 99 -11.40 -30.00 12.03
N LEU A 100 -11.95 -30.88 11.18
CA LEU A 100 -12.35 -32.23 11.66
C LEU A 100 -11.11 -33.10 11.96
N ASP A 101 -9.93 -32.75 11.47
CA ASP A 101 -8.67 -33.49 11.70
C ASP A 101 -7.88 -32.89 12.87
N VAL A 102 -8.35 -31.80 13.48
CA VAL A 102 -7.63 -31.21 14.64
C VAL A 102 -7.64 -32.22 15.77
N ASP A 103 -6.49 -32.40 16.43
CA ASP A 103 -6.41 -33.19 17.67
C ASP A 103 -5.94 -32.26 18.79
N ASP A 104 -6.05 -32.73 20.04
CA ASP A 104 -5.73 -31.92 21.23
C ASP A 104 -4.29 -31.41 21.12
N ALA A 105 -3.35 -32.20 20.61
CA ALA A 105 -1.93 -31.79 20.51
C ALA A 105 -1.78 -30.54 19.64
N HIS A 106 -2.43 -30.53 18.48
CA HIS A 106 -2.37 -29.40 17.52
C HIS A 106 -3.02 -28.15 18.15
N TYR A 107 -4.21 -28.32 18.70
CA TYR A 107 -4.97 -27.21 19.34
C TYR A 107 -4.08 -26.57 20.41
N LYS A 108 -3.55 -27.42 21.31
CA LYS A 108 -2.71 -26.95 22.43
C LYS A 108 -1.42 -26.29 21.90
N LYS A 109 -0.76 -26.86 20.91
CA LYS A 109 0.56 -26.34 20.46
C LYS A 109 0.37 -24.89 19.94
N VAL A 110 -0.57 -24.71 19.04
CA VAL A 110 -0.78 -23.39 18.38
C VAL A 110 -1.24 -22.38 19.42
N ILE A 111 -2.22 -22.72 20.25
CA ILE A 111 -2.78 -21.72 21.20
C ILE A 111 -1.80 -21.43 22.34
N ASP A 112 -1.07 -22.44 22.83
CA ASP A 112 -0.09 -22.21 23.91
C ASP A 112 0.97 -21.21 23.46
N VAL A 113 1.54 -21.38 22.27
CA VAL A 113 2.63 -20.47 21.80
C VAL A 113 2.03 -19.10 21.42
N ASN A 114 1.01 -19.11 20.56
CA ASN A 114 0.50 -17.87 19.94
C ASN A 114 -0.22 -17.01 20.97
N VAL A 115 -1.00 -17.62 21.85
CA VAL A 115 -1.85 -16.90 22.83
C VAL A 115 -1.15 -16.85 24.18
N ARG A 116 -0.99 -18.00 24.83
CA ARG A 116 -0.45 -18.00 26.20
C ARG A 116 1.00 -17.43 26.22
N GLY A 117 1.78 -17.68 25.17
CA GLY A 117 3.14 -17.12 25.05
C GLY A 117 3.14 -15.61 25.01
N THR A 118 2.23 -15.01 24.20
CA THR A 118 2.08 -13.54 24.17
C THR A 118 1.57 -13.06 25.55
N TRP A 119 0.63 -13.77 26.13
CA TRP A 119 0.08 -13.43 27.48
C TRP A 119 1.24 -13.38 28.49
N ASN A 120 2.00 -14.47 28.57
CA ASN A 120 3.11 -14.62 29.56
C ASN A 120 4.13 -13.50 29.37
N SER A 121 4.47 -13.19 28.11
CA SER A 121 5.46 -12.14 27.76
C SER A 121 4.95 -10.79 28.22
N CYS A 122 3.71 -10.43 27.89
CA CYS A 122 3.14 -9.13 28.33
C CYS A 122 3.09 -9.08 29.86
N ARG A 123 2.70 -10.17 30.50
CA ARG A 123 2.48 -10.19 31.97
C ARG A 123 3.85 -10.00 32.69
N ALA A 124 4.92 -10.53 32.16
CA ALA A 124 6.28 -10.37 32.73
C ALA A 124 6.84 -8.97 32.44
N ALA A 125 6.49 -8.35 31.31
CA ALA A 125 7.05 -7.05 30.88
C ALA A 125 6.35 -5.86 31.55
N VAL A 126 5.02 -5.89 31.63
CA VAL A 126 4.22 -4.71 32.02
C VAL A 126 4.70 -4.15 33.37
N PRO A 127 4.97 -4.96 34.42
CA PRO A 127 5.46 -4.41 35.70
C PRO A 127 6.70 -3.54 35.54
N HIS A 128 7.65 -3.95 34.72
CA HIS A 128 8.91 -3.21 34.46
C HIS A 128 8.61 -1.94 33.66
N MET A 129 7.66 -1.97 32.75
CA MET A 129 7.26 -0.74 32.02
C MET A 129 6.57 0.25 32.96
N LEU A 130 5.79 -0.23 33.92
CA LEU A 130 5.14 0.66 34.92
C LEU A 130 6.21 1.35 35.79
N SER A 131 7.28 0.65 36.18
CA SER A 131 8.41 1.25 36.94
CA SER A 131 8.41 1.26 36.94
C SER A 131 9.03 2.40 36.12
N ASN A 132 9.12 2.21 34.83
CA ASN A 132 9.71 3.12 33.82
C ASN A 132 8.74 4.29 33.51
N LYS A 133 7.45 4.19 33.89
CA LYS A 133 6.34 5.11 33.48
C LYS A 133 6.18 5.20 31.94
N HIS A 134 6.57 4.17 31.21
CA HIS A 134 6.65 4.22 29.72
C HIS A 134 6.77 2.79 29.21
N GLY A 135 5.94 2.38 28.24
CA GLY A 135 6.17 1.11 27.58
C GLY A 135 5.53 1.08 26.23
N ARG A 136 6.08 0.25 25.35
CA ARG A 136 5.47 -0.03 24.02
C ARG A 136 5.44 -1.53 23.87
N ILE A 137 4.25 -2.07 23.59
CA ILE A 137 4.08 -3.51 23.26
C ILE A 137 3.57 -3.60 21.83
N ILE A 138 4.26 -4.39 21.04
CA ILE A 138 3.84 -4.70 19.64
C ILE A 138 3.57 -6.19 19.58
N ASN A 139 2.31 -6.57 19.40
CA ASN A 139 1.91 -7.99 19.27
C ASN A 139 1.86 -8.33 17.78
N PHE A 140 2.19 -9.56 17.42
CA PHE A 140 1.99 -10.06 16.03
C PHE A 140 0.70 -10.87 15.98
N GLY A 141 -0.28 -10.33 15.26
CA GLY A 141 -1.47 -11.07 14.87
C GLY A 141 -1.24 -11.68 13.49
N SER A 142 -2.26 -11.64 12.67
CA SER A 142 -2.24 -12.06 11.26
C SER A 142 -3.46 -11.44 10.61
N ILE A 143 -3.45 -11.32 9.28
CA ILE A 143 -4.70 -11.08 8.53
C ILE A 143 -5.65 -12.27 8.72
N SER A 144 -5.10 -13.47 8.95
CA SER A 144 -5.87 -14.73 9.11
CA SER A 144 -5.87 -14.73 9.11
C SER A 144 -6.59 -14.75 10.46
N GLY A 145 -7.92 -14.65 10.42
CA GLY A 145 -8.78 -14.59 11.62
C GLY A 145 -9.52 -13.27 11.70
N PRO A 146 -8.82 -12.15 11.96
CA PRO A 146 -9.46 -10.85 12.04
C PRO A 146 -9.96 -10.31 10.69
N ILE A 147 -9.29 -10.63 9.58
CA ILE A 147 -9.56 -9.94 8.28
C ILE A 147 -10.07 -10.96 7.26
N VAL A 148 -9.30 -12.02 7.03
CA VAL A 148 -9.62 -13.03 5.99
C VAL A 148 -9.37 -14.41 6.58
N ALA A 149 -9.75 -15.45 5.86
CA ALA A 149 -9.37 -16.82 6.24
C ALA A 149 -9.53 -17.76 5.06
N ASP A 150 -8.67 -18.77 5.02
CA ASP A 150 -8.80 -19.90 4.09
C ASP A 150 -9.18 -21.14 4.89
N PRO A 151 -9.71 -22.18 4.20
CA PRO A 151 -9.89 -23.49 4.82
C PRO A 151 -8.58 -24.02 5.42
N GLY A 152 -8.65 -24.68 6.57
CA GLY A 152 -7.49 -25.37 7.16
C GLY A 152 -6.77 -24.55 8.20
N TRP A 153 -7.37 -23.45 8.66
CA TRP A 153 -6.64 -22.51 9.55
C TRP A 153 -7.47 -22.19 10.79
N THR A 154 -8.43 -23.02 11.20
CA THR A 154 -9.33 -22.67 12.33
C THR A 154 -8.52 -22.38 13.60
N VAL A 155 -7.54 -23.20 13.98
CA VAL A 155 -6.84 -22.98 15.27
C VAL A 155 -5.94 -21.74 15.16
N TYR A 156 -5.20 -21.60 14.07
CA TYR A 156 -4.33 -20.42 13.88
C TYR A 156 -5.19 -19.15 13.90
N ALA A 157 -6.28 -19.15 13.15
CA ALA A 157 -7.17 -17.96 13.02
C ALA A 157 -7.78 -17.62 14.41
N LEU A 158 -8.20 -18.63 15.14
CA LEU A 158 -8.68 -18.47 16.55
C LEU A 158 -7.56 -17.80 17.37
N SER A 159 -6.31 -18.28 17.26
CA SER A 159 -5.18 -17.75 18.05
C SER A 159 -4.93 -16.28 17.70
N LYS A 160 -5.06 -15.92 16.43
CA LYS A 160 -4.72 -14.53 15.99
C LYS A 160 -5.92 -13.60 16.26
N GLY A 161 -7.13 -14.13 16.27
CA GLY A 161 -8.30 -13.38 16.77
C GLY A 161 -8.13 -13.06 18.24
N ALA A 162 -7.63 -14.04 19.01
CA ALA A 162 -7.36 -13.85 20.44
C ALA A 162 -6.37 -12.70 20.62
N ILE A 163 -5.29 -12.68 19.84
CA ILE A 163 -4.26 -11.61 19.93
C ILE A 163 -4.91 -10.25 19.59
N PHE A 164 -5.76 -10.20 18.58
CA PHE A 164 -6.47 -8.97 18.16
C PHE A 164 -7.24 -8.40 19.36
N GLY A 165 -8.07 -9.24 20.01
CA GLY A 165 -8.91 -8.79 21.13
C GLY A 165 -8.08 -8.45 22.34
N PHE A 166 -7.08 -9.27 22.65
CA PHE A 166 -6.18 -9.07 23.81
C PHE A 166 -5.46 -7.76 23.66
N THR A 167 -5.00 -7.44 22.45
CA THR A 167 -4.26 -6.19 22.15
C THR A 167 -5.13 -5.00 22.52
N LYS A 168 -6.39 -5.01 22.08
CA LYS A 168 -7.29 -3.86 22.34
C LYS A 168 -7.53 -3.73 23.85
N ALA A 169 -7.79 -4.82 24.54
CA ALA A 169 -8.09 -4.77 26.00
C ALA A 169 -6.85 -4.31 26.77
N LEU A 170 -5.66 -4.81 26.43
CA LEU A 170 -4.41 -4.39 27.13
C LEU A 170 -4.14 -2.91 26.87
N ALA A 171 -4.33 -2.44 25.64
CA ALA A 171 -4.19 -1.01 25.29
C ALA A 171 -5.13 -0.16 26.16
N SER A 172 -6.36 -0.61 26.31
CA SER A 172 -7.40 0.16 27.04
C SER A 172 -6.98 0.22 28.51
N GLU A 173 -6.51 -0.91 29.03
CA GLU A 173 -6.22 -1.03 30.47
C GLU A 173 -5.01 -0.16 30.83
N PHE A 174 -3.99 -0.07 30.00
CA PHE A 174 -2.71 0.61 30.38
C PHE A 174 -2.50 1.94 29.66
N ALA A 175 -3.46 2.46 28.89
CA ALA A 175 -3.32 3.80 28.25
C ALA A 175 -3.00 4.87 29.33
N GLY A 176 -3.71 4.83 30.45
CA GLY A 176 -3.52 5.83 31.54
C GLY A 176 -2.14 5.75 32.17
N GLN A 177 -1.39 4.67 31.98
CA GLN A 177 -0.02 4.46 32.52
C GLN A 177 1.03 4.54 31.41
N ASN A 178 0.64 5.05 30.23
CA ASN A 178 1.55 5.37 29.12
C ASN A 178 2.21 4.08 28.61
N ILE A 179 1.48 2.97 28.64
CA ILE A 179 1.90 1.75 27.89
C ILE A 179 0.98 1.67 26.68
N LEU A 180 1.58 1.81 25.50
CA LEU A 180 0.85 1.75 24.21
C LEU A 180 0.95 0.32 23.70
N VAL A 181 -0.15 -0.23 23.24
CA VAL A 181 -0.22 -1.63 22.80
C VAL A 181 -0.91 -1.64 21.42
N ASN A 182 -0.24 -2.23 20.44
CA ASN A 182 -0.76 -2.34 19.06
C ASN A 182 -0.43 -3.72 18.53
N ALA A 183 -1.10 -4.11 17.46
CA ALA A 183 -0.81 -5.38 16.76
C ALA A 183 -0.42 -5.08 15.32
N ILE A 184 0.56 -5.85 14.81
CA ILE A 184 0.82 -5.90 13.37
C ILE A 184 0.10 -7.12 12.83
N LEU A 185 -0.65 -6.95 11.74
CA LEU A 185 -1.35 -8.04 11.04
C LEU A 185 -0.62 -8.20 9.71
N PRO A 186 0.43 -9.04 9.65
CA PRO A 186 1.14 -9.25 8.39
C PRO A 186 0.27 -10.05 7.41
N GLY A 187 0.50 -9.81 6.12
CA GLY A 187 -0.01 -10.66 5.05
C GLY A 187 1.00 -11.75 4.75
N SER A 188 1.30 -11.97 3.48
CA SER A 188 2.26 -13.03 3.04
C SER A 188 3.68 -12.53 3.15
N MET A 189 4.45 -13.00 4.12
CA MET A 189 5.80 -12.51 4.43
C MET A 189 6.84 -13.62 4.14
N ASP A 190 8.02 -13.22 3.67
CA ASP A 190 9.11 -14.18 3.32
C ASP A 190 9.90 -14.55 4.57
N THR A 191 9.45 -15.59 5.26
CA THR A 191 10.05 -16.06 6.52
C THR A 191 10.28 -17.56 6.46
N PRO A 192 11.05 -18.13 7.40
CA PRO A 192 11.14 -19.59 7.55
C PRO A 192 9.77 -20.27 7.65
N MET A 193 8.83 -19.70 8.42
CA MET A 193 7.46 -20.26 8.55
C MET A 193 6.79 -20.34 7.17
N MET A 194 6.86 -19.29 6.36
CA MET A 194 6.22 -19.25 5.01
C MET A 194 6.94 -20.24 4.09
N ARG A 195 8.27 -20.27 4.11
CA ARG A 195 9.06 -21.20 3.26
C ARG A 195 8.69 -22.66 3.60
N ALA A 196 8.51 -22.96 4.90
CA ALA A 196 8.11 -24.31 5.38
C ALA A 196 6.71 -24.65 4.85
N ALA A 197 5.77 -23.72 4.92
CA ALA A 197 4.38 -23.90 4.45
C ALA A 197 4.41 -24.14 2.95
N ALA A 198 5.26 -23.43 2.20
CA ALA A 198 5.37 -23.60 0.74
C ALA A 198 5.85 -25.02 0.42
N ALA A 199 6.87 -25.51 1.14
CA ALA A 199 7.42 -26.87 0.95
C ALA A 199 6.35 -27.92 1.30
N ASP A 200 5.55 -27.68 2.34
CA ASP A 200 4.43 -28.57 2.74
C ASP A 200 3.41 -28.63 1.61
N THR A 201 3.10 -27.52 0.93
CA THR A 201 2.05 -27.49 -0.11
C THR A 201 2.58 -28.13 -1.38
N ASN A 202 3.86 -28.00 -1.70
CA ASN A 202 4.45 -28.56 -2.95
C ASN A 202 5.92 -28.89 -2.73
N PRO A 203 6.21 -30.08 -2.14
CA PRO A 203 7.59 -30.47 -1.84
C PRO A 203 8.51 -30.50 -3.07
N ALA A 204 7.97 -30.86 -4.24
CA ALA A 204 8.69 -30.93 -5.53
C ALA A 204 9.13 -29.52 -5.98
N ASP A 205 8.36 -28.47 -5.66
CA ASP A 205 8.63 -27.11 -6.20
C ASP A 205 8.07 -26.05 -5.25
N PRO A 206 8.71 -25.84 -4.07
CA PRO A 206 8.25 -24.84 -3.11
C PRO A 206 8.29 -23.42 -3.70
N GLN A 207 9.31 -23.13 -4.53
CA GLN A 207 9.48 -21.78 -5.10
C GLN A 207 8.26 -21.40 -5.94
N SER A 208 7.64 -22.35 -6.66
CA SER A 208 6.46 -22.07 -7.52
C SER A 208 5.29 -21.62 -6.64
N VAL A 209 5.17 -22.14 -5.42
CA VAL A 209 4.10 -21.70 -4.47
C VAL A 209 4.40 -20.25 -4.05
N ILE A 210 5.64 -19.94 -3.69
CA ILE A 210 6.06 -18.57 -3.30
C ILE A 210 5.73 -17.62 -4.45
N ASP A 211 6.08 -18.02 -5.69
CA ASP A 211 5.84 -17.17 -6.89
C ASP A 211 4.34 -16.90 -7.07
N GLU A 212 3.48 -17.91 -6.88
CA GLU A 212 2.01 -17.74 -7.02
C GLU A 212 1.51 -16.78 -5.91
N ILE A 213 2.01 -16.88 -4.69
CA ILE A 213 1.57 -15.99 -3.57
C ILE A 213 1.97 -14.55 -3.94
N ALA A 214 3.22 -14.34 -4.38
CA ALA A 214 3.73 -13.01 -4.75
C ALA A 214 2.87 -12.40 -5.86
N ALA A 215 2.41 -13.21 -6.82
CA ALA A 215 1.63 -12.72 -7.96
C ALA A 215 0.23 -12.30 -7.51
N ALA A 216 -0.28 -12.85 -6.42
CA ALA A 216 -1.62 -12.50 -5.88
C ALA A 216 -1.56 -11.20 -5.05
N VAL A 217 -0.37 -10.69 -4.75
CA VAL A 217 -0.20 -9.41 -3.99
C VAL A 217 -0.15 -8.28 -5.00
N PRO A 218 -0.98 -7.23 -4.87
CA PRO A 218 -0.91 -6.10 -5.81
C PRO A 218 0.48 -5.48 -5.93
N LEU A 219 1.27 -5.47 -4.86
CA LEU A 219 2.67 -4.97 -4.95
C LEU A 219 3.60 -6.00 -5.60
N LYS A 220 3.14 -7.22 -5.83
CA LYS A 220 3.81 -8.27 -6.62
C LYS A 220 5.03 -8.85 -5.91
N ARG A 221 5.08 -8.78 -4.59
CA ARG A 221 6.16 -9.39 -3.79
CA ARG A 221 6.16 -9.39 -3.80
C ARG A 221 5.61 -9.77 -2.42
N LEU A 222 6.28 -10.68 -1.75
CA LEU A 222 6.02 -10.97 -0.33
C LEU A 222 6.57 -9.79 0.48
N GLY A 223 6.04 -9.59 1.68
CA GLY A 223 6.67 -8.68 2.64
C GLY A 223 7.96 -9.29 3.14
N THR A 224 8.84 -8.48 3.69
CA THR A 224 10.14 -8.94 4.21
C THR A 224 10.18 -8.80 5.72
N ILE A 225 11.17 -9.42 6.34
CA ILE A 225 11.37 -9.25 7.80
C ILE A 225 11.73 -7.80 8.07
N ASP A 226 12.35 -7.11 7.10
CA ASP A 226 12.68 -5.67 7.23
C ASP A 226 11.37 -4.84 7.26
N ASP A 227 10.41 -5.14 6.40
CA ASP A 227 9.10 -4.42 6.38
C ASP A 227 8.45 -4.53 7.77
N ALA A 228 8.43 -5.75 8.32
CA ALA A 228 7.84 -6.02 9.65
C ALA A 228 8.62 -5.25 10.72
N GLY A 229 9.96 -5.34 10.70
CA GLY A 229 10.77 -4.65 11.72
C GLY A 229 10.61 -3.16 11.62
N ASN A 230 10.46 -2.61 10.42
CA ASN A 230 10.28 -1.15 10.20
C ASN A 230 8.98 -0.69 10.89
N LEU A 231 7.90 -1.45 10.77
CA LEU A 231 6.61 -1.04 11.39
C LEU A 231 6.71 -1.19 12.91
N ALA A 232 7.35 -2.25 13.41
CA ALA A 232 7.56 -2.43 14.87
C ALA A 232 8.40 -1.28 15.40
N LEU A 233 9.45 -0.90 14.68
CA LEU A 233 10.33 0.22 15.11
C LEU A 233 9.50 1.51 15.17
N PHE A 234 8.68 1.78 14.15
CA PHE A 234 7.82 2.97 14.15
C PHE A 234 6.96 2.95 15.42
N LEU A 235 6.29 1.85 15.70
CA LEU A 235 5.33 1.76 16.84
C LEU A 235 6.07 1.89 18.17
N ALA A 236 7.33 1.48 18.24
CA ALA A 236 8.15 1.52 19.48
C ALA A 236 8.69 2.93 19.74
N SER A 237 8.63 3.82 18.74
CA SER A 237 9.38 5.10 18.69
C SER A 237 8.52 6.27 19.15
N ASP A 238 9.14 7.43 19.33
CA ASP A 238 8.42 8.69 19.61
C ASP A 238 7.55 9.12 18.41
N LEU A 239 7.71 8.52 17.24
CA LEU A 239 6.85 8.86 16.07
C LEU A 239 5.43 8.30 16.25
N ALA A 240 5.19 7.40 17.23
CA ALA A 240 3.90 6.71 17.39
C ALA A 240 3.34 6.91 18.81
N SER A 241 3.70 8.00 19.49
CA SER A 241 3.34 8.26 20.92
CA SER A 241 3.34 8.21 20.93
C SER A 241 1.84 8.45 21.16
N TYR A 242 1.02 8.63 20.13
CA TYR A 242 -0.45 8.80 20.28
C TYR A 242 -1.19 7.61 19.67
N LEU A 243 -0.47 6.60 19.20
CA LEU A 243 -1.10 5.49 18.44
C LEU A 243 -1.15 4.26 19.36
N THR A 244 -2.35 3.87 19.78
CA THR A 244 -2.56 2.72 20.68
C THR A 244 -3.90 2.07 20.41
N GLY A 245 -3.97 0.77 20.66
CA GLY A 245 -5.19 -0.02 20.52
C GLY A 245 -5.52 -0.40 19.11
N GLN A 246 -4.57 -0.30 18.19
CA GLN A 246 -4.86 -0.51 16.75
C GLN A 246 -4.18 -1.78 16.25
N ALA A 247 -4.78 -2.40 15.25
CA ALA A 247 -4.24 -3.56 14.55
C ALA A 247 -3.97 -3.09 13.12
N ILE A 248 -2.72 -3.01 12.72
CA ILE A 248 -2.31 -2.39 11.44
C ILE A 248 -1.97 -3.51 10.46
N VAL A 249 -2.60 -3.47 9.30
CA VAL A 249 -2.42 -4.49 8.23
C VAL A 249 -1.20 -4.10 7.39
N LEU A 250 -0.24 -4.99 7.30
CA LEU A 250 1.01 -4.84 6.54
C LEU A 250 1.02 -5.94 5.48
N ASP A 251 0.47 -5.66 4.30
CA ASP A 251 0.15 -6.76 3.36
C ASP A 251 0.26 -6.40 1.88
N GLY A 252 0.83 -5.26 1.52
CA GLY A 252 0.96 -4.88 0.10
C GLY A 252 -0.35 -4.90 -0.66
N ALA A 253 -1.48 -4.63 0.01
CA ALA A 253 -2.86 -4.62 -0.54
C ALA A 253 -3.38 -6.02 -0.91
N PHE A 254 -2.80 -7.08 -0.35
CA PHE A 254 -3.30 -8.47 -0.52
C PHE A 254 -4.77 -8.59 -0.09
N THR A 255 -5.19 -7.94 1.00
CA THR A 255 -6.59 -8.05 1.50
C THR A 255 -7.47 -6.97 0.88
N LEU A 256 -6.90 -6.05 0.11
CA LEU A 256 -7.63 -4.92 -0.49
C LEU A 256 -8.25 -5.35 -1.83
N ALA A 257 -7.53 -6.12 -2.62
CA ALA A 257 -7.94 -6.42 -4.01
C ALA A 257 -9.32 -7.06 -3.98
N GLU A 258 -10.23 -6.63 -4.84
CA GLU A 258 -11.59 -7.21 -4.92
C GLU A 258 -11.53 -8.55 -5.68
N TYR A 259 -10.85 -8.57 -6.84
CA TYR A 259 -10.41 -9.83 -7.51
C TYR A 259 -8.90 -9.98 -7.37
N GLN A 260 -8.46 -11.20 -7.11
CA GLN A 260 -7.06 -11.51 -6.72
C GLN A 260 -6.09 -11.13 -7.86
N SER A 261 -5.04 -10.38 -7.49
CA SER A 261 -3.71 -10.19 -8.17
C SER A 261 -3.32 -8.70 -8.10
N MET B 2 56.72 -7.11 -5.90
CA MET B 2 56.13 -5.75 -6.13
C MET B 2 54.59 -5.84 -5.94
N ILE B 3 53.96 -6.90 -6.43
CA ILE B 3 52.50 -7.17 -6.30
C ILE B 3 52.32 -8.39 -5.41
N ASN B 4 51.59 -8.20 -4.33
CA ASN B 4 51.28 -9.27 -3.37
C ASN B 4 49.81 -9.08 -3.01
N MET B 5 48.95 -9.98 -3.49
CA MET B 5 47.51 -9.91 -3.17
C MET B 5 47.17 -10.98 -2.13
N ARG B 6 48.16 -11.53 -1.41
CA ARG B 6 47.90 -12.61 -0.40
C ARG B 6 46.93 -12.06 0.67
N ASN B 7 45.95 -12.85 1.09
CA ASN B 7 44.95 -12.48 2.13
C ASN B 7 43.91 -11.51 1.54
N ARG B 8 43.97 -11.14 0.26
CA ARG B 8 42.92 -10.25 -0.31
C ARG B 8 41.82 -11.14 -0.87
N VAL B 9 40.59 -10.66 -0.84
CA VAL B 9 39.44 -11.39 -1.42
C VAL B 9 38.94 -10.60 -2.62
N ALA B 10 38.81 -11.28 -3.77
CA ALA B 10 38.31 -10.64 -5.01
C ALA B 10 37.06 -11.37 -5.49
N ILE B 11 36.10 -10.61 -5.99
CA ILE B 11 34.95 -11.12 -6.78
C ILE B 11 35.16 -10.68 -8.22
N VAL B 12 35.06 -11.61 -9.15
CA VAL B 12 35.15 -11.32 -10.60
C VAL B 12 33.88 -11.77 -11.28
N THR B 13 33.08 -10.81 -11.78
CA THR B 13 31.92 -11.16 -12.61
C THR B 13 32.45 -11.51 -14.01
N GLY B 14 31.77 -12.40 -14.70
CA GLY B 14 32.22 -12.90 -15.98
C GLY B 14 33.39 -13.83 -15.84
N GLY B 15 33.61 -14.42 -14.67
CA GLY B 15 34.83 -15.21 -14.36
C GLY B 15 34.89 -16.54 -15.11
N ALA B 16 33.82 -17.01 -15.75
CA ALA B 16 33.78 -18.32 -16.42
C ALA B 16 34.70 -18.34 -17.64
N MET B 17 34.84 -17.24 -18.37
CA MET B 17 35.62 -17.22 -19.65
C MET B 17 36.03 -15.79 -19.98
N GLY B 18 36.74 -15.61 -21.07
CA GLY B 18 37.11 -14.28 -21.58
C GLY B 18 37.94 -13.50 -20.55
N MET B 19 37.85 -12.18 -20.62
CA MET B 19 38.71 -11.34 -19.79
C MET B 19 38.40 -11.46 -18.31
N GLY B 20 37.17 -11.75 -17.91
CA GLY B 20 36.86 -12.00 -16.49
C GLY B 20 37.69 -13.18 -15.99
N ASN B 21 37.75 -14.24 -16.76
CA ASN B 21 38.56 -15.45 -16.40
C ASN B 21 40.03 -15.06 -16.29
N GLY B 22 40.54 -14.25 -17.23
CA GLY B 22 41.92 -13.76 -17.15
C GLY B 22 42.18 -12.97 -15.91
N CYS B 23 41.27 -12.05 -15.55
CA CYS B 23 41.43 -11.22 -14.34
C CYS B 23 41.43 -12.11 -13.10
N ALA B 24 40.51 -13.05 -13.01
CA ALA B 24 40.43 -13.95 -11.83
C ALA B 24 41.74 -14.73 -11.70
N ARG B 25 42.25 -15.25 -12.81
CA ARG B 25 43.50 -16.05 -12.84
C ARG B 25 44.66 -15.18 -12.37
N LYS B 26 44.81 -13.95 -12.87
CA LYS B 26 45.96 -13.10 -12.48
C LYS B 26 45.86 -12.73 -11.01
N LEU B 27 44.67 -12.40 -10.50
CA LEU B 27 44.48 -12.03 -9.08
C LEU B 27 44.85 -13.25 -8.22
N ALA B 28 44.42 -14.46 -8.64
CA ALA B 28 44.66 -15.73 -7.90
C ALA B 28 46.15 -16.06 -7.93
N GLU B 29 46.82 -15.86 -9.06
CA GLU B 29 48.28 -16.12 -9.19
C GLU B 29 49.04 -15.19 -8.25
N ALA B 30 48.53 -13.99 -7.99
CA ALA B 30 49.17 -13.00 -7.10
C ALA B 30 48.81 -13.30 -5.64
N GLY B 31 47.99 -14.31 -5.36
CA GLY B 31 47.74 -14.78 -3.97
C GLY B 31 46.34 -14.50 -3.48
N ALA B 32 45.49 -13.82 -4.25
CA ALA B 32 44.13 -13.50 -3.79
C ALA B 32 43.28 -14.78 -3.67
N LYS B 33 42.31 -14.73 -2.77
CA LYS B 33 41.17 -15.67 -2.75
C LYS B 33 40.13 -15.13 -3.75
N VAL B 34 39.86 -15.85 -4.82
CA VAL B 34 39.00 -15.33 -5.93
C VAL B 34 37.69 -16.09 -6.01
N TYR B 35 36.60 -15.36 -6.22
CA TYR B 35 35.26 -15.91 -6.48
C TYR B 35 34.85 -15.55 -7.91
N LEU B 36 34.61 -16.56 -8.73
CA LEU B 36 34.08 -16.42 -10.10
C LEU B 36 32.55 -16.32 -10.03
N ILE B 37 32.00 -15.18 -10.44
CA ILE B 37 30.54 -14.91 -10.45
C ILE B 37 30.11 -14.94 -11.91
N ASP B 38 29.18 -15.83 -12.27
CA ASP B 38 28.82 -16.00 -13.70
C ASP B 38 27.54 -16.82 -13.80
N ARG B 39 26.72 -16.52 -14.79
CA ARG B 39 25.49 -17.28 -15.07
C ARG B 39 25.83 -18.50 -15.90
N SER B 40 27.02 -18.56 -16.52
CA SER B 40 27.40 -19.68 -17.43
C SER B 40 27.47 -21.01 -16.67
N ASN B 41 27.01 -22.07 -17.31
CA ASN B 41 27.09 -23.45 -16.75
C ASN B 41 28.56 -23.91 -16.70
N LEU B 42 29.48 -23.20 -17.35
CA LEU B 42 30.94 -23.48 -17.31
C LEU B 42 31.58 -22.99 -16.02
N VAL B 43 30.93 -22.22 -15.18
CA VAL B 43 31.66 -21.48 -14.11
C VAL B 43 32.23 -22.46 -13.07
N ALA B 44 31.52 -23.55 -12.73
CA ALA B 44 32.04 -24.50 -11.73
C ALA B 44 33.35 -25.12 -12.25
N ALA B 45 33.38 -25.53 -13.51
CA ALA B 45 34.57 -26.14 -14.15
C ALA B 45 35.69 -25.10 -14.22
N ALA B 46 35.36 -23.83 -14.48
CA ALA B 46 36.38 -22.75 -14.54
C ALA B 46 37.07 -22.66 -13.17
N ALA B 47 36.33 -22.66 -12.07
CA ALA B 47 36.92 -22.54 -10.72
C ALA B 47 37.71 -23.82 -10.40
N GLN B 48 37.17 -24.99 -10.76
CA GLN B 48 37.85 -26.31 -10.58
C GLN B 48 39.23 -26.28 -11.30
N ASP B 49 39.29 -25.81 -12.54
CA ASP B 49 40.53 -25.74 -13.34
C ASP B 49 41.56 -24.87 -12.64
N MET B 50 41.13 -23.78 -12.00
CA MET B 50 42.06 -22.89 -11.26
C MET B 50 42.57 -23.61 -10.01
N ARG B 51 41.70 -24.29 -9.27
CA ARG B 51 42.10 -25.03 -8.04
C ARG B 51 43.14 -26.10 -8.42
N GLU B 52 42.98 -26.74 -9.58
CA GLU B 52 43.94 -27.77 -10.06
C GLU B 52 45.31 -27.16 -10.38
N ALA B 53 45.38 -25.85 -10.69
CA ALA B 53 46.67 -25.16 -10.92
C ALA B 53 47.20 -24.56 -9.62
N GLY B 54 46.61 -24.90 -8.48
CA GLY B 54 47.09 -24.51 -7.15
C GLY B 54 46.52 -23.18 -6.67
N LEU B 55 45.49 -22.65 -7.33
CA LEU B 55 44.94 -21.29 -7.05
C LEU B 55 43.73 -21.40 -6.13
N ASN B 56 43.54 -20.40 -5.26
CA ASN B 56 42.41 -20.34 -4.30
C ASN B 56 41.19 -19.74 -5.02
N ALA B 57 40.47 -20.57 -5.78
CA ALA B 57 39.32 -20.18 -6.63
C ALA B 57 38.06 -20.88 -6.15
N ASN B 58 36.94 -20.14 -6.22
CA ASN B 58 35.58 -20.49 -5.74
C ASN B 58 34.61 -19.96 -6.81
N HIS B 59 33.38 -20.45 -6.88
CA HIS B 59 32.39 -19.94 -7.85
C HIS B 59 31.04 -19.74 -7.16
N VAL B 60 30.25 -18.83 -7.72
CA VAL B 60 28.78 -18.77 -7.51
C VAL B 60 28.15 -18.65 -8.88
N GLN B 61 27.28 -19.57 -9.24
CA GLN B 61 26.53 -19.47 -10.50
C GLN B 61 25.34 -18.57 -10.18
N VAL B 62 25.34 -17.34 -10.68
CA VAL B 62 24.27 -16.36 -10.37
C VAL B 62 24.22 -15.36 -11.52
N ASP B 63 23.04 -14.87 -11.79
CA ASP B 63 22.76 -13.86 -12.86
C ASP B 63 22.87 -12.47 -12.21
N ILE B 64 23.80 -11.64 -12.68
CA ILE B 64 24.05 -10.30 -12.06
C ILE B 64 22.83 -9.39 -12.27
N THR B 65 21.88 -9.69 -13.15
CA THR B 65 20.66 -8.89 -13.35
C THR B 65 19.61 -9.20 -12.27
N ASP B 66 19.86 -10.19 -11.44
CA ASP B 66 18.97 -10.52 -10.28
C ASP B 66 19.60 -9.90 -9.02
N GLN B 67 19.17 -8.71 -8.65
CA GLN B 67 19.84 -7.92 -7.60
C GLN B 67 19.76 -8.66 -6.26
N GLU B 68 18.59 -9.24 -5.92
CA GLU B 68 18.42 -9.95 -4.62
C GLU B 68 19.38 -11.14 -4.53
N SER B 69 19.45 -11.99 -5.54
CA SER B 69 20.33 -13.19 -5.55
C SER B 69 21.79 -12.77 -5.55
N LEU B 70 22.13 -11.71 -6.29
CA LEU B 70 23.55 -11.26 -6.33
C LEU B 70 23.95 -10.73 -4.96
N THR B 71 23.08 -9.95 -4.32
CA THR B 71 23.35 -9.37 -2.98
C THR B 71 23.54 -10.52 -2.00
N SER B 72 22.66 -11.52 -2.05
CA SER B 72 22.77 -12.70 -1.16
C SER B 72 24.12 -13.41 -1.39
N ALA B 73 24.52 -13.60 -2.65
CA ALA B 73 25.83 -14.22 -2.99
C ALA B 73 26.98 -13.41 -2.39
N TYR B 74 27.00 -12.09 -2.59
CA TYR B 74 28.15 -11.28 -2.14
C TYR B 74 28.18 -11.25 -0.59
N ASP B 75 27.02 -11.15 0.04
CA ASP B 75 26.93 -11.16 1.53
C ASP B 75 27.53 -12.48 2.06
N GLY B 76 27.21 -13.61 1.41
CA GLY B 76 27.76 -14.94 1.76
C GLY B 76 29.27 -15.00 1.59
N ILE B 77 29.78 -14.47 0.48
CA ILE B 77 31.24 -14.41 0.21
C ILE B 77 31.94 -13.60 1.32
N ALA B 78 31.42 -12.43 1.64
CA ALA B 78 32.04 -11.52 2.63
C ALA B 78 32.00 -12.17 4.01
N ALA B 79 30.89 -12.82 4.37
CA ALA B 79 30.69 -13.47 5.68
C ALA B 79 31.70 -14.61 5.85
N GLU B 80 31.86 -15.45 4.84
CA GLU B 80 32.73 -16.65 4.95
C GLU B 80 34.20 -16.26 4.77
N SER B 81 34.53 -15.12 4.17
CA SER B 81 35.95 -14.69 3.94
C SER B 81 36.39 -13.67 5.00
N GLY B 82 35.44 -12.96 5.59
CA GLY B 82 35.63 -11.91 6.60
C GLY B 82 36.00 -10.57 5.98
N ARG B 83 36.05 -10.47 4.66
CA ARG B 83 36.42 -9.20 3.97
C ARG B 83 36.07 -9.30 2.48
N LEU B 84 36.10 -8.16 1.80
CA LEU B 84 35.98 -8.06 0.32
C LEU B 84 36.84 -6.87 -0.09
N ASP B 85 37.88 -7.12 -0.87
CA ASP B 85 38.90 -6.09 -1.22
C ASP B 85 38.68 -5.59 -2.65
N VAL B 86 38.36 -6.51 -3.57
CA VAL B 86 38.48 -6.26 -5.03
C VAL B 86 37.23 -6.74 -5.72
N LEU B 87 36.69 -5.92 -6.62
CA LEU B 87 35.58 -6.30 -7.52
C LEU B 87 36.01 -6.00 -8.94
N VAL B 88 35.89 -6.98 -9.81
CA VAL B 88 36.10 -6.80 -11.28
C VAL B 88 34.77 -7.10 -11.97
N ASN B 89 34.22 -6.12 -12.67
CA ASN B 89 32.93 -6.24 -13.39
C ASN B 89 33.24 -6.52 -14.86
N ALA B 90 33.50 -7.77 -15.21
CA ALA B 90 33.82 -8.17 -16.59
C ALA B 90 32.61 -8.77 -17.28
N ALA B 91 31.56 -9.19 -16.55
CA ALA B 91 30.40 -9.82 -17.21
C ALA B 91 29.76 -8.84 -18.19
N GLY B 92 29.45 -9.30 -19.39
CA GLY B 92 28.85 -8.43 -20.39
C GLY B 92 28.34 -9.24 -21.56
N VAL B 93 27.52 -8.59 -22.39
CA VAL B 93 27.14 -9.15 -23.71
C VAL B 93 27.47 -8.14 -24.81
N GLY B 94 27.78 -8.66 -25.99
CA GLY B 94 28.30 -7.92 -27.14
C GLY B 94 27.38 -7.92 -28.33
N ASP B 95 26.07 -8.04 -28.15
CA ASP B 95 25.14 -8.18 -29.31
C ASP B 95 25.10 -6.89 -30.15
N SER B 96 25.24 -7.04 -31.46
CA SER B 96 25.12 -5.97 -32.48
C SER B 96 23.76 -6.06 -33.17
N ARG B 97 23.26 -4.93 -33.63
CA ARG B 97 21.95 -4.83 -34.34
C ARG B 97 21.90 -3.43 -34.92
N MET B 98 21.53 -3.32 -36.18
CA MET B 98 21.34 -2.02 -36.85
C MET B 98 20.25 -1.26 -36.09
N PHE B 99 20.41 0.04 -35.95
CA PHE B 99 19.57 0.92 -35.09
C PHE B 99 18.07 0.70 -35.43
N LEU B 100 17.72 0.74 -36.70
CA LEU B 100 16.28 0.63 -37.10
C LEU B 100 15.75 -0.79 -36.86
N ASP B 101 16.62 -1.79 -36.71
CA ASP B 101 16.21 -3.19 -36.46
C ASP B 101 16.19 -3.52 -34.97
N VAL B 102 16.59 -2.60 -34.10
CA VAL B 102 16.60 -2.88 -32.65
C VAL B 102 15.15 -3.11 -32.17
N ASP B 103 14.94 -4.16 -31.39
CA ASP B 103 13.64 -4.41 -30.71
C ASP B 103 13.88 -4.31 -29.20
N ASP B 104 12.78 -4.27 -28.43
CA ASP B 104 12.85 -4.13 -26.95
C ASP B 104 13.71 -5.22 -26.35
N ALA B 105 13.63 -6.46 -26.85
CA ALA B 105 14.38 -7.61 -26.29
C ALA B 105 15.89 -7.34 -26.37
N HIS B 106 16.37 -6.88 -27.53
CA HIS B 106 17.80 -6.61 -27.75
C HIS B 106 18.27 -5.45 -26.85
N TYR B 107 17.50 -4.36 -26.84
CA TYR B 107 17.82 -3.16 -26.03
C TYR B 107 17.95 -3.59 -24.57
N LYS B 108 16.94 -4.31 -24.08
CA LYS B 108 16.88 -4.78 -22.67
C LYS B 108 18.03 -5.72 -22.38
N LYS B 109 18.34 -6.69 -23.26
CA LYS B 109 19.35 -7.73 -22.97
C LYS B 109 20.72 -7.04 -22.71
N VAL B 110 21.11 -6.18 -23.65
CA VAL B 110 22.45 -5.56 -23.64
C VAL B 110 22.56 -4.61 -22.43
N ILE B 111 21.58 -3.75 -22.24
CA ILE B 111 21.66 -2.70 -21.20
C ILE B 111 21.48 -3.34 -19.81
N ASP B 112 20.58 -4.31 -19.66
CA ASP B 112 20.36 -4.96 -18.33
C ASP B 112 21.67 -5.59 -17.86
N VAL B 113 22.34 -6.37 -18.72
CA VAL B 113 23.56 -7.07 -18.28
C VAL B 113 24.72 -6.07 -18.12
N ASN B 114 24.98 -5.27 -19.15
CA ASN B 114 26.21 -4.42 -19.21
C ASN B 114 26.09 -3.29 -18.18
N VAL B 115 24.91 -2.69 -18.02
CA VAL B 115 24.74 -1.52 -17.15
C VAL B 115 24.18 -1.95 -15.79
N ARG B 116 22.95 -2.43 -15.76
CA ARG B 116 22.31 -2.76 -14.45
C ARG B 116 23.09 -3.88 -13.72
N GLY B 117 23.68 -4.82 -14.46
CA GLY B 117 24.53 -5.88 -13.86
C GLY B 117 25.76 -5.30 -13.17
N THR B 118 26.45 -4.35 -13.81
CA THR B 118 27.59 -3.65 -13.15
C THR B 118 27.06 -2.86 -11.96
N TRP B 119 25.93 -2.18 -12.13
CA TRP B 119 25.31 -1.40 -11.02
C TRP B 119 25.09 -2.34 -9.81
N ASN B 120 24.37 -3.44 -10.03
CA ASN B 120 23.98 -4.40 -8.97
C ASN B 120 25.23 -4.94 -8.25
N SER B 121 26.27 -5.27 -9.02
CA SER B 121 27.54 -5.81 -8.50
C SER B 121 28.21 -4.76 -7.60
N CYS B 122 28.37 -3.54 -8.08
CA CYS B 122 28.98 -2.45 -7.28
C CYS B 122 28.15 -2.23 -6.00
N ARG B 123 26.83 -2.21 -6.13
CA ARG B 123 25.92 -1.87 -4.99
C ARG B 123 26.02 -2.93 -3.91
N ALA B 124 26.18 -4.20 -4.28
CA ALA B 124 26.31 -5.30 -3.31
C ALA B 124 27.71 -5.31 -2.68
N ALA B 125 28.74 -4.87 -3.38
CA ALA B 125 30.14 -4.95 -2.92
C ALA B 125 30.51 -3.77 -2.02
N VAL B 126 30.05 -2.55 -2.35
CA VAL B 126 30.56 -1.33 -1.72
C VAL B 126 30.37 -1.39 -0.19
N PRO B 127 29.22 -1.83 0.36
CA PRO B 127 29.08 -1.88 1.83
C PRO B 127 30.18 -2.71 2.51
N HIS B 128 30.57 -3.84 1.91
CA HIS B 128 31.64 -4.72 2.46
C HIS B 128 32.99 -4.02 2.34
N MET B 129 33.22 -3.27 1.27
CA MET B 129 34.50 -2.53 1.12
C MET B 129 34.56 -1.39 2.15
N LEU B 130 33.45 -0.74 2.45
CA LEU B 130 33.43 0.32 3.48
C LEU B 130 33.76 -0.27 4.86
N SER B 131 33.25 -1.44 5.21
CA SER B 131 33.61 -2.15 6.47
C SER B 131 35.11 -2.39 6.53
N ASN B 132 35.72 -2.73 5.39
CA ASN B 132 37.14 -3.09 5.19
C ASN B 132 38.00 -1.82 5.21
N LYS B 133 37.40 -0.61 5.09
CA LYS B 133 38.08 0.71 4.91
C LYS B 133 38.94 0.71 3.64
N HIS B 134 38.65 -0.13 2.64
CA HIS B 134 39.55 -0.34 1.48
C HIS B 134 38.75 -1.06 0.39
N GLY B 135 38.78 -0.57 -0.84
CA GLY B 135 38.20 -1.35 -1.94
C GLY B 135 38.84 -0.94 -3.26
N ARG B 136 38.85 -1.85 -4.22
CA ARG B 136 39.22 -1.55 -5.61
C ARG B 136 38.13 -2.13 -6.51
N ILE B 137 37.56 -1.29 -7.36
CA ILE B 137 36.55 -1.70 -8.38
C ILE B 137 37.14 -1.43 -9.74
N ILE B 138 37.17 -2.45 -10.59
CA ILE B 138 37.62 -2.35 -11.99
C ILE B 138 36.40 -2.69 -12.85
N ASN B 139 35.90 -1.71 -13.58
CA ASN B 139 34.76 -1.90 -14.51
C ASN B 139 35.29 -2.15 -15.91
N PHE B 140 34.60 -2.94 -16.71
CA PHE B 140 34.93 -3.14 -18.13
C PHE B 140 34.01 -2.28 -18.98
N GLY B 141 34.59 -1.25 -19.60
CA GLY B 141 33.91 -0.49 -20.65
C GLY B 141 34.29 -1.06 -21.99
N SER B 142 34.48 -0.18 -22.98
CA SER B 142 35.01 -0.54 -24.31
C SER B 142 35.53 0.76 -24.91
N ILE B 143 36.38 0.65 -25.92
CA ILE B 143 36.66 1.79 -26.83
C ILE B 143 35.37 2.18 -27.57
N SER B 144 34.47 1.19 -27.79
CA SER B 144 33.19 1.39 -28.53
CA SER B 144 33.19 1.39 -28.53
C SER B 144 32.21 2.18 -27.66
N GLY B 145 31.92 3.42 -28.09
CA GLY B 145 31.06 4.37 -27.35
C GLY B 145 31.87 5.58 -26.94
N PRO B 146 32.79 5.46 -25.97
CA PRO B 146 33.56 6.60 -25.52
C PRO B 146 34.60 7.12 -26.51
N ILE B 147 35.17 6.25 -27.34
CA ILE B 147 36.36 6.62 -28.19
C ILE B 147 35.99 6.50 -29.67
N VAL B 148 35.52 5.33 -30.09
CA VAL B 148 35.21 5.03 -31.51
C VAL B 148 33.85 4.34 -31.59
N ALA B 149 33.35 4.12 -32.79
CA ALA B 149 32.13 3.33 -32.99
C ALA B 149 32.01 2.96 -34.47
N ASP B 150 31.48 1.77 -34.70
CA ASP B 150 31.11 1.30 -36.06
C ASP B 150 29.59 1.27 -36.14
N PRO B 151 29.04 1.28 -37.38
CA PRO B 151 27.62 1.03 -37.58
C PRO B 151 27.20 -0.31 -36.94
N GLY B 152 26.00 -0.39 -36.36
CA GLY B 152 25.43 -1.66 -35.88
C GLY B 152 25.68 -1.89 -34.39
N TRP B 153 26.13 -0.87 -33.66
CA TRP B 153 26.56 -1.05 -32.24
C TRP B 153 25.92 0.01 -31.35
N THR B 154 24.75 0.56 -31.70
CA THR B 154 24.18 1.68 -30.93
C THR B 154 23.94 1.25 -29.48
N VAL B 155 23.33 0.09 -29.25
CA VAL B 155 22.94 -0.29 -27.87
C VAL B 155 24.21 -0.64 -27.08
N TYR B 156 25.13 -1.39 -27.66
CA TYR B 156 26.39 -1.73 -26.96
C TYR B 156 27.14 -0.44 -26.60
N ALA B 157 27.29 0.46 -27.57
CA ALA B 157 28.06 1.71 -27.37
C ALA B 157 27.39 2.56 -26.29
N LEU B 158 26.06 2.64 -26.31
CA LEU B 158 25.28 3.31 -25.24
C LEU B 158 25.65 2.67 -23.88
N SER B 159 25.67 1.33 -23.80
CA SER B 159 25.93 0.60 -22.53
C SER B 159 27.35 0.92 -22.03
N LYS B 160 28.32 1.04 -22.95
CA LYS B 160 29.73 1.25 -22.54
C LYS B 160 29.99 2.73 -22.23
N GLY B 161 29.26 3.63 -22.87
CA GLY B 161 29.26 5.04 -22.43
C GLY B 161 28.69 5.16 -21.02
N ALA B 162 27.62 4.42 -20.73
CA ALA B 162 27.04 4.39 -19.38
C ALA B 162 28.11 3.96 -18.35
N ILE B 163 28.85 2.89 -18.65
CA ILE B 163 29.93 2.40 -17.75
C ILE B 163 30.98 3.49 -17.55
N PHE B 164 31.36 4.19 -18.61
CA PHE B 164 32.36 5.28 -18.56
C PHE B 164 31.90 6.35 -17.55
N GLY B 165 30.67 6.82 -17.69
CA GLY B 165 30.11 7.87 -16.82
C GLY B 165 29.94 7.37 -15.38
N PHE B 166 29.39 6.17 -15.23
CA PHE B 166 29.14 5.56 -13.91
C PHE B 166 30.47 5.40 -13.17
N THR B 167 31.51 4.95 -13.88
CA THR B 167 32.86 4.74 -13.28
C THR B 167 33.36 6.05 -12.66
N LYS B 168 33.27 7.13 -13.40
CA LYS B 168 33.77 8.44 -12.92
C LYS B 168 32.96 8.89 -11.69
N ALA B 169 31.64 8.77 -11.74
CA ALA B 169 30.78 9.22 -10.62
C ALA B 169 31.03 8.36 -9.38
N LEU B 170 31.16 7.05 -9.51
CA LEU B 170 31.40 6.15 -8.35
C LEU B 170 32.78 6.46 -7.77
N ALA B 171 33.81 6.68 -8.60
CA ALA B 171 35.16 7.07 -8.15
C ALA B 171 35.07 8.35 -7.32
N SER B 172 34.31 9.32 -7.80
CA SER B 172 34.22 10.64 -7.13
C SER B 172 33.55 10.44 -5.76
N GLU B 173 32.49 9.64 -5.75
CA GLU B 173 31.66 9.48 -4.53
C GLU B 173 32.48 8.77 -3.44
N PHE B 174 33.32 7.77 -3.76
CA PHE B 174 33.96 6.93 -2.72
C PHE B 174 35.46 7.19 -2.56
N ALA B 175 36.05 8.17 -3.27
CA ALA B 175 37.49 8.48 -3.12
C ALA B 175 37.83 8.75 -1.63
N GLY B 176 37.02 9.53 -0.95
CA GLY B 176 37.17 9.89 0.48
C GLY B 176 37.16 8.68 1.40
N GLN B 177 36.60 7.54 0.97
CA GLN B 177 36.49 6.29 1.76
C GLN B 177 37.44 5.22 1.21
N ASN B 178 38.40 5.62 0.37
CA ASN B 178 39.51 4.74 -0.09
C ASN B 178 38.93 3.56 -0.89
N ILE B 179 37.85 3.79 -1.62
CA ILE B 179 37.46 2.83 -2.70
C ILE B 179 37.84 3.51 -4.02
N LEU B 180 38.80 2.91 -4.72
CA LEU B 180 39.26 3.40 -6.03
C LEU B 180 38.47 2.67 -7.11
N VAL B 181 38.03 3.43 -8.10
CA VAL B 181 37.15 2.90 -9.19
C VAL B 181 37.76 3.35 -10.51
N ASN B 182 38.05 2.40 -11.38
CA ASN B 182 38.59 2.69 -12.73
C ASN B 182 37.88 1.78 -13.72
N ALA B 183 37.96 2.11 -15.00
CA ALA B 183 37.47 1.26 -16.10
C ALA B 183 38.63 0.90 -17.01
N ILE B 184 38.59 -0.34 -17.50
CA ILE B 184 39.44 -0.78 -18.63
C ILE B 184 38.56 -0.64 -19.87
N LEU B 185 39.10 0.00 -20.91
CA LEU B 185 38.46 0.13 -22.21
C LEU B 185 39.30 -0.74 -23.14
N PRO B 186 38.95 -2.04 -23.28
CA PRO B 186 39.68 -2.89 -24.21
C PRO B 186 39.39 -2.50 -25.66
N GLY B 187 40.34 -2.79 -26.53
CA GLY B 187 40.17 -2.80 -27.97
C GLY B 187 39.69 -4.17 -28.42
N SER B 188 40.28 -4.68 -29.47
CA SER B 188 39.91 -5.99 -30.06
C SER B 188 40.63 -7.09 -29.31
N MET B 189 39.91 -7.86 -28.48
CA MET B 189 40.51 -8.87 -27.59
C MET B 189 40.03 -10.27 -28.03
N ASP B 190 40.89 -11.27 -27.95
CA ASP B 190 40.52 -12.66 -28.39
C ASP B 190 39.74 -13.39 -27.29
N THR B 191 38.43 -13.21 -27.30
CA THR B 191 37.50 -13.78 -26.32
C THR B 191 36.33 -14.42 -27.08
N PRO B 192 35.52 -15.25 -26.37
CA PRO B 192 34.25 -15.73 -26.93
C PRO B 192 33.36 -14.62 -27.52
N MET B 193 33.26 -13.47 -26.84
CA MET B 193 32.45 -12.34 -27.35
C MET B 193 32.98 -11.90 -28.75
N MET B 194 34.29 -11.75 -28.91
CA MET B 194 34.91 -11.32 -30.19
C MET B 194 34.74 -12.43 -31.23
N ARG B 195 34.93 -13.68 -30.85
CA ARG B 195 34.74 -14.85 -31.76
C ARG B 195 33.28 -14.88 -32.25
N ALA B 196 32.30 -14.56 -31.41
CA ALA B 196 30.87 -14.47 -31.80
C ALA B 196 30.67 -13.37 -32.85
N ALA B 197 31.27 -12.19 -32.64
CA ALA B 197 31.18 -11.05 -33.58
C ALA B 197 31.82 -11.44 -34.91
N ALA B 198 32.94 -12.17 -34.87
CA ALA B 198 33.64 -12.63 -36.08
C ALA B 198 32.75 -13.59 -36.88
N ALA B 199 32.10 -14.52 -36.20
CA ALA B 199 31.20 -15.54 -36.81
C ALA B 199 29.98 -14.82 -37.39
N ASP B 200 29.47 -13.80 -36.73
CA ASP B 200 28.34 -12.96 -37.24
C ASP B 200 28.78 -12.29 -38.54
N THR B 201 30.00 -11.79 -38.65
CA THR B 201 30.43 -11.02 -39.85
C THR B 201 30.72 -12.01 -40.99
N ASN B 202 31.21 -13.22 -40.72
CA ASN B 202 31.52 -14.21 -41.79
C ASN B 202 31.37 -15.62 -41.23
N PRO B 203 30.12 -16.16 -41.22
CA PRO B 203 29.86 -17.50 -40.68
C PRO B 203 30.68 -18.62 -41.34
N ALA B 204 30.99 -18.48 -42.64
CA ALA B 204 31.78 -19.45 -43.44
C ALA B 204 33.24 -19.46 -42.96
N ASP B 205 33.78 -18.35 -42.47
CA ASP B 205 35.24 -18.22 -42.15
C ASP B 205 35.44 -17.16 -41.07
N PRO B 206 35.07 -17.47 -39.81
CA PRO B 206 35.24 -16.51 -38.71
C PRO B 206 36.73 -16.18 -38.48
N GLN B 207 37.60 -17.17 -38.65
CA GLN B 207 39.05 -16.98 -38.41
C GLN B 207 39.60 -15.88 -39.33
N SER B 208 39.12 -15.77 -40.58
CA SER B 208 39.60 -14.74 -41.54
C SER B 208 39.27 -13.34 -41.01
N VAL B 209 38.15 -13.19 -40.32
CA VAL B 209 37.78 -11.87 -39.72
C VAL B 209 38.76 -11.57 -38.57
N ILE B 210 39.04 -12.53 -37.70
CA ILE B 210 40.03 -12.36 -36.60
C ILE B 210 41.38 -11.96 -37.21
N ASP B 211 41.81 -12.64 -38.28
CA ASP B 211 43.12 -12.36 -38.94
C ASP B 211 43.15 -10.92 -39.46
N GLU B 212 42.06 -10.45 -40.08
CA GLU B 212 41.97 -9.08 -40.63
C GLU B 212 42.04 -8.08 -39.48
N ILE B 213 41.36 -8.34 -38.37
CA ILE B 213 41.38 -7.40 -37.20
C ILE B 213 42.81 -7.32 -36.70
N ALA B 214 43.49 -8.45 -36.52
CA ALA B 214 44.87 -8.48 -35.98
C ALA B 214 45.78 -7.65 -36.88
N ALA B 215 45.60 -7.70 -38.20
CA ALA B 215 46.46 -6.96 -39.14
C ALA B 215 46.20 -5.44 -39.05
N ALA B 216 45.02 -5.01 -38.64
CA ALA B 216 44.64 -3.59 -38.52
C ALA B 216 45.14 -3.01 -37.18
N VAL B 217 45.64 -3.85 -36.27
CA VAL B 217 46.17 -3.39 -34.95
C VAL B 217 47.65 -3.10 -35.16
N PRO B 218 48.15 -1.88 -34.81
CA PRO B 218 49.57 -1.60 -35.00
C PRO B 218 50.50 -2.64 -34.35
N LEU B 219 50.10 -3.24 -33.21
CA LEU B 219 50.91 -4.30 -32.57
C LEU B 219 50.75 -5.64 -33.30
N LYS B 220 49.82 -5.74 -34.24
CA LYS B 220 49.66 -6.90 -35.16
C LYS B 220 49.09 -8.13 -34.44
N ARG B 221 48.38 -7.94 -33.34
CA ARG B 221 47.68 -9.06 -32.65
CA ARG B 221 47.67 -9.06 -32.65
C ARG B 221 46.45 -8.50 -31.92
N LEU B 222 45.51 -9.37 -31.63
CA LEU B 222 44.41 -9.07 -30.69
C LEU B 222 45.00 -9.05 -29.28
N GLY B 223 44.34 -8.35 -28.38
CA GLY B 223 44.70 -8.46 -26.96
C GLY B 223 44.26 -9.83 -26.42
N THR B 224 44.83 -10.22 -25.31
CA THR B 224 44.52 -11.52 -24.67
C THR B 224 43.83 -11.28 -23.34
N ILE B 225 43.27 -12.35 -22.82
CA ILE B 225 42.66 -12.33 -21.47
C ILE B 225 43.75 -12.06 -20.44
N ASP B 226 45.00 -12.46 -20.70
CA ASP B 226 46.15 -12.17 -19.83
C ASP B 226 46.45 -10.66 -19.83
N ASP B 227 46.42 -10.01 -20.98
CA ASP B 227 46.66 -8.54 -21.06
C ASP B 227 45.65 -7.82 -20.16
N ALA B 228 44.38 -8.19 -20.26
CA ALA B 228 43.32 -7.58 -19.47
C ALA B 228 43.52 -7.90 -17.99
N GLY B 229 43.81 -9.16 -17.66
CA GLY B 229 43.99 -9.56 -16.26
C GLY B 229 45.18 -8.83 -15.65
N ASN B 230 46.23 -8.63 -16.42
CA ASN B 230 47.45 -7.90 -15.97
C ASN B 230 47.12 -6.47 -15.55
N LEU B 231 46.30 -5.78 -16.36
CA LEU B 231 45.93 -4.37 -16.05
C LEU B 231 45.00 -4.36 -14.82
N ALA B 232 44.03 -5.29 -14.73
CA ALA B 232 43.11 -5.36 -13.57
C ALA B 232 43.93 -5.64 -12.31
N LEU B 233 44.91 -6.53 -12.39
CA LEU B 233 45.79 -6.85 -11.23
C LEU B 233 46.55 -5.59 -10.79
N PHE B 234 47.12 -4.85 -11.75
CA PHE B 234 47.83 -3.60 -11.44
C PHE B 234 46.87 -2.67 -10.69
N LEU B 235 45.68 -2.47 -11.22
CA LEU B 235 44.70 -1.49 -10.64
C LEU B 235 44.24 -1.94 -9.25
N ALA B 236 44.22 -3.25 -8.99
CA ALA B 236 43.77 -3.84 -7.71
C ALA B 236 44.86 -3.72 -6.64
N SER B 237 46.10 -3.46 -7.05
CA SER B 237 47.33 -3.61 -6.24
C SER B 237 47.73 -2.28 -5.58
N ASP B 238 48.68 -2.35 -4.65
CA ASP B 238 49.25 -1.14 -3.99
C ASP B 238 50.09 -0.33 -5.02
N LEU B 239 50.36 -0.84 -6.21
CA LEU B 239 51.06 -0.07 -7.27
C LEU B 239 50.15 1.02 -7.86
N ALA B 240 48.84 0.97 -7.62
CA ALA B 240 47.85 1.88 -8.25
C ALA B 240 47.05 2.63 -7.18
N SER B 241 47.60 2.85 -5.98
CA SER B 241 46.89 3.43 -4.81
C SER B 241 46.47 4.89 -5.01
N TYR B 242 47.01 5.59 -6.01
CA TYR B 242 46.66 7.01 -6.28
C TYR B 242 45.91 7.14 -7.60
N LEU B 243 45.54 6.02 -8.21
CA LEU B 243 44.92 6.03 -9.57
C LEU B 243 43.44 5.70 -9.40
N THR B 244 42.57 6.67 -9.62
CA THR B 244 41.12 6.48 -9.51
C THR B 244 40.39 7.41 -10.49
N GLY B 245 39.23 6.97 -10.95
CA GLY B 245 38.38 7.79 -11.84
C GLY B 245 38.80 7.76 -13.29
N GLN B 246 39.65 6.82 -13.68
CA GLN B 246 40.26 6.82 -15.01
C GLN B 246 39.71 5.66 -15.85
N ALA B 247 39.62 5.88 -17.14
CA ALA B 247 39.25 4.88 -18.15
C ALA B 247 40.47 4.63 -19.00
N ILE B 248 41.12 3.48 -18.84
CA ILE B 248 42.43 3.21 -19.47
C ILE B 248 42.21 2.35 -20.70
N VAL B 249 42.72 2.81 -21.82
CA VAL B 249 42.56 2.13 -23.14
C VAL B 249 43.67 1.08 -23.25
N LEU B 250 43.25 -0.16 -23.48
CA LEU B 250 44.14 -1.33 -23.62
C LEU B 250 43.90 -1.91 -25.01
N ASP B 251 44.64 -1.43 -26.02
CA ASP B 251 44.20 -1.67 -27.42
C ASP B 251 45.31 -1.85 -28.44
N GLY B 252 46.56 -1.95 -28.04
CA GLY B 252 47.68 -2.12 -28.98
C GLY B 252 47.73 -1.03 -30.04
N ALA B 253 47.28 0.20 -29.71
CA ALA B 253 47.20 1.39 -30.60
C ALA B 253 46.18 1.24 -31.74
N PHE B 254 45.19 0.37 -31.59
CA PHE B 254 44.07 0.22 -32.54
C PHE B 254 43.33 1.56 -32.73
N THR B 255 43.11 2.35 -31.68
CA THR B 255 42.36 3.64 -31.79
C THR B 255 43.30 4.79 -32.15
N LEU B 256 44.59 4.55 -32.17
CA LEU B 256 45.61 5.61 -32.40
C LEU B 256 45.85 5.80 -33.90
N ALA B 257 45.85 4.72 -34.66
CA ALA B 257 46.28 4.75 -36.08
C ALA B 257 45.38 5.75 -36.82
N GLU B 258 45.98 6.66 -37.60
CA GLU B 258 45.22 7.71 -38.28
C GLU B 258 44.61 7.14 -39.56
N TYR B 259 45.39 6.46 -40.40
CA TYR B 259 44.97 6.13 -41.79
C TYR B 259 45.46 4.74 -42.22
N HIS C 1 -45.94 -16.73 5.47
CA HIS C 1 -44.83 -16.66 6.51
C HIS C 1 -43.48 -16.41 5.80
N MET C 2 -42.80 -15.30 6.11
CA MET C 2 -41.50 -14.97 5.47
C MET C 2 -40.42 -15.87 6.09
N ILE C 3 -40.53 -16.18 7.39
CA ILE C 3 -39.62 -17.11 8.12
C ILE C 3 -40.42 -18.35 8.49
N ASN C 4 -39.93 -19.50 8.08
CA ASN C 4 -40.58 -20.78 8.40
C ASN C 4 -39.48 -21.77 8.77
N MET C 5 -39.35 -22.07 10.06
CA MET C 5 -38.31 -23.02 10.52
C MET C 5 -38.96 -24.37 10.85
N ARG C 6 -40.20 -24.63 10.37
CA ARG C 6 -40.88 -25.93 10.66
C ARG C 6 -40.03 -27.09 10.13
N ASN C 7 -39.90 -28.17 10.87
CA ASN C 7 -39.11 -29.37 10.51
C ASN C 7 -37.61 -29.12 10.72
N ARG C 8 -37.15 -27.93 11.12
CA ARG C 8 -35.71 -27.73 11.37
C ARG C 8 -35.38 -28.06 12.83
N VAL C 9 -34.20 -28.55 13.07
CA VAL C 9 -33.71 -28.91 14.43
C VAL C 9 -32.59 -27.97 14.81
N ALA C 10 -32.71 -27.33 15.98
CA ALA C 10 -31.73 -26.36 16.49
C ALA C 10 -31.23 -26.80 17.86
N ILE C 11 -29.93 -26.66 18.07
CA ILE C 11 -29.27 -26.78 19.40
C ILE C 11 -28.86 -25.38 19.81
N VAL C 12 -29.22 -24.97 21.02
CA VAL C 12 -28.84 -23.65 21.57
C VAL C 12 -28.11 -23.88 22.87
N THR C 13 -26.82 -23.59 22.91
CA THR C 13 -26.04 -23.59 24.16
C THR C 13 -26.38 -22.34 24.93
N GLY C 14 -26.34 -22.41 26.27
CA GLY C 14 -26.75 -21.30 27.12
C GLY C 14 -28.24 -21.08 27.10
N GLY C 15 -29.03 -22.10 26.72
CA GLY C 15 -30.48 -21.98 26.51
C GLY C 15 -31.28 -21.76 27.80
N ALA C 16 -30.71 -21.94 28.99
CA ALA C 16 -31.46 -21.85 30.27
C ALA C 16 -31.91 -20.41 30.53
N MET C 17 -31.13 -19.41 30.14
CA MET C 17 -31.41 -18.01 30.47
C MET C 17 -30.65 -17.08 29.50
N GLY C 18 -30.91 -15.81 29.63
CA GLY C 18 -30.21 -14.77 28.86
C GLY C 18 -30.43 -14.95 27.37
N MET C 19 -29.47 -14.52 26.57
CA MET C 19 -29.68 -14.47 25.11
C MET C 19 -29.84 -15.86 24.51
N GLY C 20 -29.20 -16.90 25.04
CA GLY C 20 -29.40 -18.26 24.54
C GLY C 20 -30.88 -18.63 24.68
N ASN C 21 -31.50 -18.29 25.82
CA ASN C 21 -32.93 -18.57 26.03
C ASN C 21 -33.76 -17.80 24.99
N GLY C 22 -33.42 -16.52 24.73
CA GLY C 22 -34.11 -15.74 23.69
C GLY C 22 -33.98 -16.40 22.33
N CYS C 23 -32.79 -16.86 21.97
CA CYS C 23 -32.55 -17.51 20.65
C CYS C 23 -33.40 -18.78 20.53
N ALA C 24 -33.40 -19.61 21.56
CA ALA C 24 -34.18 -20.87 21.54
C ALA C 24 -35.66 -20.54 21.39
N ARG C 25 -36.16 -19.54 22.12
CA ARG C 25 -37.58 -19.14 22.07
C ARG C 25 -37.94 -18.68 20.66
N LYS C 26 -37.13 -17.82 20.03
CA LYS C 26 -37.50 -17.28 18.70
C LYS C 26 -37.44 -18.40 17.66
N LEU C 27 -36.44 -19.28 17.72
CA LEU C 27 -36.33 -20.41 16.76
C LEU C 27 -37.57 -21.30 16.92
N ALA C 28 -37.99 -21.56 18.16
CA ALA C 28 -39.15 -22.42 18.48
C ALA C 28 -40.44 -21.75 18.01
N GLU C 29 -40.58 -20.45 18.20
CA GLU C 29 -41.78 -19.69 17.74
C GLU C 29 -41.89 -19.76 16.22
N ALA C 30 -40.76 -19.85 15.52
CA ALA C 30 -40.71 -19.95 14.05
C ALA C 30 -40.96 -21.38 13.59
N GLY C 31 -41.09 -22.35 14.52
CA GLY C 31 -41.50 -23.73 14.20
C GLY C 31 -40.41 -24.75 14.38
N ALA C 32 -39.19 -24.34 14.74
CA ALA C 32 -38.07 -25.28 14.93
C ALA C 32 -38.34 -26.20 16.13
N LYS C 33 -37.79 -27.40 16.06
CA LYS C 33 -37.58 -28.29 17.22
C LYS C 33 -36.28 -27.84 17.88
N VAL C 34 -36.37 -27.34 19.11
CA VAL C 34 -35.17 -26.73 19.76
C VAL C 34 -34.74 -27.58 20.96
N TYR C 35 -33.44 -27.75 21.10
CA TYR C 35 -32.79 -28.35 22.28
C TYR C 35 -32.00 -27.27 23.00
N LEU C 36 -32.34 -27.03 24.25
CA LEU C 36 -31.60 -26.17 25.19
C LEU C 36 -30.45 -26.97 25.79
N ILE C 37 -29.21 -26.56 25.51
CA ILE C 37 -27.98 -27.18 26.09
C ILE C 37 -27.49 -26.23 27.18
N ASP C 38 -27.34 -26.72 28.41
CA ASP C 38 -26.94 -25.81 29.51
C ASP C 38 -26.53 -26.64 30.73
N ARG C 39 -25.55 -26.17 31.48
CA ARG C 39 -25.12 -26.84 32.73
C ARG C 39 -26.10 -26.44 33.85
N SER C 40 -26.87 -25.36 33.70
CA SER C 40 -27.68 -24.80 34.82
C SER C 40 -28.85 -25.74 35.15
N ASN C 41 -29.18 -25.92 36.42
CA ASN C 41 -30.38 -26.72 36.82
C ASN C 41 -31.69 -26.04 36.33
N LEU C 42 -31.62 -24.75 35.97
CA LEU C 42 -32.76 -23.96 35.44
C LEU C 42 -33.15 -24.38 34.03
N VAL C 43 -32.35 -25.18 33.35
CA VAL C 43 -32.61 -25.55 31.95
C VAL C 43 -33.90 -26.38 31.85
N ALA C 44 -34.19 -27.26 32.82
CA ALA C 44 -35.41 -28.09 32.76
C ALA C 44 -36.65 -27.20 32.75
N ALA C 45 -36.72 -26.24 33.68
CA ALA C 45 -37.86 -25.29 33.79
C ALA C 45 -37.94 -24.43 32.51
N ALA C 46 -36.78 -24.05 31.95
CA ALA C 46 -36.77 -23.20 30.73
C ALA C 46 -37.43 -23.96 29.59
N ALA C 47 -37.11 -25.25 29.40
CA ALA C 47 -37.67 -26.04 28.30
C ALA C 47 -39.17 -26.27 28.57
N GLN C 48 -39.51 -26.56 29.84
CA GLN C 48 -40.91 -26.76 30.25
C GLN C 48 -41.74 -25.51 29.93
N ASP C 49 -41.26 -24.31 30.24
CA ASP C 49 -41.98 -23.03 30.00
C ASP C 49 -42.26 -22.87 28.52
N MET C 50 -41.32 -23.27 27.65
CA MET C 50 -41.54 -23.17 26.18
C MET C 50 -42.60 -24.19 25.74
N ARG C 51 -42.56 -25.42 26.26
CA ARG C 51 -43.58 -26.45 25.90
C ARG C 51 -44.97 -25.95 26.34
N GLU C 52 -45.06 -25.26 27.47
CA GLU C 52 -46.35 -24.70 27.97
C GLU C 52 -46.86 -23.60 27.05
N ALA C 53 -46.01 -22.93 26.28
CA ALA C 53 -46.41 -21.89 25.31
C ALA C 53 -46.65 -22.52 23.94
N GLY C 54 -46.68 -23.84 23.84
CA GLY C 54 -47.03 -24.60 22.62
C GLY C 54 -45.82 -24.85 21.73
N LEU C 55 -44.60 -24.67 22.24
CA LEU C 55 -43.36 -24.75 21.42
C LEU C 55 -42.71 -26.13 21.58
N ASN C 56 -42.03 -26.59 20.54
CA ASN C 56 -41.34 -27.90 20.53
C ASN C 56 -39.93 -27.72 21.15
N ALA C 57 -39.85 -27.72 22.48
CA ALA C 57 -38.59 -27.49 23.25
C ALA C 57 -38.24 -28.72 24.07
N ASN C 58 -36.93 -29.01 24.14
CA ASN C 58 -36.28 -30.16 24.79
C ASN C 58 -35.03 -29.60 25.48
N HIS C 59 -34.42 -30.33 26.41
CA HIS C 59 -33.15 -29.89 27.03
C HIS C 59 -32.21 -31.07 27.18
N VAL C 60 -30.92 -30.77 27.24
CA VAL C 60 -29.87 -31.67 27.75
C VAL C 60 -29.03 -30.86 28.72
N GLN C 61 -29.00 -31.31 29.96
CA GLN C 61 -28.19 -30.67 30.98
C GLN C 61 -26.79 -31.24 30.84
N VAL C 62 -25.85 -30.44 30.35
CA VAL C 62 -24.48 -30.90 30.04
C VAL C 62 -23.57 -29.66 30.02
N ASP C 63 -22.32 -29.87 30.38
CA ASP C 63 -21.26 -28.83 30.43
C ASP C 63 -20.52 -28.86 29.09
N ILE C 64 -20.53 -27.74 28.35
CA ILE C 64 -19.91 -27.72 26.99
C ILE C 64 -18.39 -27.91 27.09
N THR C 65 -17.77 -27.74 28.27
CA THR C 65 -16.31 -27.96 28.42
C THR C 65 -15.97 -29.46 28.54
N ASP C 66 -16.98 -30.31 28.63
CA ASP C 66 -16.78 -31.79 28.66
C ASP C 66 -17.03 -32.33 27.25
N GLN C 67 -15.98 -32.44 26.45
CA GLN C 67 -16.15 -32.66 24.99
C GLN C 67 -16.82 -34.02 24.77
N GLU C 68 -16.45 -35.06 25.54
CA GLU C 68 -17.01 -36.44 25.34
C GLU C 68 -18.53 -36.42 25.61
N SER C 69 -18.98 -35.84 26.73
CA SER C 69 -20.41 -35.77 27.10
C SER C 69 -21.15 -34.89 26.11
N LEU C 70 -20.55 -33.78 25.66
CA LEU C 70 -21.25 -32.88 24.70
C LEU C 70 -21.44 -33.62 23.38
N THR C 71 -20.41 -34.33 22.91
CA THR C 71 -20.47 -35.08 21.64
C THR C 71 -21.56 -36.16 21.76
N SER C 72 -21.60 -36.88 22.89
CA SER C 72 -22.65 -37.91 23.14
C SER C 72 -24.03 -37.25 23.05
N ALA C 73 -24.22 -36.10 23.69
CA ALA C 73 -25.50 -35.37 23.69
C ALA C 73 -25.89 -34.99 22.26
N TYR C 74 -24.99 -34.40 21.47
CA TYR C 74 -25.35 -33.94 20.12
C TYR C 74 -25.64 -35.16 19.20
N ASP C 75 -24.85 -36.22 19.33
CA ASP C 75 -25.06 -37.46 18.55
C ASP C 75 -26.48 -38.01 18.85
N GLY C 76 -26.87 -38.01 20.12
CA GLY C 76 -28.22 -38.46 20.55
C GLY C 76 -29.32 -37.58 19.98
N ILE C 77 -29.13 -36.25 20.01
CA ILE C 77 -30.12 -35.29 19.44
C ILE C 77 -30.28 -35.58 17.94
N ALA C 78 -29.18 -35.71 17.20
CA ALA C 78 -29.21 -35.91 15.73
C ALA C 78 -29.90 -37.26 15.41
N ALA C 79 -29.56 -38.29 16.17
CA ALA C 79 -30.11 -39.67 15.96
C ALA C 79 -31.63 -39.65 16.19
N GLU C 80 -32.11 -39.03 17.26
CA GLU C 80 -33.55 -39.08 17.61
C GLU C 80 -34.34 -38.08 16.74
N SER C 81 -33.71 -37.05 16.13
CA SER C 81 -34.43 -36.04 15.33
C SER C 81 -34.28 -36.33 13.83
N GLY C 82 -33.24 -37.08 13.47
CA GLY C 82 -32.90 -37.44 12.08
C GLY C 82 -32.16 -36.34 11.35
N ARG C 83 -31.86 -35.22 12.01
CA ARG C 83 -31.17 -34.08 11.35
C ARG C 83 -30.66 -33.09 12.41
N LEU C 84 -29.78 -32.19 12.01
CA LEU C 84 -29.34 -31.03 12.82
C LEU C 84 -29.10 -29.88 11.82
N ASP C 85 -29.87 -28.81 11.96
CA ASP C 85 -29.87 -27.68 11.00
C ASP C 85 -29.10 -26.49 11.56
N VAL C 86 -29.29 -26.19 12.84
CA VAL C 86 -28.92 -24.87 13.44
C VAL C 86 -28.21 -25.12 14.76
N LEU C 87 -27.11 -24.42 15.00
CA LEU C 87 -26.38 -24.39 16.28
C LEU C 87 -26.21 -22.92 16.66
N VAL C 88 -26.63 -22.58 17.88
CA VAL C 88 -26.35 -21.23 18.46
C VAL C 88 -25.48 -21.44 19.68
N ASN C 89 -24.30 -20.84 19.69
CA ASN C 89 -23.32 -20.93 20.80
C ASN C 89 -23.45 -19.70 21.66
N ALA C 90 -24.44 -19.67 22.56
CA ALA C 90 -24.66 -18.52 23.47
C ALA C 90 -24.05 -18.75 24.86
N ALA C 91 -23.72 -19.97 25.22
CA ALA C 91 -23.15 -20.24 26.57
C ALA C 91 -21.83 -19.48 26.72
N GLY C 92 -21.64 -18.81 27.83
CA GLY C 92 -20.42 -18.03 28.08
C GLY C 92 -20.40 -17.53 29.50
N VAL C 93 -19.24 -17.04 29.89
CA VAL C 93 -19.03 -16.39 31.20
C VAL C 93 -18.40 -15.02 30.97
N GLY C 94 -18.72 -14.08 31.84
CA GLY C 94 -18.40 -12.66 31.74
C GLY C 94 -17.46 -12.18 32.85
N ASP C 95 -16.59 -13.02 33.38
CA ASP C 95 -15.74 -12.62 34.53
C ASP C 95 -14.71 -11.53 34.13
N SER C 96 -14.62 -10.48 34.91
CA SER C 96 -13.66 -9.37 34.76
C SER C 96 -12.58 -9.51 35.84
N ARG C 97 -11.37 -9.11 35.53
CA ARG C 97 -10.21 -9.12 36.45
C ARG C 97 -9.15 -8.22 35.86
N MET C 98 -8.57 -7.34 36.65
CA MET C 98 -7.43 -6.50 36.20
C MET C 98 -6.31 -7.44 35.76
N PHE C 99 -5.60 -7.07 34.69
CA PHE C 99 -4.58 -7.92 34.05
C PHE C 99 -3.57 -8.47 35.08
N LEU C 100 -3.01 -7.59 35.92
CA LEU C 100 -1.95 -8.01 36.88
C LEU C 100 -2.56 -8.88 38.00
N ASP C 101 -3.86 -8.88 38.21
CA ASP C 101 -4.55 -9.72 39.22
C ASP C 101 -5.04 -11.03 38.64
N VAL C 102 -4.89 -11.26 37.33
CA VAL C 102 -5.35 -12.53 36.72
C VAL C 102 -4.54 -13.67 37.31
N ASP C 103 -5.22 -14.75 37.66
CA ASP C 103 -4.56 -16.02 38.05
C ASP C 103 -4.93 -17.10 37.04
N ASP C 104 -4.23 -18.24 37.07
CA ASP C 104 -4.46 -19.36 36.12
C ASP C 104 -5.92 -19.79 36.16
N ALA C 105 -6.55 -19.81 37.34
CA ALA C 105 -7.96 -20.28 37.47
C ALA C 105 -8.90 -19.38 36.63
N HIS C 106 -8.73 -18.07 36.72
CA HIS C 106 -9.59 -17.10 36.00
C HIS C 106 -9.36 -17.23 34.49
N TYR C 107 -8.10 -17.27 34.07
CA TYR C 107 -7.70 -17.39 32.66
C TYR C 107 -8.35 -18.63 32.09
N LYS C 108 -8.16 -19.76 32.78
CA LYS C 108 -8.68 -21.07 32.33
C LYS C 108 -10.21 -21.05 32.33
N LYS C 109 -10.88 -20.53 33.34
CA LYS C 109 -12.36 -20.58 33.42
C LYS C 109 -12.97 -19.87 32.20
N VAL C 110 -12.53 -18.64 31.94
CA VAL C 110 -13.15 -17.81 30.89
C VAL C 110 -12.81 -18.42 29.52
N ILE C 111 -11.57 -18.79 29.27
CA ILE C 111 -11.18 -19.33 27.94
C ILE C 111 -11.77 -20.73 27.72
N ASP C 112 -11.80 -21.58 28.74
CA ASP C 112 -12.38 -22.94 28.60
C ASP C 112 -13.84 -22.84 28.16
N VAL C 113 -14.65 -22.02 28.82
CA VAL C 113 -16.09 -21.94 28.49
C VAL C 113 -16.29 -21.19 27.15
N ASN C 114 -15.72 -20.00 27.04
CA ASN C 114 -16.03 -19.07 25.92
C ASN C 114 -15.42 -19.60 24.63
N VAL C 115 -14.19 -20.15 24.68
CA VAL C 115 -13.47 -20.59 23.46
C VAL C 115 -13.63 -22.10 23.30
N ARG C 116 -13.09 -22.89 24.23
CA ARG C 116 -13.08 -24.36 24.05
C ARG C 116 -14.52 -24.89 24.02
N GLY C 117 -15.45 -24.31 24.79
CA GLY C 117 -16.87 -24.69 24.76
C GLY C 117 -17.50 -24.46 23.39
N THR C 118 -17.25 -23.31 22.76
CA THR C 118 -17.74 -23.04 21.39
C THR C 118 -17.04 -24.01 20.43
N TRP C 119 -15.75 -24.23 20.59
CA TRP C 119 -14.99 -25.20 19.76
C TRP C 119 -15.68 -26.58 19.85
N ASN C 120 -15.85 -27.09 21.07
CA ASN C 120 -16.42 -28.45 21.31
C ASN C 120 -17.80 -28.55 20.66
N SER C 121 -18.64 -27.53 20.81
CA SER C 121 -20.01 -27.46 20.29
C SER C 121 -19.96 -27.53 18.75
N CYS C 122 -19.17 -26.68 18.11
CA CYS C 122 -19.04 -26.69 16.63
C CYS C 122 -18.50 -28.06 16.17
N ARG C 123 -17.53 -28.61 16.87
CA ARG C 123 -16.85 -29.86 16.44
C ARG C 123 -17.84 -31.04 16.52
N ALA C 124 -18.74 -31.05 17.49
CA ALA C 124 -19.76 -32.11 17.62
C ALA C 124 -20.88 -31.92 16.61
N ALA C 125 -21.20 -30.67 16.22
CA ALA C 125 -22.36 -30.37 15.34
C ALA C 125 -22.00 -30.51 13.86
N VAL C 126 -20.80 -30.09 13.46
CA VAL C 126 -20.44 -29.97 12.02
C VAL C 126 -20.64 -31.31 11.30
N PRO C 127 -20.23 -32.48 11.84
CA PRO C 127 -20.46 -33.76 11.15
C PRO C 127 -21.93 -33.98 10.77
N HIS C 128 -22.86 -33.64 11.68
CA HIS C 128 -24.32 -33.80 11.45
C HIS C 128 -24.80 -32.80 10.40
N MET C 129 -24.23 -31.58 10.39
CA MET C 129 -24.63 -30.59 9.37
C MET C 129 -24.11 -31.00 8.00
N LEU C 130 -22.94 -31.64 7.93
CA LEU C 130 -22.42 -32.17 6.64
C LEU C 130 -23.37 -33.28 6.11
N SER C 131 -23.84 -34.19 6.96
CA SER C 131 -24.84 -35.24 6.58
C SER C 131 -26.10 -34.57 6.07
N ASN C 132 -26.50 -33.45 6.70
CA ASN C 132 -27.74 -32.68 6.40
C ASN C 132 -27.55 -31.88 5.10
N LYS C 133 -26.31 -31.73 4.60
CA LYS C 133 -25.92 -30.92 3.41
C LYS C 133 -26.26 -29.43 3.64
N HIS C 134 -26.39 -28.99 4.88
CA HIS C 134 -27.01 -27.67 5.24
C HIS C 134 -26.72 -27.43 6.72
N GLY C 135 -26.22 -26.26 7.09
CA GLY C 135 -26.07 -25.95 8.52
C GLY C 135 -25.96 -24.46 8.73
N ARG C 136 -26.40 -23.97 9.88
CA ARG C 136 -26.25 -22.55 10.28
C ARG C 136 -25.65 -22.55 11.68
N ILE C 137 -24.53 -21.89 11.85
CA ILE C 137 -23.84 -21.75 13.16
C ILE C 137 -23.81 -20.26 13.47
N ILE C 138 -24.34 -19.90 14.63
CA ILE C 138 -24.35 -18.51 15.13
C ILE C 138 -23.55 -18.52 16.44
N ASN C 139 -22.38 -17.89 16.42
CA ASN C 139 -21.50 -17.78 17.61
C ASN C 139 -21.81 -16.45 18.29
N PHE C 140 -21.71 -16.41 19.61
CA PHE C 140 -21.82 -15.16 20.38
C PHE C 140 -20.40 -14.68 20.71
N GLY C 141 -20.05 -13.55 20.10
CA GLY C 141 -18.83 -12.82 20.46
C GLY C 141 -19.22 -11.74 21.43
N SER C 142 -18.62 -10.58 21.27
CA SER C 142 -18.96 -9.36 22.03
C SER C 142 -18.38 -8.20 21.24
N ILE C 143 -18.87 -6.99 21.49
CA ILE C 143 -18.14 -5.77 21.06
C ILE C 143 -16.79 -5.71 21.80
N SER C 144 -16.72 -6.28 23.01
CA SER C 144 -15.49 -6.29 23.85
CA SER C 144 -15.49 -6.29 23.85
C SER C 144 -14.43 -7.22 23.25
N GLY C 145 -13.34 -6.65 22.75
CA GLY C 145 -12.23 -7.36 22.10
C GLY C 145 -12.10 -6.93 20.65
N PRO C 146 -13.05 -7.29 19.78
CA PRO C 146 -12.97 -6.91 18.36
C PRO C 146 -13.24 -5.43 18.11
N ILE C 147 -14.04 -4.74 18.94
CA ILE C 147 -14.51 -3.36 18.58
C ILE C 147 -14.00 -2.38 19.64
N VAL C 148 -14.34 -2.62 20.91
CA VAL C 148 -14.00 -1.71 22.03
C VAL C 148 -13.45 -2.55 23.18
N ALA C 149 -12.95 -1.88 24.20
CA ALA C 149 -12.53 -2.56 25.45
C ALA C 149 -12.44 -1.51 26.55
N ASP C 150 -12.76 -1.94 27.76
CA ASP C 150 -12.51 -1.18 29.01
C ASP C 150 -11.43 -1.89 29.77
N PRO C 151 -10.80 -1.19 30.73
CA PRO C 151 -9.88 -1.83 31.67
C PRO C 151 -10.57 -2.98 32.41
N GLY C 152 -9.85 -4.07 32.68
CA GLY C 152 -10.36 -5.15 33.55
C GLY C 152 -11.03 -6.28 32.78
N TRP C 153 -10.82 -6.34 31.46
CA TRP C 153 -11.51 -7.32 30.60
C TRP C 153 -10.52 -8.04 29.68
N THR C 154 -9.24 -8.14 30.03
CA THR C 154 -8.24 -8.75 29.11
C THR C 154 -8.62 -10.18 28.77
N VAL C 155 -9.00 -11.02 29.74
CA VAL C 155 -9.26 -12.44 29.38
C VAL C 155 -10.56 -12.55 28.59
N TYR C 156 -11.61 -11.85 29.00
CA TYR C 156 -12.88 -11.89 28.28
C TYR C 156 -12.67 -11.41 26.83
N ALA C 157 -11.98 -10.30 26.66
CA ALA C 157 -11.78 -9.68 25.32
C ALA C 157 -10.92 -10.62 24.46
N LEU C 158 -9.90 -11.25 25.05
CA LEU C 158 -9.10 -12.30 24.37
C LEU C 158 -10.06 -13.42 23.90
N SER C 159 -10.97 -13.88 24.76
CA SER C 159 -11.89 -14.99 24.43
C SER C 159 -12.80 -14.57 23.28
N LYS C 160 -13.26 -13.33 23.24
CA LYS C 160 -14.25 -12.89 22.21
C LYS C 160 -13.51 -12.56 20.91
N GLY C 161 -12.26 -12.13 20.99
CA GLY C 161 -11.42 -12.01 19.79
C GLY C 161 -11.20 -13.40 19.19
N ALA C 162 -10.97 -14.40 20.02
CA ALA C 162 -10.81 -15.81 19.56
C ALA C 162 -12.07 -16.24 18.80
N ILE C 163 -13.26 -15.97 19.36
CA ILE C 163 -14.54 -16.31 18.69
C ILE C 163 -14.64 -15.60 17.34
N PHE C 164 -14.25 -14.34 17.28
CA PHE C 164 -14.28 -13.52 16.04
C PHE C 164 -13.47 -14.23 14.96
N GLY C 165 -12.22 -14.57 15.27
CA GLY C 165 -11.29 -15.21 14.32
C GLY C 165 -11.75 -16.60 13.95
N PHE C 166 -12.14 -17.39 14.97
CA PHE C 166 -12.63 -18.77 14.74
C PHE C 166 -13.85 -18.76 13.83
N THR C 167 -14.77 -17.84 14.03
CA THR C 167 -16.00 -17.70 13.22
C THR C 167 -15.63 -17.53 11.75
N LYS C 168 -14.71 -16.62 11.46
CA LYS C 168 -14.32 -16.33 10.05
C LYS C 168 -13.67 -17.58 9.45
N ALA C 169 -12.78 -18.24 10.17
CA ALA C 169 -12.07 -19.43 9.63
C ALA C 169 -13.06 -20.58 9.41
N LEU C 170 -14.00 -20.81 10.34
CA LEU C 170 -15.00 -21.90 10.19
C LEU C 170 -15.91 -21.59 9.01
N ALA C 171 -16.35 -20.34 8.84
CA ALA C 171 -17.16 -19.90 7.68
C ALA C 171 -16.39 -20.22 6.38
N SER C 172 -15.11 -19.89 6.35
CA SER C 172 -14.30 -20.06 5.11
C SER C 172 -14.20 -21.54 4.80
N GLU C 173 -13.95 -22.34 5.83
CA GLU C 173 -13.68 -23.79 5.65
C GLU C 173 -14.95 -24.49 5.14
N PHE C 174 -16.15 -24.14 5.62
CA PHE C 174 -17.37 -24.92 5.32
C PHE C 174 -18.34 -24.21 4.36
N ALA C 175 -17.97 -23.05 3.79
CA ALA C 175 -18.84 -22.35 2.82
C ALA C 175 -19.19 -23.29 1.66
N GLY C 176 -18.20 -24.02 1.15
CA GLY C 176 -18.40 -24.97 0.01
C GLY C 176 -19.34 -26.10 0.35
N GLN C 177 -19.60 -26.37 1.63
CA GLN C 177 -20.52 -27.44 2.11
C GLN C 177 -21.80 -26.84 2.68
N ASN C 178 -22.06 -25.57 2.44
CA ASN C 178 -23.36 -24.90 2.72
C ASN C 178 -23.58 -24.88 4.25
N ILE C 179 -22.52 -24.76 5.02
CA ILE C 179 -22.62 -24.41 6.45
C ILE C 179 -22.19 -22.94 6.58
N LEU C 180 -23.14 -22.10 6.93
CA LEU C 180 -22.93 -20.65 7.10
C LEU C 180 -22.64 -20.40 8.56
N VAL C 181 -21.61 -19.59 8.81
CA VAL C 181 -21.14 -19.35 10.19
C VAL C 181 -21.00 -17.83 10.33
N ASN C 182 -21.66 -17.27 11.34
CA ASN C 182 -21.61 -15.84 11.62
C ASN C 182 -21.51 -15.67 13.15
N ALA C 183 -21.13 -14.47 13.56
CA ALA C 183 -21.09 -14.11 15.00
C ALA C 183 -22.03 -12.93 15.23
N ILE C 184 -22.70 -12.96 16.38
CA ILE C 184 -23.41 -11.78 16.91
C ILE C 184 -22.46 -11.14 17.91
N LEU C 185 -22.25 -9.84 17.81
CA LEU C 185 -21.43 -9.05 18.76
C LEU C 185 -22.41 -8.17 19.49
N PRO C 186 -23.00 -8.65 20.62
CA PRO C 186 -23.91 -7.79 21.37
C PRO C 186 -23.17 -6.65 22.08
N GLY C 187 -23.91 -5.57 22.31
CA GLY C 187 -23.49 -4.49 23.22
C GLY C 187 -24.00 -4.81 24.64
N SER C 188 -24.60 -3.83 25.27
CA SER C 188 -25.12 -3.92 26.65
C SER C 188 -26.53 -4.52 26.60
N MET C 189 -26.68 -5.78 27.02
CA MET C 189 -27.94 -6.52 26.91
C MET C 189 -28.46 -6.86 28.33
N ASP C 190 -29.77 -6.83 28.50
CA ASP C 190 -30.41 -7.08 29.82
C ASP C 190 -30.56 -8.59 30.07
N THR C 191 -29.54 -9.18 30.65
CA THR C 191 -29.46 -10.64 30.91
C THR C 191 -29.03 -10.85 32.35
N PRO C 192 -29.13 -12.10 32.87
CA PRO C 192 -28.54 -12.42 34.17
C PRO C 192 -27.05 -12.06 34.27
N MET C 193 -26.24 -12.28 33.22
CA MET C 193 -24.81 -11.94 33.23
C MET C 193 -24.66 -10.42 33.49
N MET C 194 -25.43 -9.59 32.79
CA MET C 194 -25.35 -8.12 32.93
C MET C 194 -25.85 -7.71 34.32
N ARG C 195 -26.96 -8.27 34.78
CA ARG C 195 -27.54 -7.95 36.11
C ARG C 195 -26.52 -8.32 37.20
N ALA C 196 -25.80 -9.43 37.06
CA ALA C 196 -24.74 -9.87 38.01
C ALA C 196 -23.61 -8.84 38.03
N ALA C 197 -23.15 -8.39 36.85
CA ALA C 197 -22.08 -7.38 36.71
C ALA C 197 -22.55 -6.06 37.36
N ALA C 198 -23.82 -5.69 37.19
CA ALA C 198 -24.37 -4.44 37.76
C ALA C 198 -24.34 -4.54 39.30
N ALA C 199 -24.73 -5.68 39.85
CA ALA C 199 -24.76 -5.92 41.32
C ALA C 199 -23.32 -5.91 41.86
N ASP C 200 -22.36 -6.45 41.11
CA ASP C 200 -20.91 -6.40 41.46
C ASP C 200 -20.45 -4.95 41.54
N THR C 201 -20.88 -4.08 40.62
CA THR C 201 -20.41 -2.66 40.58
C THR C 201 -21.08 -1.87 41.72
N ASN C 202 -22.32 -2.16 42.08
CA ASN C 202 -23.07 -1.39 43.11
C ASN C 202 -24.12 -2.30 43.75
N PRO C 203 -23.70 -3.11 44.76
CA PRO C 203 -24.61 -4.05 45.43
C PRO C 203 -25.86 -3.39 46.04
N ALA C 204 -25.71 -2.16 46.54
CA ALA C 204 -26.79 -1.36 47.17
C ALA C 204 -27.84 -0.96 46.13
N ASP C 205 -27.45 -0.75 44.86
CA ASP C 205 -28.37 -0.18 43.83
C ASP C 205 -27.93 -0.63 42.45
N PRO C 206 -28.13 -1.92 42.10
CA PRO C 206 -27.75 -2.43 40.78
C PRO C 206 -28.53 -1.73 39.66
N GLN C 207 -29.80 -1.39 39.90
CA GLN C 207 -30.68 -0.77 38.89
C GLN C 207 -30.07 0.57 38.45
N SER C 208 -29.44 1.34 39.33
CA SER C 208 -28.83 2.65 38.98
C SER C 208 -27.69 2.43 37.98
N VAL C 209 -26.96 1.33 38.08
CA VAL C 209 -25.88 1.01 37.10
C VAL C 209 -26.53 0.68 35.75
N ILE C 210 -27.58 -0.13 35.73
CA ILE C 210 -28.34 -0.48 34.49
C ILE C 210 -28.84 0.82 33.86
N ASP C 211 -29.40 1.74 34.65
CA ASP C 211 -29.93 3.04 34.16
C ASP C 211 -28.82 3.88 33.52
N GLU C 212 -27.62 3.92 34.11
CA GLU C 212 -26.47 4.68 33.58
C GLU C 212 -26.05 4.03 32.24
N ILE C 213 -26.02 2.71 32.16
CA ILE C 213 -25.62 2.01 30.89
C ILE C 213 -26.65 2.38 29.82
N ALA C 214 -27.94 2.29 30.12
CA ALA C 214 -29.04 2.58 29.17
C ALA C 214 -28.91 4.00 28.65
N ALA C 215 -28.53 4.95 29.51
CA ALA C 215 -28.43 6.37 29.10
C ALA C 215 -27.23 6.57 28.16
N ALA C 216 -26.21 5.72 28.22
CA ALA C 216 -25.03 5.79 27.34
C ALA C 216 -25.32 5.18 25.96
N VAL C 217 -26.46 4.51 25.79
CA VAL C 217 -26.83 3.90 24.49
C VAL C 217 -27.66 4.93 23.72
N PRO C 218 -27.32 5.28 22.47
CA PRO C 218 -28.13 6.23 21.71
C PRO C 218 -29.62 5.86 21.61
N LEU C 219 -29.96 4.57 21.58
CA LEU C 219 -31.39 4.15 21.58
C LEU C 219 -31.98 4.24 23.00
N LYS C 220 -31.17 4.49 24.02
CA LYS C 220 -31.60 4.82 25.40
C LYS C 220 -32.17 3.60 26.12
N ARG C 221 -31.80 2.40 25.72
CA ARG C 221 -32.20 1.16 26.44
C ARG C 221 -31.11 0.10 26.22
N LEU C 222 -31.08 -0.89 27.10
CA LEU C 222 -30.27 -2.11 26.87
C LEU C 222 -30.98 -2.93 25.79
N GLY C 223 -30.22 -3.78 25.12
CA GLY C 223 -30.81 -4.78 24.24
C GLY C 223 -31.51 -5.85 25.07
N THR C 224 -32.38 -6.60 24.47
CA THR C 224 -33.14 -7.67 25.15
C THR C 224 -32.74 -9.02 24.62
N ILE C 225 -33.12 -10.07 25.34
CA ILE C 225 -32.92 -11.45 24.85
C ILE C 225 -33.72 -11.65 23.58
N ASP C 226 -34.85 -10.95 23.43
CA ASP C 226 -35.66 -11.00 22.19
C ASP C 226 -34.86 -10.40 21.02
N ASP C 227 -34.22 -9.24 21.21
CA ASP C 227 -33.42 -8.59 20.14
C ASP C 227 -32.35 -9.59 19.64
N ALA C 228 -31.66 -10.24 20.57
CA ALA C 228 -30.61 -11.21 20.24
C ALA C 228 -31.22 -12.42 19.52
N GLY C 229 -32.30 -12.99 20.06
CA GLY C 229 -32.94 -14.14 19.43
C GLY C 229 -33.47 -13.81 18.05
N ASN C 230 -33.95 -12.60 17.84
CA ASN C 230 -34.47 -12.15 16.52
C ASN C 230 -33.34 -12.16 15.47
N LEU C 231 -32.14 -11.72 15.84
CA LEU C 231 -31.00 -11.72 14.89
C LEU C 231 -30.54 -13.16 14.65
N ALA C 232 -30.48 -14.01 15.67
CA ALA C 232 -30.10 -15.44 15.53
C ALA C 232 -31.11 -16.13 14.62
N LEU C 233 -32.40 -15.86 14.80
CA LEU C 233 -33.45 -16.46 13.95
C LEU C 233 -33.23 -16.01 12.50
N PHE C 234 -32.96 -14.74 12.27
CA PHE C 234 -32.73 -14.22 10.89
C PHE C 234 -31.56 -15.02 10.29
N LEU C 235 -30.45 -15.14 11.01
CA LEU C 235 -29.22 -15.78 10.50
C LEU C 235 -29.45 -17.27 10.23
N ALA C 236 -30.36 -17.90 10.99
CA ALA C 236 -30.65 -19.34 10.87
C ALA C 236 -31.60 -19.61 9.68
N SER C 237 -32.23 -18.58 9.14
CA SER C 237 -33.42 -18.67 8.26
C SER C 237 -33.01 -18.58 6.78
N ASP C 238 -33.97 -18.86 5.88
CA ASP C 238 -33.78 -18.69 4.43
C ASP C 238 -33.58 -17.22 4.06
N LEU C 239 -33.89 -16.25 4.95
CA LEU C 239 -33.64 -14.82 4.67
C LEU C 239 -32.13 -14.49 4.67
N ALA C 240 -31.27 -15.38 5.16
CA ALA C 240 -29.82 -15.08 5.36
C ALA C 240 -28.95 -16.11 4.65
N SER C 241 -29.46 -16.75 3.59
CA SER C 241 -28.76 -17.89 2.92
C SER C 241 -27.49 -17.47 2.15
N TYR C 242 -27.22 -16.17 1.97
CA TYR C 242 -26.00 -15.67 1.29
C TYR C 242 -25.08 -14.97 2.29
N LEU C 243 -25.41 -14.99 3.58
CA LEU C 243 -24.67 -14.19 4.58
C LEU C 243 -23.85 -15.17 5.42
N THR C 244 -22.54 -15.13 5.29
CA THR C 244 -21.61 -15.98 6.02
C THR C 244 -20.29 -15.25 6.24
N GLY C 245 -19.62 -15.59 7.34
CA GLY C 245 -18.29 -15.08 7.69
C GLY C 245 -18.36 -13.70 8.32
N GLN C 246 -19.52 -13.26 8.78
CA GLN C 246 -19.67 -11.86 9.26
C GLN C 246 -19.88 -11.83 10.77
N ALA C 247 -19.46 -10.75 11.38
CA ALA C 247 -19.66 -10.46 12.83
C ALA C 247 -20.56 -9.23 12.86
N ILE C 248 -21.81 -9.41 13.27
CA ILE C 248 -22.83 -8.34 13.23
C ILE C 248 -22.97 -7.72 14.61
N VAL C 249 -22.83 -6.41 14.69
CA VAL C 249 -22.90 -5.65 15.97
C VAL C 249 -24.37 -5.34 16.24
N LEU C 250 -24.87 -5.80 17.39
CA LEU C 250 -26.24 -5.57 17.83
C LEU C 250 -26.18 -4.75 19.14
N ASP C 251 -26.19 -3.43 19.03
CA ASP C 251 -25.79 -2.59 20.17
C ASP C 251 -26.51 -1.24 20.28
N GLY C 252 -27.56 -0.99 19.53
CA GLY C 252 -28.31 0.28 19.63
C GLY C 252 -27.43 1.51 19.44
N ALA C 253 -26.35 1.40 18.65
CA ALA C 253 -25.34 2.44 18.35
C ALA C 253 -24.47 2.82 19.56
N PHE C 254 -24.36 1.94 20.55
CA PHE C 254 -23.45 2.10 21.71
C PHE C 254 -22.00 2.30 21.25
N THR C 255 -21.53 1.56 20.24
CA THR C 255 -20.11 1.69 19.76
C THR C 255 -19.97 2.77 18.69
N LEU C 256 -21.07 3.35 18.25
CA LEU C 256 -21.10 4.35 17.15
C LEU C 256 -20.84 5.75 17.69
N ALA C 257 -21.40 6.07 18.85
CA ALA C 257 -21.39 7.44 19.40
C ALA C 257 -19.94 7.92 19.51
N GLU C 258 -19.64 9.12 19.03
CA GLU C 258 -18.28 9.68 19.11
C GLU C 258 -18.01 10.21 20.52
N TYR C 259 -18.88 11.04 21.12
CA TYR C 259 -18.47 11.90 22.28
C TYR C 259 -19.63 12.12 23.26
N HIS D 1 -46.77 -15.34 12.89
CA HIS D 1 -45.92 -14.50 11.99
C HIS D 1 -44.78 -13.84 12.78
N MET D 2 -43.54 -14.14 12.43
CA MET D 2 -42.37 -13.51 13.10
C MET D 2 -42.18 -12.08 12.54
N ILE D 3 -42.47 -11.90 11.25
CA ILE D 3 -42.40 -10.60 10.52
C ILE D 3 -43.83 -10.22 10.15
N ASN D 4 -44.25 -9.03 10.53
CA ASN D 4 -45.56 -8.50 10.14
C ASN D 4 -45.34 -7.04 9.73
N MET D 5 -45.33 -6.75 8.43
CA MET D 5 -45.17 -5.33 8.00
C MET D 5 -46.54 -4.77 7.56
N ARG D 6 -47.65 -5.36 8.05
CA ARG D 6 -48.99 -5.09 7.45
C ARG D 6 -49.27 -3.61 7.55
N ASN D 7 -49.45 -2.95 6.41
CA ASN D 7 -49.87 -1.54 6.29
C ASN D 7 -48.80 -0.55 6.79
N ARG D 8 -47.58 -1.00 7.07
CA ARG D 8 -46.42 -0.07 7.10
C ARG D 8 -46.29 0.49 5.68
N VAL D 9 -45.77 1.69 5.53
CA VAL D 9 -45.57 2.32 4.20
C VAL D 9 -44.07 2.38 3.90
N ALA D 10 -43.67 1.86 2.75
CA ALA D 10 -42.26 1.80 2.33
C ALA D 10 -42.10 2.52 0.99
N ILE D 11 -41.01 3.25 0.85
CA ILE D 11 -40.51 3.80 -0.43
C ILE D 11 -39.23 3.06 -0.77
N VAL D 12 -39.14 2.53 -1.99
CA VAL D 12 -37.92 1.88 -2.48
C VAL D 12 -37.44 2.61 -3.74
N THR D 13 -36.27 3.25 -3.66
CA THR D 13 -35.67 3.88 -4.87
C THR D 13 -35.00 2.77 -5.66
N GLY D 14 -34.93 2.93 -6.99
CA GLY D 14 -34.43 1.86 -7.89
C GLY D 14 -35.38 0.67 -7.94
N GLY D 15 -36.66 0.88 -7.66
CA GLY D 15 -37.65 -0.20 -7.51
C GLY D 15 -38.01 -0.91 -8.81
N ALA D 16 -37.66 -0.35 -9.98
CA ALA D 16 -38.11 -0.93 -11.29
C ALA D 16 -37.42 -2.26 -11.56
N MET D 17 -36.18 -2.47 -11.12
CA MET D 17 -35.44 -3.71 -11.40
C MET D 17 -34.31 -3.89 -10.38
N GLY D 18 -33.59 -4.99 -10.48
CA GLY D 18 -32.39 -5.23 -9.66
C GLY D 18 -32.75 -5.30 -8.19
N MET D 19 -31.81 -4.93 -7.33
CA MET D 19 -32.00 -5.15 -5.86
C MET D 19 -33.16 -4.31 -5.32
N GLY D 20 -33.39 -3.12 -5.86
CA GLY D 20 -34.52 -2.30 -5.43
C GLY D 20 -35.83 -3.04 -5.65
N ASN D 21 -35.96 -3.67 -6.81
CA ASN D 21 -37.17 -4.47 -7.12
C ASN D 21 -37.30 -5.62 -6.12
N GLY D 22 -36.21 -6.31 -5.80
CA GLY D 22 -36.20 -7.40 -4.80
C GLY D 22 -36.67 -6.88 -3.44
N CYS D 23 -36.16 -5.71 -3.02
CA CYS D 23 -36.51 -5.14 -1.71
C CYS D 23 -38.01 -4.79 -1.69
N ALA D 24 -38.50 -4.15 -2.74
CA ALA D 24 -39.93 -3.74 -2.81
C ALA D 24 -40.80 -5.00 -2.74
N ARG D 25 -40.44 -6.05 -3.47
CA ARG D 25 -41.22 -7.31 -3.50
C ARG D 25 -41.26 -7.91 -2.09
N LYS D 26 -40.12 -8.00 -1.40
CA LYS D 26 -40.11 -8.66 -0.05
C LYS D 26 -40.93 -7.83 0.93
N LEU D 27 -40.82 -6.51 0.90
CA LEU D 27 -41.59 -5.64 1.82
C LEU D 27 -43.09 -5.83 1.54
N ALA D 28 -43.47 -5.88 0.26
CA ALA D 28 -44.89 -6.02 -0.16
C ALA D 28 -45.41 -7.41 0.23
N GLU D 29 -44.60 -8.46 0.07
CA GLU D 29 -44.99 -9.82 0.46
C GLU D 29 -45.24 -9.88 1.96
N ALA D 30 -44.54 -9.08 2.76
CA ALA D 30 -44.70 -9.01 4.22
C ALA D 30 -45.90 -8.13 4.61
N GLY D 31 -46.58 -7.51 3.64
CA GLY D 31 -47.85 -6.79 3.83
C GLY D 31 -47.71 -5.28 3.78
N ALA D 32 -46.51 -4.75 3.51
CA ALA D 32 -46.30 -3.29 3.42
C ALA D 32 -47.05 -2.72 2.21
N LYS D 33 -47.44 -1.47 2.31
CA LYS D 33 -47.84 -0.64 1.16
C LYS D 33 -46.55 -0.07 0.56
N VAL D 34 -46.19 -0.48 -0.64
CA VAL D 34 -44.82 -0.15 -1.18
C VAL D 34 -44.97 0.79 -2.37
N TYR D 35 -44.12 1.82 -2.41
CA TYR D 35 -43.99 2.73 -3.57
C TYR D 35 -42.62 2.47 -4.21
N LEU D 36 -42.65 2.08 -5.47
CA LEU D 36 -41.44 1.93 -6.32
C LEU D 36 -41.13 3.32 -6.88
N ILE D 37 -39.98 3.88 -6.52
CA ILE D 37 -39.46 5.17 -7.04
C ILE D 37 -38.38 4.82 -8.05
N ASP D 38 -38.49 5.36 -9.27
CA ASP D 38 -37.49 5.07 -10.31
C ASP D 38 -37.60 6.13 -11.40
N ARG D 39 -36.46 6.46 -12.02
CA ARG D 39 -36.42 7.33 -13.21
C ARG D 39 -36.91 6.54 -14.43
N SER D 40 -36.88 5.23 -14.42
CA SER D 40 -37.20 4.38 -15.58
C SER D 40 -38.70 4.42 -15.87
N ASN D 41 -39.10 4.48 -17.13
CA ASN D 41 -40.55 4.40 -17.48
C ASN D 41 -41.07 2.97 -17.26
N LEU D 42 -40.18 2.00 -17.02
CA LEU D 42 -40.55 0.59 -16.72
C LEU D 42 -41.11 0.43 -15.31
N VAL D 43 -41.05 1.47 -14.49
CA VAL D 43 -41.46 1.35 -13.07
C VAL D 43 -42.97 1.10 -12.99
N ALA D 44 -43.80 1.67 -13.87
CA ALA D 44 -45.27 1.46 -13.83
C ALA D 44 -45.55 -0.05 -14.00
N ALA D 45 -44.94 -0.70 -14.97
CA ALA D 45 -45.12 -2.14 -15.25
C ALA D 45 -44.62 -2.97 -14.07
N ALA D 46 -43.54 -2.55 -13.43
CA ALA D 46 -42.97 -3.28 -12.27
C ALA D 46 -44.03 -3.29 -11.15
N ALA D 47 -44.65 -2.15 -10.85
CA ALA D 47 -45.68 -2.04 -9.78
C ALA D 47 -46.92 -2.85 -10.18
N GLN D 48 -47.32 -2.77 -11.46
CA GLN D 48 -48.47 -3.54 -12.02
C GLN D 48 -48.23 -5.03 -11.79
N ASP D 49 -47.04 -5.56 -12.08
CA ASP D 49 -46.71 -7.00 -11.92
C ASP D 49 -46.88 -7.41 -10.46
N MET D 50 -46.52 -6.55 -9.51
CA MET D 50 -46.69 -6.88 -8.08
C MET D 50 -48.18 -6.88 -7.71
N ARG D 51 -48.96 -5.90 -8.20
CA ARG D 51 -50.42 -5.84 -7.93
C ARG D 51 -51.09 -7.11 -8.49
N GLU D 52 -50.63 -7.62 -9.62
CA GLU D 52 -51.17 -8.86 -10.23
C GLU D 52 -50.86 -10.07 -9.35
N ALA D 53 -49.82 -10.04 -8.52
CA ALA D 53 -49.51 -11.13 -7.57
C ALA D 53 -50.20 -10.89 -6.23
N GLY D 54 -51.10 -9.91 -6.14
CA GLY D 54 -51.92 -9.62 -4.95
C GLY D 54 -51.23 -8.68 -3.96
N LEU D 55 -50.16 -7.99 -4.36
CA LEU D 55 -49.38 -7.11 -3.44
C LEU D 55 -49.83 -5.65 -3.56
N ASN D 56 -49.69 -4.89 -2.46
CA ASN D 56 -50.07 -3.47 -2.41
C ASN D 56 -48.88 -2.62 -2.89
N ALA D 57 -48.72 -2.51 -4.22
CA ALA D 57 -47.59 -1.83 -4.90
C ALA D 57 -48.09 -0.65 -5.72
N ASN D 58 -47.33 0.44 -5.70
CA ASN D 58 -47.58 1.75 -6.33
C ASN D 58 -46.26 2.23 -6.94
N HIS D 59 -46.29 3.17 -7.87
CA HIS D 59 -45.04 3.72 -8.47
C HIS D 59 -45.10 5.24 -8.49
N VAL D 60 -43.92 5.86 -8.46
CA VAL D 60 -43.72 7.27 -8.87
C VAL D 60 -42.51 7.26 -9.79
N GLN D 61 -42.69 7.72 -11.01
CA GLN D 61 -41.54 7.94 -11.92
C GLN D 61 -40.97 9.31 -11.57
N VAL D 62 -39.79 9.34 -10.97
CA VAL D 62 -39.17 10.61 -10.53
C VAL D 62 -37.64 10.39 -10.46
N ASP D 63 -36.90 11.46 -10.66
CA ASP D 63 -35.41 11.45 -10.63
C ASP D 63 -34.95 11.85 -9.24
N ILE D 64 -34.28 10.95 -8.52
CA ILE D 64 -33.85 11.22 -7.11
C ILE D 64 -32.82 12.34 -7.07
N THR D 65 -32.16 12.71 -8.20
CA THR D 65 -31.15 13.79 -8.20
C THR D 65 -31.84 15.17 -8.28
N ASP D 66 -33.16 15.20 -8.48
CA ASP D 66 -33.95 16.46 -8.48
C ASP D 66 -34.59 16.61 -7.10
N GLN D 67 -33.96 17.37 -6.21
CA GLN D 67 -34.38 17.41 -4.79
C GLN D 67 -35.83 17.89 -4.68
N GLU D 68 -36.12 18.74 -5.49
CA GLU D 68 -37.43 19.43 -5.32
C GLU D 68 -38.57 18.58 -5.92
N SER D 69 -38.44 17.88 -6.90
CA SER D 69 -39.42 16.90 -7.44
C SER D 69 -39.50 15.69 -6.49
N LEU D 70 -38.36 15.24 -5.97
CA LEU D 70 -38.39 14.05 -5.09
C LEU D 70 -39.12 14.42 -3.79
N THR D 71 -38.86 15.58 -3.23
CA THR D 71 -39.53 16.06 -2.00
C THR D 71 -41.04 16.14 -2.25
N SER D 72 -41.46 16.69 -3.39
CA SER D 72 -42.90 16.76 -3.76
CA SER D 72 -42.91 16.76 -3.75
C SER D 72 -43.47 15.33 -3.82
N ALA D 73 -42.79 14.40 -4.46
CA ALA D 73 -43.23 13.00 -4.56
C ALA D 73 -43.40 12.37 -3.15
N TYR D 74 -42.41 12.52 -2.27
CA TYR D 74 -42.48 11.86 -0.95
C TYR D 74 -43.56 12.54 -0.08
N ASP D 75 -43.70 13.85 -0.15
CA ASP D 75 -44.77 14.59 0.56
C ASP D 75 -46.13 14.03 0.11
N GLY D 76 -46.32 13.81 -1.20
CA GLY D 76 -47.55 13.22 -1.76
C GLY D 76 -47.81 11.81 -1.25
N ILE D 77 -46.77 10.97 -1.22
CA ILE D 77 -46.89 9.58 -0.68
C ILE D 77 -47.33 9.63 0.78
N ALA D 78 -46.68 10.46 1.60
CA ALA D 78 -46.98 10.52 3.03
C ALA D 78 -48.40 11.06 3.26
N ALA D 79 -48.82 12.07 2.49
CA ALA D 79 -50.15 12.70 2.59
C ALA D 79 -51.22 11.65 2.27
N GLU D 80 -51.06 10.90 1.18
CA GLU D 80 -52.10 9.95 0.72
C GLU D 80 -52.07 8.66 1.57
N SER D 81 -50.98 8.34 2.27
CA SER D 81 -50.85 7.10 3.07
C SER D 81 -51.04 7.36 4.56
N GLY D 82 -50.85 8.61 4.99
CA GLY D 82 -50.92 9.05 6.39
C GLY D 82 -49.67 8.73 7.20
N ARG D 83 -48.66 8.12 6.60
CA ARG D 83 -47.44 7.72 7.35
C ARG D 83 -46.33 7.35 6.35
N LEU D 84 -45.09 7.28 6.81
CA LEU D 84 -43.96 6.72 6.03
C LEU D 84 -43.03 6.03 7.02
N ASP D 85 -42.87 4.74 6.89
CA ASP D 85 -42.17 3.90 7.90
C ASP D 85 -40.77 3.52 7.44
N VAL D 86 -40.62 3.20 6.16
CA VAL D 86 -39.43 2.49 5.62
C VAL D 86 -38.96 3.18 4.35
N LEU D 87 -37.67 3.43 4.26
CA LEU D 87 -37.02 3.92 3.02
C LEU D 87 -35.87 2.99 2.69
N VAL D 88 -35.85 2.47 1.47
CA VAL D 88 -34.73 1.69 0.94
C VAL D 88 -34.13 2.47 -0.24
N ASN D 89 -32.87 2.84 -0.13
CA ASN D 89 -32.15 3.63 -1.15
C ASN D 89 -31.34 2.66 -2.02
N ALA D 90 -31.99 2.03 -3.00
CA ALA D 90 -31.37 0.98 -3.83
C ALA D 90 -31.04 1.54 -5.23
N ALA D 91 -31.45 2.73 -5.58
CA ALA D 91 -31.08 3.33 -6.90
C ALA D 91 -29.56 3.50 -6.93
N GLY D 92 -28.90 3.10 -8.01
CA GLY D 92 -27.47 3.37 -8.13
C GLY D 92 -26.97 3.23 -9.54
N VAL D 93 -25.77 3.76 -9.80
CA VAL D 93 -25.07 3.49 -11.08
C VAL D 93 -23.69 2.93 -10.76
N GLY D 94 -23.27 1.99 -11.59
CA GLY D 94 -22.07 1.17 -11.38
C GLY D 94 -21.06 1.40 -12.50
N ASP D 95 -20.91 2.63 -12.97
CA ASP D 95 -19.95 2.96 -14.06
C ASP D 95 -18.53 2.83 -13.54
N SER D 96 -17.69 2.14 -14.31
CA SER D 96 -16.22 2.04 -14.10
C SER D 96 -15.48 2.97 -15.07
N ARG D 97 -14.35 3.52 -14.63
CA ARG D 97 -13.50 4.42 -15.44
C ARG D 97 -12.15 4.53 -14.74
N MET D 98 -11.07 4.32 -15.47
CA MET D 98 -9.71 4.47 -14.89
C MET D 98 -9.55 5.93 -14.45
N PHE D 99 -8.88 6.13 -13.32
CA PHE D 99 -8.78 7.43 -12.64
C PHE D 99 -8.36 8.55 -13.60
N LEU D 100 -7.30 8.34 -14.39
CA LEU D 100 -6.79 9.43 -15.28
C LEU D 100 -7.77 9.67 -16.44
N ASP D 101 -8.67 8.76 -16.73
CA ASP D 101 -9.67 8.90 -17.84
C ASP D 101 -11.00 9.46 -17.31
N VAL D 102 -11.13 9.67 -16.01
CA VAL D 102 -12.37 10.25 -15.47
C VAL D 102 -12.57 11.65 -16.04
N ASP D 103 -13.78 11.96 -16.50
CA ASP D 103 -14.14 13.34 -16.90
C ASP D 103 -15.25 13.81 -15.94
N ASP D 104 -15.53 15.12 -15.97
CA ASP D 104 -16.54 15.74 -15.06
C ASP D 104 -17.89 15.04 -15.24
N ALA D 105 -18.27 14.64 -16.46
CA ALA D 105 -19.60 14.01 -16.69
C ALA D 105 -19.72 12.71 -15.88
N HIS D 106 -18.80 11.84 -15.93
CA HIS D 106 -18.62 10.60 -15.12
C HIS D 106 -18.72 10.95 -13.62
N TYR D 107 -17.85 11.68 -13.21
CA TYR D 107 -17.74 12.01 -11.76
C TYR D 107 -19.11 12.45 -11.28
N LYS D 108 -19.71 13.42 -11.98
CA LYS D 108 -21.04 13.96 -11.66
C LYS D 108 -22.10 12.87 -11.73
N LYS D 109 -22.14 12.05 -12.77
CA LYS D 109 -23.23 11.06 -12.95
C LYS D 109 -23.26 10.10 -11.74
N VAL D 110 -22.11 9.52 -11.43
CA VAL D 110 -22.00 8.47 -10.38
C VAL D 110 -22.31 9.12 -9.02
N ILE D 111 -21.72 10.24 -8.71
CA ILE D 111 -21.87 10.86 -7.35
C ILE D 111 -23.26 11.47 -7.21
N ASP D 112 -23.83 12.07 -8.26
CA ASP D 112 -25.19 12.66 -8.16
C ASP D 112 -26.19 11.56 -7.80
N VAL D 113 -26.18 10.42 -8.50
CA VAL D 113 -27.17 9.35 -8.25
C VAL D 113 -26.86 8.66 -6.90
N ASN D 114 -25.61 8.21 -6.71
CA ASN D 114 -25.25 7.31 -5.61
C ASN D 114 -25.25 8.08 -4.29
N VAL D 115 -24.77 9.32 -4.29
CA VAL D 115 -24.61 10.11 -3.04
C VAL D 115 -25.76 11.09 -2.91
N ARG D 116 -25.86 12.06 -3.83
CA ARG D 116 -26.86 13.13 -3.68
C ARG D 116 -28.28 12.54 -3.75
N GLY D 117 -28.51 11.51 -4.54
CA GLY D 117 -29.79 10.80 -4.63
C GLY D 117 -30.19 10.18 -3.29
N THR D 118 -29.25 9.51 -2.61
CA THR D 118 -29.50 8.94 -1.27
C THR D 118 -29.72 10.09 -0.28
N TRP D 119 -28.92 11.16 -0.37
CA TRP D 119 -29.06 12.34 0.49
C TRP D 119 -30.52 12.88 0.35
N ASN D 120 -30.90 13.17 -0.89
CA ASN D 120 -32.22 13.81 -1.20
C ASN D 120 -33.35 12.92 -0.67
N SER D 121 -33.24 11.60 -0.87
CA SER D 121 -34.26 10.61 -0.47
C SER D 121 -34.38 10.64 1.07
N CYS D 122 -33.27 10.53 1.80
CA CYS D 122 -33.30 10.56 3.28
C CYS D 122 -33.90 11.90 3.76
N ARG D 123 -33.50 13.00 3.13
CA ARG D 123 -33.89 14.34 3.63
C ARG D 123 -35.41 14.53 3.44
N ALA D 124 -35.98 13.99 2.37
CA ALA D 124 -37.43 14.11 2.13
C ALA D 124 -38.22 13.13 3.02
N ALA D 125 -37.64 11.98 3.40
CA ALA D 125 -38.32 10.93 4.18
C ALA D 125 -38.34 11.25 5.67
N VAL D 126 -37.23 11.74 6.22
CA VAL D 126 -37.04 11.78 7.70
C VAL D 126 -38.17 12.58 8.36
N PRO D 127 -38.58 13.77 7.87
CA PRO D 127 -39.67 14.51 8.53
C PRO D 127 -40.96 13.68 8.69
N HIS D 128 -41.31 12.89 7.69
CA HIS D 128 -42.53 12.03 7.71
C HIS D 128 -42.33 10.86 8.69
N MET D 129 -41.12 10.34 8.81
CA MET D 129 -40.84 9.29 9.81
C MET D 129 -40.94 9.87 11.23
N LEU D 130 -40.47 11.09 11.42
CA LEU D 130 -40.53 11.74 12.75
C LEU D 130 -42.01 11.96 13.17
N SER D 131 -42.90 12.29 12.23
CA SER D 131 -44.35 12.48 12.52
C SER D 131 -44.93 11.26 13.24
N ASN D 132 -44.58 10.04 12.80
CA ASN D 132 -45.17 8.82 13.44
C ASN D 132 -44.15 8.16 14.33
N LYS D 133 -43.05 8.87 14.70
CA LYS D 133 -42.09 8.49 15.78
C LYS D 133 -41.41 7.14 15.46
N HIS D 134 -41.25 6.81 14.19
CA HIS D 134 -40.74 5.48 13.76
C HIS D 134 -40.18 5.62 12.35
N GLY D 135 -38.95 5.16 12.11
CA GLY D 135 -38.49 5.06 10.71
C GLY D 135 -37.39 4.04 10.60
N ARG D 136 -37.28 3.42 9.45
CA ARG D 136 -36.16 2.52 9.11
C ARG D 136 -35.63 2.98 7.75
N ILE D 137 -34.34 3.29 7.70
CA ILE D 137 -33.64 3.64 6.44
C ILE D 137 -32.59 2.58 6.17
N ILE D 138 -32.66 1.98 4.99
CA ILE D 138 -31.69 0.96 4.52
C ILE D 138 -31.02 1.58 3.29
N ASN D 139 -29.75 1.92 3.42
CA ASN D 139 -28.93 2.47 2.30
C ASN D 139 -28.21 1.32 1.62
N PHE D 140 -28.02 1.42 0.31
CA PHE D 140 -27.16 0.45 -0.42
C PHE D 140 -25.78 1.07 -0.63
N GLY D 141 -24.80 0.49 0.02
CA GLY D 141 -23.38 0.77 -0.22
C GLY D 141 -22.87 -0.25 -1.20
N SER D 142 -21.65 -0.71 -0.96
CA SER D 142 -20.99 -1.79 -1.71
C SER D 142 -19.83 -2.26 -0.87
N ILE D 143 -19.35 -3.47 -1.12
CA ILE D 143 -18.01 -3.88 -0.60
C ILE D 143 -16.93 -2.98 -1.24
N SER D 144 -17.18 -2.47 -2.45
CA SER D 144 -16.21 -1.63 -3.20
CA SER D 144 -16.20 -1.63 -3.20
C SER D 144 -16.11 -0.23 -2.59
N GLY D 145 -14.98 0.07 -1.97
CA GLY D 145 -14.73 1.33 -1.25
C GLY D 145 -14.49 1.07 0.23
N PRO D 146 -15.52 0.65 0.98
CA PRO D 146 -15.37 0.38 2.40
C PRO D 146 -14.52 -0.86 2.73
N ILE D 147 -14.54 -1.89 1.88
CA ILE D 147 -13.95 -3.21 2.24
C ILE D 147 -12.82 -3.56 1.27
N VAL D 148 -13.11 -3.56 -0.04
CA VAL D 148 -12.13 -3.97 -1.08
C VAL D 148 -12.22 -2.97 -2.23
N ALA D 149 -11.33 -3.08 -3.19
CA ALA D 149 -11.45 -2.32 -4.46
C ALA D 149 -10.56 -2.95 -5.52
N ASP D 150 -11.03 -2.84 -6.75
CA ASP D 150 -10.21 -3.17 -7.96
C ASP D 150 -9.85 -1.86 -8.65
N PRO D 151 -8.82 -1.88 -9.54
CA PRO D 151 -8.57 -0.76 -10.45
C PRO D 151 -9.80 -0.39 -11.27
N GLY D 152 -10.01 0.89 -11.52
CA GLY D 152 -11.08 1.35 -12.44
C GLY D 152 -12.34 1.74 -11.71
N TRP D 153 -12.31 1.88 -10.40
CA TRP D 153 -13.55 2.10 -9.61
C TRP D 153 -13.39 3.27 -8.63
N THR D 154 -12.52 4.24 -8.90
CA THR D 154 -12.28 5.34 -7.94
C THR D 154 -13.59 6.10 -7.65
N VAL D 155 -14.38 6.46 -8.66
CA VAL D 155 -15.56 7.31 -8.40
C VAL D 155 -16.63 6.46 -7.70
N TYR D 156 -16.86 5.25 -8.14
CA TYR D 156 -17.86 4.37 -7.51
C TYR D 156 -17.48 4.13 -6.04
N ALA D 157 -16.22 3.80 -5.80
CA ALA D 157 -15.75 3.49 -4.42
C ALA D 157 -15.85 4.73 -3.54
N LEU D 158 -15.52 5.91 -4.07
CA LEU D 158 -15.71 7.20 -3.37
C LEU D 158 -17.21 7.33 -3.00
N SER D 159 -18.10 7.08 -3.94
CA SER D 159 -19.57 7.22 -3.72
C SER D 159 -20.03 6.26 -2.61
N LYS D 160 -19.52 5.04 -2.58
CA LYS D 160 -20.00 4.02 -1.62
C LYS D 160 -19.33 4.22 -0.26
N GLY D 161 -18.13 4.79 -0.24
CA GLY D 161 -17.53 5.24 1.03
C GLY D 161 -18.37 6.34 1.62
N ALA D 162 -18.82 7.28 0.78
CA ALA D 162 -19.69 8.39 1.23
C ALA D 162 -20.96 7.79 1.88
N ILE D 163 -21.58 6.81 1.26
CA ILE D 163 -22.81 6.19 1.81
C ILE D 163 -22.50 5.53 3.16
N PHE D 164 -21.36 4.88 3.28
CA PHE D 164 -20.91 4.21 4.53
C PHE D 164 -20.87 5.26 5.65
N GLY D 165 -20.17 6.37 5.42
CA GLY D 165 -20.01 7.43 6.44
C GLY D 165 -21.32 8.12 6.73
N PHE D 166 -22.08 8.45 5.70
CA PHE D 166 -23.40 9.13 5.83
C PHE D 166 -24.33 8.25 6.67
N THR D 167 -24.34 6.95 6.43
CA THR D 167 -25.22 5.99 7.14
C THR D 167 -24.94 6.08 8.66
N LYS D 168 -23.66 6.05 9.04
CA LYS D 168 -23.29 6.06 10.47
C LYS D 168 -23.71 7.39 11.08
N ALA D 169 -23.46 8.51 10.41
CA ALA D 169 -23.81 9.83 10.98
C ALA D 169 -25.34 10.00 11.08
N LEU D 170 -26.09 9.58 10.09
CA LEU D 170 -27.58 9.69 10.13
C LEU D 170 -28.13 8.78 11.24
N ALA D 171 -27.59 7.56 11.41
CA ALA D 171 -27.98 6.66 12.51
C ALA D 171 -27.75 7.35 13.85
N SER D 172 -26.59 8.00 14.01
CA SER D 172 -26.20 8.61 15.29
C SER D 172 -27.18 9.76 15.56
N GLU D 173 -27.48 10.53 14.52
CA GLU D 173 -28.28 11.76 14.70
C GLU D 173 -29.72 11.39 15.11
N PHE D 174 -30.31 10.34 14.54
CA PHE D 174 -31.75 10.09 14.74
C PHE D 174 -32.02 8.85 15.63
N ALA D 175 -31.01 8.23 16.25
CA ALA D 175 -31.25 7.09 17.16
C ALA D 175 -32.26 7.47 18.26
N GLY D 176 -32.07 8.62 18.87
CA GLY D 176 -32.94 9.12 19.96
C GLY D 176 -34.37 9.37 19.50
N GLN D 177 -34.64 9.45 18.18
CA GLN D 177 -36.00 9.63 17.62
C GLN D 177 -36.50 8.37 16.94
N ASN D 178 -35.85 7.24 17.19
CA ASN D 178 -36.29 5.90 16.75
C ASN D 178 -36.33 5.84 15.22
N ILE D 179 -35.40 6.52 14.56
CA ILE D 179 -35.11 6.21 13.14
C ILE D 179 -33.79 5.42 13.12
N LEU D 180 -33.85 4.19 12.69
CA LEU D 180 -32.70 3.27 12.60
C LEU D 180 -32.19 3.34 11.16
N VAL D 181 -30.89 3.45 11.02
CA VAL D 181 -30.27 3.62 9.69
C VAL D 181 -29.14 2.59 9.59
N ASN D 182 -29.17 1.77 8.56
CA ASN D 182 -28.13 0.76 8.29
C ASN D 182 -27.81 0.78 6.80
N ALA D 183 -26.66 0.19 6.45
CA ALA D 183 -26.30 0.00 5.03
C ALA D 183 -26.14 -1.49 4.75
N ILE D 184 -26.53 -1.89 3.55
CA ILE D 184 -26.21 -3.22 3.00
C ILE D 184 -25.02 -2.99 2.07
N LEU D 185 -23.98 -3.81 2.23
CA LEU D 185 -22.79 -3.81 1.35
C LEU D 185 -22.83 -5.10 0.55
N PRO D 186 -23.49 -5.10 -0.63
CA PRO D 186 -23.54 -6.31 -1.44
C PRO D 186 -22.17 -6.63 -2.06
N GLY D 187 -21.94 -7.93 -2.27
CA GLY D 187 -20.81 -8.43 -3.09
C GLY D 187 -21.25 -8.52 -4.55
N SER D 188 -20.95 -9.65 -5.18
CA SER D 188 -21.30 -9.91 -6.59
C SER D 188 -22.74 -10.41 -6.67
N MET D 189 -23.65 -9.59 -7.18
CA MET D 189 -25.09 -9.90 -7.19
C MET D 189 -25.58 -10.03 -8.65
N ASP D 190 -26.54 -10.92 -8.87
CA ASP D 190 -27.11 -11.19 -10.23
C ASP D 190 -28.20 -10.17 -10.52
N THR D 191 -27.80 -9.05 -11.10
CA THR D 191 -28.71 -7.93 -11.43
C THR D 191 -28.54 -7.55 -12.90
N PRO D 192 -29.47 -6.75 -13.43
CA PRO D 192 -29.29 -6.19 -14.78
C PRO D 192 -27.93 -5.50 -14.96
N MET D 193 -27.49 -4.72 -13.96
CA MET D 193 -26.19 -4.02 -14.03
C MET D 193 -25.06 -5.04 -14.20
N MET D 194 -25.05 -6.13 -13.42
CA MET D 194 -23.99 -7.17 -13.50
C MET D 194 -24.07 -7.87 -14.86
N ARG D 195 -25.27 -8.24 -15.30
CA ARG D 195 -25.46 -8.92 -16.61
C ARG D 195 -24.93 -8.03 -17.75
N ALA D 196 -25.19 -6.73 -17.69
CA ALA D 196 -24.72 -5.74 -18.70
C ALA D 196 -23.19 -5.69 -18.70
N ALA D 197 -22.57 -5.64 -17.51
CA ALA D 197 -21.11 -5.61 -17.34
C ALA D 197 -20.52 -6.89 -17.89
N ALA D 198 -21.16 -8.04 -17.67
CA ALA D 198 -20.65 -9.35 -18.15
C ALA D 198 -20.64 -9.33 -19.70
N ALA D 199 -21.72 -8.86 -20.32
CA ALA D 199 -21.84 -8.78 -21.79
C ALA D 199 -20.76 -7.84 -22.36
N ASP D 200 -20.53 -6.71 -21.68
CA ASP D 200 -19.48 -5.73 -22.07
C ASP D 200 -18.11 -6.40 -22.02
N THR D 201 -17.81 -7.23 -21.01
CA THR D 201 -16.44 -7.75 -20.81
C THR D 201 -16.22 -8.90 -21.80
N ASN D 202 -17.25 -9.66 -22.17
CA ASN D 202 -17.07 -10.77 -23.12
C ASN D 202 -18.36 -10.98 -23.89
N PRO D 203 -18.60 -10.19 -24.96
CA PRO D 203 -19.81 -10.34 -25.78
C PRO D 203 -19.97 -11.74 -26.40
N ALA D 204 -18.86 -12.43 -26.71
CA ALA D 204 -18.77 -13.81 -27.22
C ALA D 204 -19.36 -14.82 -26.21
N ASP D 205 -19.27 -14.56 -24.89
CA ASP D 205 -19.75 -15.55 -23.87
C ASP D 205 -19.96 -14.83 -22.54
N PRO D 206 -21.05 -14.05 -22.37
CA PRO D 206 -21.31 -13.33 -21.12
C PRO D 206 -21.49 -14.29 -19.94
N GLN D 207 -22.13 -15.44 -20.17
CA GLN D 207 -22.41 -16.41 -19.08
C GLN D 207 -21.09 -16.91 -18.49
N SER D 208 -20.04 -17.08 -19.28
CA SER D 208 -18.72 -17.56 -18.77
C SER D 208 -18.13 -16.51 -17.81
N VAL D 209 -18.40 -15.23 -18.00
CA VAL D 209 -17.93 -14.17 -17.05
C VAL D 209 -18.71 -14.34 -15.73
N ILE D 210 -20.02 -14.50 -15.81
CA ILE D 210 -20.88 -14.74 -14.60
C ILE D 210 -20.35 -15.98 -13.89
N ASP D 211 -20.07 -17.07 -14.60
CA ASP D 211 -19.57 -18.34 -14.02
C ASP D 211 -18.23 -18.11 -13.32
N GLU D 212 -17.31 -17.34 -13.89
CA GLU D 212 -15.98 -17.04 -13.28
C GLU D 212 -16.21 -16.23 -11.99
N ILE D 213 -17.13 -15.28 -11.99
CA ILE D 213 -17.41 -14.46 -10.77
C ILE D 213 -17.95 -15.40 -9.68
N ALA D 214 -18.91 -16.25 -10.04
CA ALA D 214 -19.56 -17.20 -9.11
C ALA D 214 -18.50 -18.13 -8.51
N ALA D 215 -17.51 -18.56 -9.30
CA ALA D 215 -16.48 -19.51 -8.86
C ALA D 215 -15.54 -18.84 -7.88
N ALA D 216 -15.41 -17.51 -7.90
CA ALA D 216 -14.55 -16.77 -6.95
C ALA D 216 -15.27 -16.57 -5.60
N VAL D 217 -16.56 -16.86 -5.51
CA VAL D 217 -17.35 -16.74 -4.25
C VAL D 217 -17.29 -18.07 -3.53
N PRO D 218 -16.92 -18.13 -2.25
CA PRO D 218 -16.90 -19.41 -1.52
C PRO D 218 -18.24 -20.17 -1.56
N LEU D 219 -19.36 -19.47 -1.57
CA LEU D 219 -20.70 -20.13 -1.68
C LEU D 219 -20.97 -20.58 -3.12
N LYS D 220 -20.15 -20.16 -4.08
CA LYS D 220 -20.14 -20.67 -5.48
C LYS D 220 -21.34 -20.16 -6.26
N ARG D 221 -21.94 -19.04 -5.86
CA ARG D 221 -23.04 -18.42 -6.62
CA ARG D 221 -23.03 -18.41 -6.64
C ARG D 221 -22.99 -16.90 -6.44
N LEU D 222 -23.62 -16.17 -7.33
CA LEU D 222 -23.86 -14.73 -7.12
C LEU D 222 -24.99 -14.61 -6.09
N GLY D 223 -25.07 -13.48 -5.42
CA GLY D 223 -26.24 -13.15 -4.61
C GLY D 223 -27.40 -12.84 -5.53
N THR D 224 -28.62 -12.91 -5.02
CA THR D 224 -29.83 -12.61 -5.83
C THR D 224 -30.48 -11.35 -5.33
N ILE D 225 -31.40 -10.81 -6.12
CA ILE D 225 -32.20 -9.66 -5.67
C ILE D 225 -33.05 -10.09 -4.46
N ASP D 226 -33.42 -11.37 -4.37
CA ASP D 226 -34.15 -11.91 -3.20
C ASP D 226 -33.25 -11.86 -1.95
N ASP D 227 -31.98 -12.24 -2.04
CA ASP D 227 -31.06 -12.19 -0.89
C ASP D 227 -31.00 -10.74 -0.35
N ALA D 228 -30.86 -9.76 -1.26
CA ALA D 228 -30.79 -8.34 -0.90
C ALA D 228 -32.12 -7.92 -0.25
N GLY D 229 -33.26 -8.27 -0.88
CA GLY D 229 -34.58 -7.86 -0.36
C GLY D 229 -34.83 -8.47 1.01
N ASN D 230 -34.39 -9.71 1.21
CA ASN D 230 -34.54 -10.44 2.50
C ASN D 230 -33.82 -9.68 3.63
N LEU D 231 -32.61 -9.19 3.38
CA LEU D 231 -31.86 -8.45 4.42
C LEU D 231 -32.52 -7.08 4.66
N ALA D 232 -32.97 -6.38 3.61
CA ALA D 232 -33.67 -5.08 3.77
C ALA D 232 -34.95 -5.29 4.58
N LEU D 233 -35.69 -6.36 4.30
CA LEU D 233 -36.94 -6.68 5.02
C LEU D 233 -36.60 -6.91 6.51
N PHE D 234 -35.57 -7.68 6.79
CA PHE D 234 -35.12 -7.92 8.18
C PHE D 234 -34.88 -6.57 8.85
N LEU D 235 -34.09 -5.71 8.22
CA LEU D 235 -33.68 -4.40 8.83
C LEU D 235 -34.88 -3.46 9.02
N ALA D 236 -35.91 -3.60 8.18
CA ALA D 236 -37.12 -2.76 8.23
C ALA D 236 -38.08 -3.24 9.35
N SER D 237 -37.88 -4.45 9.84
CA SER D 237 -38.84 -5.22 10.67
C SER D 237 -38.59 -5.05 12.15
N ASP D 238 -39.54 -5.48 12.98
CA ASP D 238 -39.37 -5.52 14.46
C ASP D 238 -38.26 -6.50 14.88
N LEU D 239 -37.80 -7.38 13.98
CA LEU D 239 -36.67 -8.28 14.30
C LEU D 239 -35.33 -7.52 14.43
N ALA D 240 -35.25 -6.27 13.97
CA ALA D 240 -33.99 -5.49 13.91
C ALA D 240 -34.12 -4.18 14.68
N SER D 241 -35.01 -4.09 15.68
CA SER D 241 -35.33 -2.84 16.42
C SER D 241 -34.17 -2.32 17.26
N TYR D 242 -33.11 -3.07 17.51
CA TYR D 242 -31.94 -2.65 18.29
C TYR D 242 -30.69 -2.50 17.39
N LEU D 243 -30.84 -2.71 16.08
CA LEU D 243 -29.68 -2.76 15.16
C LEU D 243 -29.68 -1.44 14.37
N THR D 244 -28.71 -0.59 14.62
CA THR D 244 -28.57 0.69 13.89
C THR D 244 -27.10 1.08 13.77
N GLY D 245 -26.81 1.80 12.68
CA GLY D 245 -25.47 2.36 12.46
C GLY D 245 -24.52 1.35 11.86
N GLN D 246 -25.02 0.23 11.35
CA GLN D 246 -24.16 -0.87 10.91
C GLN D 246 -24.18 -0.97 9.38
N ALA D 247 -23.08 -1.46 8.84
CA ALA D 247 -22.93 -1.77 7.41
C ALA D 247 -22.75 -3.27 7.31
N ILE D 248 -23.75 -3.98 6.80
CA ILE D 248 -23.76 -5.45 6.79
C ILE D 248 -23.32 -5.95 5.41
N VAL D 249 -22.32 -6.82 5.40
CA VAL D 249 -21.75 -7.37 4.13
C VAL D 249 -22.56 -8.59 3.76
N LEU D 250 -23.13 -8.58 2.55
CA LEU D 250 -23.95 -9.67 2.01
C LEU D 250 -23.24 -10.18 0.75
N ASP D 251 -22.35 -11.16 0.90
CA ASP D 251 -21.37 -11.46 -0.18
C ASP D 251 -20.98 -12.93 -0.27
N GLY D 252 -21.63 -13.86 0.43
CA GLY D 252 -21.29 -15.30 0.34
C GLY D 252 -19.83 -15.58 0.65
N ALA D 253 -19.19 -14.76 1.50
CA ALA D 253 -17.77 -14.85 1.93
C ALA D 253 -16.77 -14.49 0.79
N PHE D 254 -17.21 -13.76 -0.22
CA PHE D 254 -16.34 -13.25 -1.31
C PHE D 254 -15.19 -12.39 -0.72
N THR D 255 -15.45 -11.56 0.30
CA THR D 255 -14.39 -10.69 0.86
C THR D 255 -13.64 -11.40 2.00
N LEU D 256 -14.08 -12.58 2.39
CA LEU D 256 -13.51 -13.33 3.53
C LEU D 256 -12.32 -14.17 3.07
N ALA D 257 -12.43 -14.78 1.88
CA ALA D 257 -11.43 -15.75 1.40
C ALA D 257 -10.05 -15.09 1.40
N GLU D 258 -9.03 -15.77 1.93
CA GLU D 258 -7.66 -15.26 1.92
C GLU D 258 -7.04 -15.41 0.52
N TYR D 259 -7.12 -16.59 -0.07
CA TYR D 259 -6.90 -16.88 -1.51
C TYR D 259 -8.24 -17.17 -2.19
N GLN D 260 -8.43 -16.63 -3.39
CA GLN D 260 -9.74 -16.58 -4.09
C GLN D 260 -10.13 -17.98 -4.56
N MET E 2 25.69 34.07 -41.21
CA MET E 2 25.07 33.33 -42.38
C MET E 2 24.43 32.03 -41.84
N ILE E 3 23.53 32.18 -40.86
CA ILE E 3 22.65 31.05 -40.39
C ILE E 3 21.22 31.35 -40.83
N ASN E 4 20.68 30.48 -41.66
CA ASN E 4 19.35 30.66 -42.25
C ASN E 4 18.67 29.30 -42.18
N MET E 5 17.72 29.16 -41.27
CA MET E 5 17.01 27.87 -41.07
C MET E 5 15.61 27.97 -41.70
N ARG E 6 15.36 28.96 -42.59
CA ARG E 6 14.02 29.13 -43.22
C ARG E 6 13.65 27.81 -43.93
N ASN E 7 12.40 27.36 -43.80
CA ASN E 7 11.88 26.14 -44.46
C ASN E 7 12.39 24.87 -43.79
N ARG E 8 13.17 24.96 -42.71
CA ARG E 8 13.59 23.73 -41.98
C ARG E 8 12.55 23.45 -40.90
N VAL E 9 12.36 22.16 -40.61
CA VAL E 9 11.46 21.74 -39.52
C VAL E 9 12.31 21.15 -38.40
N ALA E 10 12.13 21.63 -37.18
CA ALA E 10 12.85 21.12 -35.98
C ALA E 10 11.86 20.62 -34.92
N ILE E 11 12.24 19.53 -34.25
CA ILE E 11 11.57 19.02 -33.03
C ILE E 11 12.54 19.25 -31.87
N VAL E 12 12.07 19.86 -30.80
CA VAL E 12 12.89 20.04 -29.58
C VAL E 12 12.16 19.39 -28.40
N THR E 13 12.72 18.33 -27.85
CA THR E 13 12.18 17.69 -26.64
C THR E 13 12.62 18.54 -25.44
N GLY E 14 11.83 18.52 -24.37
CA GLY E 14 12.05 19.40 -23.19
C GLY E 14 11.80 20.85 -23.51
N GLY E 15 10.97 21.14 -24.53
CA GLY E 15 10.85 22.50 -25.08
C GLY E 15 10.07 23.46 -24.16
N ALA E 16 9.40 22.96 -23.09
CA ALA E 16 8.56 23.82 -22.23
C ALA E 16 9.41 24.83 -21.44
N MET E 17 10.61 24.46 -21.03
CA MET E 17 11.47 25.38 -20.23
C MET E 17 12.93 24.93 -20.31
N GLY E 18 13.81 25.67 -19.64
CA GLY E 18 15.24 25.35 -19.59
C GLY E 18 15.88 25.35 -20.96
N MET E 19 16.91 24.53 -21.13
CA MET E 19 17.72 24.58 -22.37
C MET E 19 16.90 24.17 -23.58
N GLY E 20 15.95 23.26 -23.45
CA GLY E 20 15.07 22.89 -24.58
C GLY E 20 14.35 24.11 -25.10
N ASN E 21 13.81 24.90 -24.17
CA ASN E 21 13.09 26.14 -24.56
C ASN E 21 14.07 27.10 -25.28
N GLY E 22 15.29 27.26 -24.77
CA GLY E 22 16.34 28.07 -25.42
C GLY E 22 16.64 27.59 -26.83
N CYS E 23 16.80 26.29 -27.02
CA CYS E 23 17.10 25.71 -28.35
C CYS E 23 15.94 25.99 -29.32
N ALA E 24 14.71 25.76 -28.87
CA ALA E 24 13.53 25.98 -29.74
C ALA E 24 13.48 27.45 -30.17
N ARG E 25 13.72 28.37 -29.23
CA ARG E 25 13.67 29.82 -29.48
C ARG E 25 14.74 30.17 -30.53
N LYS E 26 15.98 29.71 -30.38
CA LYS E 26 17.04 30.10 -31.32
C LYS E 26 16.77 29.53 -32.71
N LEU E 27 16.31 28.29 -32.81
CA LEU E 27 15.99 27.68 -34.13
C LEU E 27 14.86 28.49 -34.79
N ALA E 28 13.86 28.89 -34.00
CA ALA E 28 12.68 29.66 -34.50
C ALA E 28 13.13 31.06 -34.94
N GLU E 29 14.01 31.69 -34.17
CA GLU E 29 14.53 33.05 -34.52
C GLU E 29 15.30 32.97 -35.84
N ALA E 30 15.93 31.84 -36.14
CA ALA E 30 16.69 31.62 -37.38
C ALA E 30 15.76 31.26 -38.54
N GLY E 31 14.45 31.10 -38.30
CA GLY E 31 13.43 30.94 -39.35
C GLY E 31 12.88 29.54 -39.44
N ALA E 32 13.30 28.61 -38.57
CA ALA E 32 12.78 27.23 -38.59
C ALA E 32 11.29 27.23 -38.14
N LYS E 33 10.57 26.24 -38.62
CA LYS E 33 9.27 25.84 -38.01
C LYS E 33 9.61 24.87 -36.88
N VAL E 34 9.30 25.24 -35.65
CA VAL E 34 9.73 24.43 -34.47
C VAL E 34 8.52 23.81 -33.77
N TYR E 35 8.66 22.55 -33.37
CA TYR E 35 7.70 21.85 -32.49
C TYR E 35 8.35 21.64 -31.12
N LEU E 36 7.73 22.19 -30.08
CA LEU E 36 8.11 21.96 -28.66
C LEU E 36 7.45 20.65 -28.24
N ILE E 37 8.25 19.64 -27.91
CA ILE E 37 7.79 18.33 -27.40
C ILE E 37 8.04 18.34 -25.89
N ASP E 38 7.00 18.08 -25.10
CA ASP E 38 7.16 18.02 -23.62
C ASP E 38 5.97 17.24 -23.05
N ARG E 39 6.24 16.54 -21.95
CA ARG E 39 5.19 15.81 -21.18
C ARG E 39 4.36 16.84 -20.39
N SER E 40 4.92 18.00 -20.10
CA SER E 40 4.29 18.97 -19.18
C SER E 40 3.07 19.63 -19.85
N ASN E 41 1.99 19.84 -19.09
CA ASN E 41 0.84 20.68 -19.53
C ASN E 41 1.26 22.11 -19.85
N LEU E 42 2.42 22.57 -19.37
CA LEU E 42 2.96 23.94 -19.57
C LEU E 42 3.45 24.17 -21.00
N VAL E 43 3.58 23.12 -21.79
CA VAL E 43 4.20 23.26 -23.14
C VAL E 43 3.31 24.12 -24.05
N ALA E 44 1.98 24.03 -23.97
CA ALA E 44 1.09 24.83 -24.85
C ALA E 44 1.37 26.33 -24.61
N ALA E 45 1.45 26.78 -23.36
CA ALA E 45 1.72 28.20 -23.04
C ALA E 45 3.12 28.60 -23.53
N ALA E 46 4.09 27.69 -23.43
CA ALA E 46 5.46 27.98 -23.91
C ALA E 46 5.42 28.27 -25.41
N ALA E 47 4.71 27.47 -26.20
CA ALA E 47 4.65 27.63 -27.67
C ALA E 47 3.87 28.92 -27.97
N GLN E 48 2.79 29.17 -27.24
CA GLN E 48 1.99 30.43 -27.37
C GLN E 48 2.90 31.64 -27.18
N ASP E 49 3.73 31.66 -26.13
CA ASP E 49 4.64 32.81 -25.82
C ASP E 49 5.59 33.04 -27.00
N MET E 50 6.06 31.99 -27.65
CA MET E 50 6.95 32.13 -28.83
C MET E 50 6.17 32.71 -30.02
N ARG E 51 4.94 32.23 -30.27
CA ARG E 51 4.10 32.75 -31.38
C ARG E 51 3.85 34.25 -31.15
N GLU E 52 3.67 34.68 -29.89
CA GLU E 52 3.45 36.11 -29.55
C GLU E 52 4.70 36.94 -29.87
N ALA E 53 5.90 36.35 -29.89
CA ALA E 53 7.14 37.06 -30.27
C ALA E 53 7.41 36.93 -31.77
N GLY E 54 6.46 36.43 -32.54
CA GLY E 54 6.55 36.36 -34.01
C GLY E 54 7.19 35.07 -34.52
N LEU E 55 7.35 34.05 -33.67
CA LEU E 55 8.07 32.79 -34.03
C LEU E 55 7.08 31.72 -34.48
N ASN E 56 7.48 30.88 -35.45
CA ASN E 56 6.69 29.74 -35.95
C ASN E 56 6.93 28.54 -35.00
N ALA E 57 6.21 28.54 -33.88
CA ALA E 57 6.28 27.54 -32.80
C ALA E 57 4.93 26.83 -32.70
N ASN E 58 5.03 25.51 -32.49
CA ASN E 58 3.94 24.53 -32.35
C ASN E 58 4.29 23.69 -31.11
N HIS E 59 3.35 22.99 -30.54
CA HIS E 59 3.63 22.06 -29.41
C HIS E 59 2.95 20.73 -29.67
N VAL E 60 3.55 19.69 -29.11
CA VAL E 60 2.90 18.38 -28.94
C VAL E 60 3.17 17.97 -27.50
N GLN E 61 2.09 17.79 -26.75
CA GLN E 61 2.24 17.26 -25.38
C GLN E 61 2.29 15.75 -25.53
N VAL E 62 3.45 15.16 -25.25
CA VAL E 62 3.66 13.71 -25.44
C VAL E 62 4.80 13.28 -24.53
N ASP E 63 4.75 12.01 -24.12
CA ASP E 63 5.75 11.43 -23.19
C ASP E 63 6.80 10.72 -24.04
N ILE E 64 8.05 11.18 -24.00
CA ILE E 64 9.13 10.60 -24.83
C ILE E 64 9.42 9.17 -24.38
N THR E 65 9.03 8.75 -23.18
CA THR E 65 9.29 7.38 -22.70
C THR E 65 8.24 6.40 -23.27
N ASP E 66 7.23 6.90 -23.95
CA ASP E 66 6.16 6.05 -24.57
C ASP E 66 6.47 5.96 -26.07
N GLN E 67 7.14 4.91 -26.49
CA GLN E 67 7.67 4.84 -27.87
C GLN E 67 6.55 4.94 -28.92
N GLU E 68 5.44 4.26 -28.72
CA GLU E 68 4.32 4.24 -29.70
C GLU E 68 3.70 5.63 -29.82
N SER E 69 3.43 6.33 -28.72
CA SER E 69 2.82 7.67 -28.73
C SER E 69 3.81 8.66 -29.37
N LEU E 70 5.10 8.52 -29.05
CA LEU E 70 6.09 9.47 -29.60
C LEU E 70 6.22 9.26 -31.09
N THR E 71 6.25 8.02 -31.54
CA THR E 71 6.34 7.68 -32.99
C THR E 71 5.12 8.27 -33.69
N SER E 72 3.93 8.11 -33.13
CA SER E 72 2.68 8.67 -33.73
C SER E 72 2.82 10.21 -33.83
N ALA E 73 3.30 10.87 -32.76
CA ALA E 73 3.49 12.34 -32.77
C ALA E 73 4.48 12.75 -33.86
N TYR E 74 5.64 12.10 -33.97
CA TYR E 74 6.65 12.54 -34.95
C TYR E 74 6.16 12.24 -36.39
N ASP E 75 5.48 11.11 -36.60
CA ASP E 75 4.87 10.79 -37.91
C ASP E 75 3.89 11.92 -38.30
N GLY E 76 3.09 12.40 -37.36
CA GLY E 76 2.14 13.51 -37.55
C GLY E 76 2.83 14.80 -37.90
N ILE E 77 3.91 15.14 -37.19
CA ILE E 77 4.71 16.36 -37.47
C ILE E 77 5.27 16.28 -38.90
N ALA E 78 5.86 15.16 -39.28
CA ALA E 78 6.51 14.99 -40.60
C ALA E 78 5.43 15.06 -41.69
N ALA E 79 4.28 14.43 -41.48
CA ALA E 79 3.16 14.38 -42.46
C ALA E 79 2.63 15.79 -42.70
N GLU E 80 2.41 16.56 -41.65
CA GLU E 80 1.79 17.91 -41.78
C GLU E 80 2.83 18.93 -42.26
N SER E 81 4.14 18.70 -42.08
CA SER E 81 5.21 19.66 -42.46
C SER E 81 5.85 19.26 -43.79
N GLY E 82 5.77 17.99 -44.17
CA GLY E 82 6.36 17.41 -45.38
C GLY E 82 7.83 17.07 -45.22
N ARG E 83 8.41 17.29 -44.04
CA ARG E 83 9.86 17.05 -43.82
C ARG E 83 10.18 17.13 -42.31
N LEU E 84 11.34 16.64 -41.94
CA LEU E 84 11.90 16.74 -40.58
C LEU E 84 13.42 16.85 -40.74
N ASP E 85 13.96 18.00 -40.35
CA ASP E 85 15.38 18.33 -40.63
C ASP E 85 16.22 18.17 -39.34
N VAL E 86 15.66 18.57 -38.20
CA VAL E 86 16.45 18.81 -36.96
C VAL E 86 15.72 18.17 -35.79
N LEU E 87 16.47 17.46 -34.95
CA LEU E 87 15.97 16.99 -33.64
C LEU E 87 16.96 17.45 -32.57
N VAL E 88 16.44 18.11 -31.55
CA VAL E 88 17.21 18.46 -30.33
C VAL E 88 16.60 17.69 -29.16
N ASN E 89 17.41 16.83 -28.54
CA ASN E 89 16.98 16.00 -27.38
C ASN E 89 17.40 16.70 -26.10
N ALA E 90 16.61 17.66 -25.64
CA ALA E 90 16.96 18.50 -24.48
C ALA E 90 16.13 18.07 -23.27
N ALA E 91 15.18 17.15 -23.39
CA ALA E 91 14.41 16.65 -22.23
C ALA E 91 15.39 15.97 -21.28
N GLY E 92 15.29 16.24 -20.00
CA GLY E 92 16.07 15.43 -19.03
C GLY E 92 15.62 15.65 -17.63
N VAL E 93 16.08 14.79 -16.76
CA VAL E 93 15.89 14.94 -15.29
C VAL E 93 17.27 14.87 -14.65
N GLY E 94 17.42 15.66 -13.61
CA GLY E 94 18.67 16.00 -12.93
C GLY E 94 18.64 15.56 -11.49
N ASP E 95 17.93 14.49 -11.17
CA ASP E 95 17.81 13.96 -9.79
C ASP E 95 19.18 13.46 -9.29
N SER E 96 19.56 13.91 -8.10
CA SER E 96 20.76 13.51 -7.35
C SER E 96 20.30 12.56 -6.23
N ARG E 97 21.15 11.61 -5.88
CA ARG E 97 20.88 10.62 -4.81
C ARG E 97 22.19 9.91 -4.53
N MET E 98 22.56 9.81 -3.26
CA MET E 98 23.80 9.09 -2.88
C MET E 98 23.63 7.62 -3.33
N PHE E 99 24.72 7.03 -3.81
CA PHE E 99 24.72 5.69 -4.41
C PHE E 99 23.96 4.66 -3.54
N LEU E 100 24.28 4.58 -2.26
CA LEU E 100 23.70 3.55 -1.36
C LEU E 100 22.23 3.86 -1.08
N ASP E 101 21.76 5.07 -1.33
CA ASP E 101 20.35 5.49 -1.11
C ASP E 101 19.54 5.40 -2.40
N VAL E 102 20.15 5.03 -3.51
CA VAL E 102 19.40 4.85 -4.77
C VAL E 102 18.41 3.70 -4.58
N ASP E 103 17.19 3.90 -5.05
CA ASP E 103 16.20 2.79 -5.14
C ASP E 103 15.89 2.53 -6.62
N ASP E 104 15.25 1.42 -6.90
CA ASP E 104 14.90 1.00 -8.29
C ASP E 104 14.13 2.13 -8.99
N ALA E 105 13.22 2.82 -8.30
CA ALA E 105 12.40 3.90 -8.91
C ALA E 105 13.31 5.02 -9.44
N HIS E 106 14.28 5.46 -8.66
CA HIS E 106 15.20 6.57 -9.04
C HIS E 106 16.08 6.13 -10.24
N TYR E 107 16.64 4.94 -10.16
CA TYR E 107 17.48 4.38 -11.25
C TYR E 107 16.64 4.39 -12.55
N LYS E 108 15.45 3.77 -12.47
CA LYS E 108 14.54 3.68 -13.64
C LYS E 108 14.13 5.06 -14.15
N LYS E 109 13.75 5.98 -13.28
CA LYS E 109 13.25 7.29 -13.71
C LYS E 109 14.30 8.02 -14.53
N VAL E 110 15.50 8.14 -14.00
CA VAL E 110 16.57 8.98 -14.61
C VAL E 110 16.96 8.34 -15.93
N ILE E 111 17.16 7.02 -15.96
CA ILE E 111 17.57 6.33 -17.21
C ILE E 111 16.43 6.34 -18.23
N ASP E 112 15.17 6.15 -17.82
CA ASP E 112 14.04 6.12 -18.78
C ASP E 112 13.97 7.47 -19.51
N VAL E 113 14.00 8.60 -18.80
CA VAL E 113 13.83 9.92 -19.43
C VAL E 113 15.11 10.27 -20.22
N ASN E 114 16.27 10.18 -19.57
CA ASN E 114 17.54 10.72 -20.13
C ASN E 114 17.98 9.83 -21.30
N VAL E 115 17.87 8.52 -21.15
CA VAL E 115 18.44 7.57 -22.13
C VAL E 115 17.32 7.08 -23.06
N ARG E 116 16.35 6.36 -22.52
CA ARG E 116 15.31 5.75 -23.39
C ARG E 116 14.50 6.84 -24.11
N GLY E 117 14.28 7.99 -23.48
CA GLY E 117 13.60 9.13 -24.11
C GLY E 117 14.39 9.66 -25.31
N THR E 118 15.70 9.82 -25.18
CA THR E 118 16.56 10.21 -26.31
C THR E 118 16.55 9.11 -27.37
N TRP E 119 16.63 7.85 -26.96
CA TRP E 119 16.58 6.68 -27.86
C TRP E 119 15.30 6.76 -28.69
N ASN E 120 14.15 6.84 -28.01
CA ASN E 120 12.82 6.80 -28.69
C ASN E 120 12.69 7.95 -29.65
N SER E 121 13.15 9.14 -29.24
CA SER E 121 13.11 10.37 -30.06
C SER E 121 13.93 10.17 -31.33
N CYS E 122 15.19 9.73 -31.21
CA CYS E 122 16.04 9.47 -32.39
C CYS E 122 15.40 8.40 -33.29
N ARG E 123 14.86 7.34 -32.69
CA ARG E 123 14.32 6.19 -33.47
C ARG E 123 13.09 6.65 -34.28
N ALA E 124 12.28 7.53 -33.74
CA ALA E 124 11.07 8.05 -34.44
C ALA E 124 11.45 9.08 -35.50
N ALA E 125 12.55 9.82 -35.31
CA ALA E 125 12.96 10.92 -36.22
C ALA E 125 13.75 10.36 -37.43
N VAL E 126 14.64 9.42 -37.21
CA VAL E 126 15.65 9.01 -38.22
C VAL E 126 14.95 8.59 -39.51
N PRO E 127 13.86 7.77 -39.53
CA PRO E 127 13.20 7.41 -40.79
C PRO E 127 12.80 8.63 -41.64
N HIS E 128 12.28 9.69 -41.01
CA HIS E 128 11.87 10.93 -41.69
C HIS E 128 13.10 11.68 -42.21
N MET E 129 14.21 11.65 -41.47
CA MET E 129 15.44 12.30 -41.95
C MET E 129 16.02 11.52 -43.14
N LEU E 130 15.92 10.20 -43.14
CA LEU E 130 16.39 9.38 -44.28
C LEU E 130 15.56 9.70 -45.55
N SER E 131 14.25 9.90 -45.43
CA SER E 131 13.36 10.30 -46.57
C SER E 131 13.86 11.64 -47.13
N ASN E 132 14.26 12.57 -46.25
CA ASN E 132 14.65 13.95 -46.65
C ASN E 132 16.13 13.91 -47.11
N LYS E 133 16.86 12.79 -46.99
CA LYS E 133 18.30 12.64 -47.32
C LYS E 133 19.18 13.60 -46.50
N HIS E 134 18.74 14.02 -45.32
CA HIS E 134 19.39 15.11 -44.54
C HIS E 134 18.82 15.07 -43.12
N GLY E 135 19.67 15.08 -42.09
CA GLY E 135 19.17 15.30 -40.74
C GLY E 135 20.26 15.77 -39.82
N ARG E 136 19.88 16.49 -38.79
CA ARG E 136 20.81 16.92 -37.71
C ARG E 136 20.16 16.51 -36.40
N ILE E 137 20.91 15.78 -35.58
CA ILE E 137 20.45 15.39 -34.21
C ILE E 137 21.46 15.99 -33.23
N ILE E 138 20.95 16.75 -32.27
CA ILE E 138 21.77 17.33 -31.19
C ILE E 138 21.25 16.72 -29.89
N ASN E 139 22.08 15.92 -29.24
CA ASN E 139 21.73 15.29 -27.94
C ASN E 139 22.29 16.15 -26.83
N PHE E 140 21.61 16.21 -25.69
CA PHE E 140 22.15 16.88 -24.49
C PHE E 140 22.73 15.83 -23.55
N GLY E 141 24.04 15.89 -23.40
CA GLY E 141 24.74 15.12 -22.36
C GLY E 141 24.90 16.03 -21.15
N SER E 142 26.06 15.95 -20.52
CA SER E 142 26.47 16.79 -19.38
C SER E 142 27.99 16.67 -19.28
N ILE E 143 28.64 17.64 -18.62
CA ILE E 143 30.03 17.42 -18.16
C ILE E 143 30.04 16.29 -17.13
N SER E 144 28.92 16.11 -16.40
CA SER E 144 28.83 15.10 -15.31
CA SER E 144 28.84 15.10 -15.31
C SER E 144 28.71 13.70 -15.92
N GLY E 145 29.74 12.88 -15.76
CA GLY E 145 29.84 11.52 -16.32
C GLY E 145 30.99 11.42 -17.30
N PRO E 146 30.90 12.08 -18.47
CA PRO E 146 31.97 12.02 -19.45
C PRO E 146 33.24 12.77 -19.03
N ILE E 147 33.13 13.86 -18.26
CA ILE E 147 34.28 14.78 -18.02
C ILE E 147 34.62 14.82 -16.54
N VAL E 148 33.66 15.16 -15.69
CA VAL E 148 33.86 15.33 -14.23
C VAL E 148 32.72 14.64 -13.49
N ALA E 149 32.82 14.56 -12.17
CA ALA E 149 31.67 14.13 -11.34
C ALA E 149 31.87 14.57 -9.90
N ASP E 150 30.76 14.85 -9.23
CA ASP E 150 30.70 15.03 -7.77
C ASP E 150 30.00 13.85 -7.15
N PRO E 151 30.18 13.64 -5.82
CA PRO E 151 29.40 12.66 -5.08
C PRO E 151 27.89 12.92 -5.24
N GLY E 152 27.09 11.86 -5.33
CA GLY E 152 25.62 11.98 -5.31
C GLY E 152 25.01 12.02 -6.70
N TRP E 153 25.77 11.68 -7.73
CA TRP E 153 25.30 11.82 -9.13
C TRP E 153 25.54 10.54 -9.93
N THR E 154 25.60 9.37 -9.29
CA THR E 154 25.94 8.12 -10.03
C THR E 154 24.94 7.86 -11.16
N VAL E 155 23.65 7.94 -10.91
CA VAL E 155 22.67 7.57 -11.96
C VAL E 155 22.66 8.63 -13.05
N TYR E 156 22.67 9.90 -12.71
CA TYR E 156 22.70 10.98 -13.71
C TYR E 156 23.94 10.81 -14.59
N ALA E 157 25.11 10.62 -13.96
CA ALA E 157 26.39 10.50 -14.70
C ALA E 157 26.36 9.29 -15.61
N LEU E 158 25.84 8.17 -15.12
CA LEU E 158 25.61 6.96 -15.94
C LEU E 158 24.75 7.32 -17.16
N SER E 159 23.64 8.04 -16.96
CA SER E 159 22.68 8.39 -18.04
C SER E 159 23.38 9.28 -19.08
N LYS E 160 24.24 10.20 -18.65
CA LYS E 160 24.87 11.17 -19.57
C LYS E 160 26.07 10.53 -20.27
N GLY E 161 26.72 9.58 -19.61
CA GLY E 161 27.71 8.74 -20.28
C GLY E 161 27.07 7.92 -21.36
N ALA E 162 25.88 7.37 -21.09
CA ALA E 162 25.12 6.61 -22.09
C ALA E 162 24.86 7.49 -23.31
N ILE E 163 24.43 8.74 -23.10
CA ILE E 163 24.18 9.68 -24.24
C ILE E 163 25.47 9.92 -25.03
N PHE E 164 26.59 10.10 -24.35
CA PHE E 164 27.92 10.31 -24.97
C PHE E 164 28.22 9.13 -25.93
N GLY E 165 28.11 7.91 -25.44
CA GLY E 165 28.41 6.70 -26.26
C GLY E 165 27.40 6.53 -27.39
N PHE E 166 26.12 6.70 -27.08
CA PHE E 166 25.04 6.55 -28.08
C PHE E 166 25.25 7.57 -29.21
N THR E 167 25.61 8.81 -28.87
CA THR E 167 25.83 9.89 -29.84
C THR E 167 26.90 9.45 -30.86
N LYS E 168 27.98 8.89 -30.39
CA LYS E 168 29.09 8.48 -31.28
C LYS E 168 28.63 7.34 -32.18
N ALA E 169 27.95 6.33 -31.64
CA ALA E 169 27.50 5.17 -32.42
C ALA E 169 26.44 5.60 -33.45
N LEU E 170 25.50 6.48 -33.10
CA LEU E 170 24.46 6.93 -34.06
C LEU E 170 25.12 7.77 -35.16
N ALA E 171 26.08 8.64 -34.81
CA ALA E 171 26.84 9.43 -35.82
C ALA E 171 27.52 8.46 -36.80
N SER E 172 28.14 7.40 -36.28
CA SER E 172 28.93 6.47 -37.12
C SER E 172 27.96 5.75 -38.06
N GLU E 173 26.81 5.32 -37.53
CA GLU E 173 25.87 4.50 -38.30
C GLU E 173 25.25 5.32 -39.46
N PHE E 174 24.95 6.59 -39.27
CA PHE E 174 24.17 7.37 -40.28
C PHE E 174 25.02 8.43 -40.98
N ALA E 175 26.34 8.50 -40.76
CA ALA E 175 27.20 9.48 -41.49
C ALA E 175 27.02 9.33 -43.02
N GLY E 176 27.00 8.08 -43.50
CA GLY E 176 26.87 7.80 -44.95
C GLY E 176 25.54 8.25 -45.53
N GLN E 177 24.51 8.49 -44.68
CA GLN E 177 23.17 8.93 -45.11
C GLN E 177 22.94 10.40 -44.72
N ASN E 178 24.00 11.12 -44.37
CA ASN E 178 23.97 12.59 -44.16
C ASN E 178 23.06 12.92 -42.97
N ILE E 179 23.01 12.06 -41.97
CA ILE E 179 22.49 12.48 -40.65
C ILE E 179 23.70 12.67 -39.73
N LEU E 180 23.90 13.90 -39.28
CA LEU E 180 25.00 14.30 -38.39
C LEU E 180 24.45 14.27 -36.98
N VAL E 181 25.24 13.69 -36.07
CA VAL E 181 24.81 13.53 -34.66
C VAL E 181 25.92 14.04 -33.77
N ASN E 182 25.60 14.99 -32.89
CA ASN E 182 26.56 15.53 -31.92
C ASN E 182 25.88 15.66 -30.56
N ALA E 183 26.67 15.83 -29.51
CA ALA E 183 26.16 16.10 -28.14
C ALA E 183 26.70 17.43 -27.64
N ILE E 184 25.88 18.14 -26.89
CA ILE E 184 26.32 19.33 -26.11
C ILE E 184 26.48 18.83 -24.69
N LEU E 185 27.61 19.15 -24.08
CA LEU E 185 27.89 18.80 -22.65
C LEU E 185 27.90 20.11 -21.89
N PRO E 186 26.74 20.59 -21.39
CA PRO E 186 26.72 21.84 -20.64
C PRO E 186 27.38 21.71 -19.27
N GLY E 187 27.97 22.81 -18.81
CA GLY E 187 28.48 22.96 -17.46
C GLY E 187 27.43 23.47 -16.51
N SER E 188 27.80 24.48 -15.72
CA SER E 188 26.90 25.14 -14.76
C SER E 188 26.03 26.15 -15.52
N MET E 189 24.76 25.82 -15.72
CA MET E 189 23.84 26.64 -16.51
C MET E 189 22.73 27.16 -15.60
N ASP E 190 22.23 28.36 -15.93
CA ASP E 190 21.12 29.00 -15.17
C ASP E 190 19.80 28.45 -15.70
N THR E 191 19.36 27.37 -15.10
CA THR E 191 18.09 26.68 -15.46
C THR E 191 17.25 26.49 -14.21
N PRO E 192 15.95 26.19 -14.37
CA PRO E 192 15.11 25.84 -13.22
C PRO E 192 15.73 24.72 -12.37
N MET E 193 16.31 23.68 -13.01
CA MET E 193 16.90 22.58 -12.23
C MET E 193 18.10 23.08 -11.42
N MET E 194 18.95 23.97 -11.93
CA MET E 194 20.10 24.53 -11.17
C MET E 194 19.53 25.40 -10.01
N ARG E 195 18.55 26.23 -10.29
CA ARG E 195 17.97 27.13 -9.25
C ARG E 195 17.36 26.27 -8.11
N ALA E 196 16.72 25.15 -8.45
CA ALA E 196 16.14 24.20 -7.47
C ALA E 196 17.25 23.58 -6.61
N ALA E 197 18.36 23.16 -7.23
CA ALA E 197 19.52 22.57 -6.53
C ALA E 197 20.13 23.62 -5.59
N ALA E 198 20.19 24.88 -6.01
CA ALA E 198 20.74 25.97 -5.18
C ALA E 198 19.85 26.16 -3.93
N ALA E 199 18.52 26.15 -4.09
CA ALA E 199 17.57 26.28 -2.96
C ALA E 199 17.72 25.08 -2.01
N ASP E 200 17.93 23.87 -2.55
CA ASP E 200 18.16 22.63 -1.76
C ASP E 200 19.43 22.82 -0.93
N THR E 201 20.49 23.44 -1.47
CA THR E 201 21.79 23.60 -0.74
C THR E 201 21.63 24.67 0.35
N ASN E 202 20.86 25.74 0.14
CA ASN E 202 20.72 26.84 1.12
C ASN E 202 19.36 27.51 0.93
N PRO E 203 18.29 26.93 1.55
CA PRO E 203 16.93 27.45 1.38
C PRO E 203 16.76 28.92 1.76
N ALA E 204 17.49 29.38 2.78
CA ALA E 204 17.47 30.77 3.29
C ALA E 204 18.07 31.75 2.26
N ASP E 205 19.04 31.30 1.44
CA ASP E 205 19.78 32.21 0.51
C ASP E 205 20.27 31.43 -0.71
N PRO E 206 19.35 31.04 -1.62
CA PRO E 206 19.72 30.29 -2.82
C PRO E 206 20.66 31.11 -3.72
N GLN E 207 20.46 32.43 -3.78
CA GLN E 207 21.28 33.31 -4.64
C GLN E 207 22.75 33.23 -4.25
N SER E 208 23.09 33.09 -2.97
CA SER E 208 24.50 32.99 -2.50
C SER E 208 25.13 31.71 -3.07
N VAL E 209 24.36 30.62 -3.21
CA VAL E 209 24.93 29.38 -3.79
C VAL E 209 25.11 29.61 -5.31
N ILE E 210 24.17 30.25 -6.00
CA ILE E 210 24.33 30.61 -7.44
C ILE E 210 25.60 31.46 -7.60
N ASP E 211 25.80 32.44 -6.74
CA ASP E 211 26.99 33.35 -6.78
C ASP E 211 28.27 32.55 -6.63
N GLU E 212 28.32 31.59 -5.71
CA GLU E 212 29.52 30.73 -5.47
C GLU E 212 29.78 29.89 -6.73
N ILE E 213 28.74 29.34 -7.36
CA ILE E 213 28.92 28.50 -8.60
C ILE E 213 29.50 29.40 -9.70
N ALA E 214 28.93 30.59 -9.89
CA ALA E 214 29.38 31.55 -10.92
C ALA E 214 30.85 31.91 -10.70
N ALA E 215 31.27 32.06 -9.44
CA ALA E 215 32.65 32.47 -9.11
C ALA E 215 33.62 31.34 -9.40
N ALA E 216 33.17 30.08 -9.42
CA ALA E 216 34.03 28.92 -9.71
C ALA E 216 34.22 28.75 -11.24
N VAL E 217 33.48 29.49 -12.06
CA VAL E 217 33.61 29.45 -13.54
C VAL E 217 34.62 30.51 -13.94
N PRO E 218 35.67 30.18 -14.71
CA PRO E 218 36.64 31.20 -15.13
C PRO E 218 36.01 32.42 -15.81
N LEU E 219 34.92 32.23 -16.56
CA LEU E 219 34.23 33.37 -17.21
C LEU E 219 33.35 34.13 -16.18
N LYS E 220 33.19 33.59 -14.96
CA LYS E 220 32.58 34.28 -13.81
C LYS E 220 31.06 34.45 -13.97
N ARG E 221 30.41 33.61 -14.76
CA ARG E 221 28.92 33.58 -14.85
C ARG E 221 28.49 32.15 -15.18
N LEU E 222 27.24 31.87 -14.92
CA LEU E 222 26.62 30.60 -15.38
C LEU E 222 26.36 30.73 -16.86
N GLY E 223 26.27 29.60 -17.56
CA GLY E 223 25.79 29.56 -18.95
C GLY E 223 24.29 29.88 -18.95
N THR E 224 23.76 30.30 -20.07
CA THR E 224 22.31 30.59 -20.20
C THR E 224 21.67 29.58 -21.15
N ILE E 225 20.35 29.54 -21.14
CA ILE E 225 19.60 28.72 -22.12
C ILE E 225 19.87 29.27 -23.51
N ASP E 226 20.17 30.58 -23.65
CA ASP E 226 20.54 31.18 -24.97
C ASP E 226 21.90 30.61 -25.45
N ASP E 227 22.89 30.50 -24.55
CA ASP E 227 24.21 29.92 -24.92
C ASP E 227 23.98 28.51 -25.45
N ALA E 228 23.17 27.70 -24.77
CA ALA E 228 22.87 26.31 -25.20
C ALA E 228 22.15 26.33 -26.56
N GLY E 229 21.12 27.16 -26.69
CA GLY E 229 20.36 27.25 -27.96
C GLY E 229 21.27 27.68 -29.11
N ASN E 230 22.20 28.60 -28.86
CA ASN E 230 23.14 29.11 -29.88
C ASN E 230 24.01 27.97 -30.43
N LEU E 231 24.50 27.09 -29.56
CA LEU E 231 25.35 25.96 -30.00
C LEU E 231 24.50 24.95 -30.76
N ALA E 232 23.28 24.65 -30.30
CA ALA E 232 22.34 23.73 -30.99
C ALA E 232 22.04 24.27 -32.39
N LEU E 233 21.80 25.58 -32.48
CA LEU E 233 21.53 26.23 -33.78
C LEU E 233 22.74 26.07 -34.72
N PHE E 234 23.94 26.32 -34.21
CA PHE E 234 25.17 26.14 -35.01
C PHE E 234 25.22 24.70 -35.56
N LEU E 235 25.03 23.72 -34.69
CA LEU E 235 25.18 22.28 -35.07
C LEU E 235 24.07 21.86 -36.05
N ALA E 236 22.91 22.52 -35.99
CA ALA E 236 21.76 22.22 -36.87
C ALA E 236 21.93 22.84 -38.26
N SER E 237 22.88 23.77 -38.40
CA SER E 237 22.99 24.72 -39.55
C SER E 237 23.97 24.20 -40.60
N ASP E 238 23.98 24.84 -41.76
CA ASP E 238 24.98 24.59 -42.84
C ASP E 238 26.39 24.98 -42.37
N LEU E 239 26.55 25.73 -41.29
CA LEU E 239 27.90 26.07 -40.75
C LEU E 239 28.58 24.83 -40.13
N ALA E 240 27.86 23.73 -39.89
CA ALA E 240 28.41 22.55 -39.18
C ALA E 240 28.27 21.28 -40.02
N SER E 241 28.27 21.39 -41.35
CA SER E 241 28.00 20.26 -42.28
CA SER E 241 27.97 20.22 -42.24
C SER E 241 29.10 19.18 -42.28
N TYR E 242 30.28 19.44 -41.72
CA TYR E 242 31.38 18.44 -41.64
C TYR E 242 31.62 18.02 -40.19
N LEU E 243 30.77 18.46 -39.26
CA LEU E 243 31.01 18.21 -37.80
C LEU E 243 30.01 17.13 -37.35
N THR E 244 30.49 15.95 -37.03
CA THR E 244 29.64 14.84 -36.57
C THR E 244 30.43 13.93 -35.62
N GLY E 245 29.71 13.32 -34.69
CA GLY E 245 30.25 12.37 -33.73
C GLY E 245 30.98 13.02 -32.58
N GLN E 246 30.76 14.31 -32.34
CA GLN E 246 31.53 15.03 -31.30
C GLN E 246 30.63 15.39 -30.12
N ALA E 247 31.24 15.49 -28.94
CA ALA E 247 30.58 15.96 -27.72
C ALA E 247 31.29 17.26 -27.34
N ILE E 248 30.60 18.39 -27.48
CA ILE E 248 31.21 19.73 -27.28
C ILE E 248 30.86 20.25 -25.90
N VAL E 249 31.87 20.64 -25.15
CA VAL E 249 31.73 21.14 -23.75
C VAL E 249 31.42 22.63 -23.81
N LEU E 250 30.31 23.02 -23.21
CA LEU E 250 29.84 24.43 -23.16
C LEU E 250 29.78 24.84 -21.68
N ASP E 251 30.87 25.38 -21.16
CA ASP E 251 31.04 25.48 -19.70
C ASP E 251 31.87 26.66 -19.25
N GLY E 252 32.21 27.62 -20.10
CA GLY E 252 32.99 28.80 -19.68
C GLY E 252 34.31 28.45 -19.00
N ALA E 253 34.91 27.31 -19.36
CA ALA E 253 36.18 26.74 -18.83
C ALA E 253 36.05 26.25 -17.38
N PHE E 254 34.84 25.94 -16.93
CA PHE E 254 34.58 25.35 -15.58
C PHE E 254 35.39 24.05 -15.41
N THR E 255 35.45 23.18 -16.43
CA THR E 255 36.15 21.87 -16.30
C THR E 255 37.63 22.02 -16.67
N LEU E 256 38.05 23.18 -17.14
CA LEU E 256 39.45 23.44 -17.57
C LEU E 256 40.31 23.85 -16.38
N ALA E 257 39.74 24.64 -15.47
CA ALA E 257 40.49 25.26 -14.35
C ALA E 257 41.20 24.15 -13.58
N GLU E 258 42.50 24.32 -13.29
CA GLU E 258 43.24 23.32 -12.50
C GLU E 258 42.88 23.44 -11.02
N TYR E 259 42.91 24.67 -10.47
CA TYR E 259 42.34 25.07 -9.14
C TYR E 259 41.25 26.15 -9.34
N HIS F 1 20.93 6.85 9.95
CA HIS F 1 19.54 7.43 9.83
C HIS F 1 18.55 6.35 9.39
N MET F 2 17.49 6.14 10.16
CA MET F 2 16.45 5.13 9.81
C MET F 2 15.55 5.71 8.69
N ILE F 3 15.31 7.02 8.72
CA ILE F 3 14.46 7.79 7.76
C ILE F 3 15.37 8.80 7.09
N ASN F 4 15.37 8.82 5.76
CA ASN F 4 16.10 9.84 4.99
C ASN F 4 15.21 10.27 3.84
N MET F 5 14.66 11.47 3.87
CA MET F 5 13.79 11.97 2.77
C MET F 5 14.59 13.01 1.94
N ARG F 6 15.92 13.03 2.02
CA ARG F 6 16.74 14.05 1.31
C ARG F 6 16.46 13.96 -0.21
N ASN F 7 16.28 15.08 -0.89
CA ASN F 7 16.10 15.16 -2.36
C ASN F 7 14.66 14.69 -2.74
N ARG F 8 13.79 14.35 -1.77
CA ARG F 8 12.40 14.03 -2.11
C ARG F 8 11.60 15.33 -2.15
N VAL F 9 10.61 15.43 -3.01
CA VAL F 9 9.71 16.58 -3.10
C VAL F 9 8.34 16.14 -2.56
N ALA F 10 7.82 16.91 -1.62
CA ALA F 10 6.49 16.70 -1.03
C ALA F 10 5.62 17.93 -1.27
N ILE F 11 4.38 17.68 -1.64
CA ILE F 11 3.31 18.71 -1.66
C ILE F 11 2.39 18.40 -0.47
N VAL F 12 2.13 19.39 0.37
CA VAL F 12 1.24 19.22 1.53
C VAL F 12 0.12 20.26 1.40
N THR F 13 -1.11 19.80 1.16
CA THR F 13 -2.29 20.68 1.19
C THR F 13 -2.63 20.92 2.64
N GLY F 14 -3.17 22.10 2.95
CA GLY F 14 -3.43 22.48 4.34
C GLY F 14 -2.13 22.77 5.08
N GLY F 15 -1.03 23.07 4.40
CA GLY F 15 0.27 23.26 5.03
C GLY F 15 0.41 24.49 5.94
N ALA F 16 -0.50 25.45 5.90
CA ALA F 16 -0.39 26.72 6.66
C ALA F 16 -0.49 26.49 8.16
N MET F 17 -1.31 25.52 8.60
CA MET F 17 -1.56 25.32 10.03
C MET F 17 -2.08 23.90 10.25
N GLY F 18 -2.29 23.55 11.53
CA GLY F 18 -2.94 22.28 11.85
C GLY F 18 -2.09 21.11 11.39
N MET F 19 -2.72 19.98 11.16
CA MET F 19 -1.98 18.74 10.87
C MET F 19 -1.22 18.82 9.54
N GLY F 20 -1.70 19.56 8.54
CA GLY F 20 -0.92 19.75 7.30
C GLY F 20 0.42 20.40 7.63
N ASN F 21 0.41 21.41 8.49
CA ASN F 21 1.65 22.10 8.90
C ASN F 21 2.56 21.10 9.61
N GLY F 22 2.00 20.26 10.49
CA GLY F 22 2.81 19.21 11.15
C GLY F 22 3.45 18.29 10.16
N CYS F 23 2.69 17.83 9.19
CA CYS F 23 3.21 16.88 8.15
C CYS F 23 4.33 17.56 7.37
N ALA F 24 4.12 18.79 6.91
CA ALA F 24 5.15 19.50 6.13
C ALA F 24 6.42 19.64 6.97
N ARG F 25 6.29 20.01 8.25
CA ARG F 25 7.45 20.20 9.15
C ARG F 25 8.20 18.88 9.30
N LYS F 26 7.52 17.75 9.52
CA LYS F 26 8.24 16.48 9.76
C LYS F 26 8.92 16.02 8.48
N LEU F 27 8.25 16.17 7.32
CA LEU F 27 8.86 15.78 6.03
C LEU F 27 10.12 16.65 5.82
N ALA F 28 10.04 17.94 6.12
CA ALA F 28 11.15 18.91 5.94
C ALA F 28 12.30 18.58 6.90
N GLU F 29 11.98 18.24 8.14
CA GLU F 29 13.01 17.83 9.15
C GLU F 29 13.73 16.58 8.67
N ALA F 30 13.08 15.70 7.93
CA ALA F 30 13.66 14.46 7.39
C ALA F 30 14.45 14.75 6.11
N GLY F 31 14.45 15.99 5.62
CA GLY F 31 15.31 16.42 4.50
C GLY F 31 14.54 16.69 3.21
N ALA F 32 13.23 16.51 3.19
CA ALA F 32 12.42 16.72 1.98
C ALA F 32 12.39 18.20 1.61
N LYS F 33 12.24 18.46 0.33
CA LYS F 33 11.83 19.77 -0.22
C LYS F 33 10.31 19.82 -0.17
N VAL F 34 9.75 20.70 0.66
CA VAL F 34 8.27 20.69 0.89
C VAL F 34 7.66 21.95 0.30
N TYR F 35 6.51 21.76 -0.35
CA TYR F 35 5.67 22.86 -0.84
C TYR F 35 4.36 22.85 -0.04
N LEU F 36 4.12 23.93 0.71
CA LEU F 36 2.88 24.15 1.47
C LEU F 36 1.83 24.72 0.51
N ILE F 37 0.75 23.98 0.26
CA ILE F 37 -0.36 24.38 -0.62
C ILE F 37 -1.53 24.76 0.31
N ASP F 38 -2.04 25.98 0.20
CA ASP F 38 -3.06 26.46 1.17
C ASP F 38 -3.66 27.76 0.65
N ARG F 39 -4.95 27.93 0.88
CA ARG F 39 -5.68 29.16 0.50
C ARG F 39 -5.40 30.23 1.57
N SER F 40 -4.93 29.84 2.75
CA SER F 40 -4.75 30.76 3.90
C SER F 40 -3.66 31.81 3.61
N ASN F 41 -3.89 33.05 4.03
CA ASN F 41 -2.89 34.15 3.95
C ASN F 41 -1.68 33.84 4.82
N LEU F 42 -1.78 32.88 5.74
CA LEU F 42 -0.70 32.47 6.68
C LEU F 42 0.36 31.64 5.95
N VAL F 43 0.11 31.16 4.73
CA VAL F 43 0.93 30.03 4.20
C VAL F 43 2.38 30.51 3.94
N ALA F 44 2.57 31.72 3.45
CA ALA F 44 3.93 32.27 3.20
C ALA F 44 4.72 32.27 4.51
N ALA F 45 4.15 32.77 5.60
CA ALA F 45 4.81 32.85 6.93
C ALA F 45 5.12 31.44 7.42
N ALA F 46 4.22 30.48 7.17
CA ALA F 46 4.46 29.08 7.60
C ALA F 46 5.74 28.56 6.91
N ALA F 47 5.89 28.78 5.62
CA ALA F 47 7.08 28.32 4.86
C ALA F 47 8.33 29.08 5.35
N GLN F 48 8.20 30.39 5.57
CA GLN F 48 9.29 31.25 6.10
C GLN F 48 9.78 30.71 7.43
N ASP F 49 8.88 30.36 8.37
CA ASP F 49 9.25 29.83 9.70
C ASP F 49 10.10 28.57 9.54
N MET F 50 9.77 27.72 8.57
CA MET F 50 10.55 26.47 8.36
C MET F 50 11.94 26.82 7.78
N ARG F 51 12.01 27.75 6.84
CA ARG F 51 13.32 28.17 6.25
C ARG F 51 14.19 28.77 7.35
N GLU F 52 13.62 29.48 8.32
CA GLU F 52 14.39 30.07 9.46
C GLU F 52 14.96 28.95 10.34
N ALA F 53 14.36 27.75 10.36
CA ALA F 53 14.89 26.61 11.13
C ALA F 53 15.84 25.76 10.27
N GLY F 54 16.21 26.23 9.09
CA GLY F 54 17.17 25.59 8.18
C GLY F 54 16.53 24.56 7.25
N LEU F 55 15.21 24.55 7.12
CA LEU F 55 14.47 23.52 6.34
C LEU F 55 14.12 24.04 4.94
N ASN F 56 13.96 23.12 4.01
CA ASN F 56 13.70 23.43 2.59
C ASN F 56 12.18 23.54 2.33
N ALA F 57 11.58 24.67 2.67
CA ALA F 57 10.11 24.90 2.55
C ALA F 57 9.80 26.03 1.58
N ASN F 58 8.71 25.87 0.83
CA ASN F 58 8.18 26.74 -0.24
C ASN F 58 6.66 26.80 -0.03
N HIS F 59 5.99 27.79 -0.59
CA HIS F 59 4.50 27.85 -0.52
C HIS F 59 3.91 28.18 -1.87
N VAL F 60 2.66 27.78 -2.06
CA VAL F 60 1.79 28.26 -3.15
C VAL F 60 0.45 28.57 -2.49
N GLN F 61 0.03 29.82 -2.56
CA GLN F 61 -1.30 30.22 -2.02
C GLN F 61 -2.30 29.94 -3.12
N VAL F 62 -3.12 28.91 -2.98
CA VAL F 62 -4.04 28.43 -4.03
C VAL F 62 -5.16 27.65 -3.34
N ASP F 63 -6.34 27.71 -3.91
CA ASP F 63 -7.56 27.00 -3.42
C ASP F 63 -7.67 25.65 -4.13
N ILE F 64 -7.64 24.54 -3.39
CA ILE F 64 -7.67 23.18 -4.00
C ILE F 64 -8.99 22.93 -4.74
N THR F 65 -10.05 23.72 -4.52
CA THR F 65 -11.34 23.56 -5.24
C THR F 65 -11.30 24.22 -6.61
N ASP F 66 -10.23 24.94 -6.93
CA ASP F 66 -9.99 25.49 -8.27
C ASP F 66 -9.07 24.53 -9.02
N GLN F 67 -9.63 23.60 -9.77
CA GLN F 67 -8.88 22.46 -10.32
C GLN F 67 -7.82 23.02 -11.29
N GLU F 68 -8.18 24.00 -12.14
CA GLU F 68 -7.23 24.52 -13.16
C GLU F 68 -6.02 25.17 -12.46
N SER F 69 -6.24 26.04 -11.46
CA SER F 69 -5.16 26.74 -10.73
CA SER F 69 -5.17 26.74 -10.73
C SER F 69 -4.33 25.72 -9.94
N LEU F 70 -4.96 24.72 -9.34
CA LEU F 70 -4.19 23.72 -8.54
C LEU F 70 -3.32 22.90 -9.49
N THR F 71 -3.85 22.48 -10.63
CA THR F 71 -3.11 21.68 -11.62
C THR F 71 -1.94 22.52 -12.13
N SER F 72 -2.16 23.80 -12.43
CA SER F 72 -1.08 24.71 -12.89
C SER F 72 0.00 24.78 -11.79
N ALA F 73 -0.37 24.95 -10.53
CA ALA F 73 0.60 24.97 -9.41
C ALA F 73 1.41 23.67 -9.34
N TYR F 74 0.77 22.51 -9.39
CA TYR F 74 1.50 21.22 -9.27
C TYR F 74 2.41 21.00 -10.50
N ASP F 75 1.93 21.34 -11.69
CA ASP F 75 2.72 21.25 -12.95
C ASP F 75 3.99 22.12 -12.80
N GLY F 76 3.86 23.31 -12.24
CA GLY F 76 4.97 24.25 -12.00
C GLY F 76 5.96 23.69 -11.01
N ILE F 77 5.47 23.09 -9.91
CA ILE F 77 6.35 22.45 -8.89
C ILE F 77 7.14 21.33 -9.55
N ALA F 78 6.49 20.45 -10.31
CA ALA F 78 7.13 19.27 -10.90
C ALA F 78 8.17 19.73 -11.94
N ALA F 79 7.84 20.73 -12.75
CA ALA F 79 8.72 21.27 -13.81
C ALA F 79 9.97 21.86 -13.17
N GLU F 80 9.82 22.68 -12.14
CA GLU F 80 10.96 23.42 -11.52
C GLU F 80 11.78 22.48 -10.61
N SER F 81 11.22 21.37 -10.12
CA SER F 81 11.92 20.46 -9.16
C SER F 81 12.44 19.25 -9.89
N GLY F 82 11.82 18.90 -11.03
CA GLY F 82 12.08 17.64 -11.76
C GLY F 82 11.40 16.45 -11.12
N ARG F 83 10.65 16.62 -10.01
CA ARG F 83 10.06 15.43 -9.36
C ARG F 83 8.89 15.79 -8.45
N LEU F 84 8.14 14.76 -8.11
CA LEU F 84 7.07 14.80 -7.10
C LEU F 84 7.01 13.40 -6.48
N ASP F 85 7.37 13.29 -5.22
CA ASP F 85 7.50 11.99 -4.52
C ASP F 85 6.30 11.75 -3.58
N VAL F 86 5.83 12.80 -2.91
CA VAL F 86 4.93 12.69 -1.73
C VAL F 86 3.81 13.71 -1.86
N LEU F 87 2.58 13.30 -1.63
CA LEU F 87 1.41 14.20 -1.56
C LEU F 87 0.70 13.91 -0.24
N VAL F 88 0.52 14.96 0.57
CA VAL F 88 -0.32 14.86 1.79
C VAL F 88 -1.54 15.76 1.60
N ASN F 89 -2.73 15.19 1.63
CA ASN F 89 -4.00 15.91 1.47
C ASN F 89 -4.58 16.18 2.86
N ALA F 90 -4.12 17.23 3.50
CA ALA F 90 -4.58 17.60 4.86
C ALA F 90 -5.61 18.73 4.81
N ALA F 91 -5.71 19.46 3.69
CA ALA F 91 -6.66 20.60 3.63
C ALA F 91 -8.09 20.06 3.83
N GLY F 92 -8.87 20.71 4.66
CA GLY F 92 -10.25 20.30 4.92
C GLY F 92 -10.97 21.35 5.73
N VAL F 93 -12.29 21.21 5.78
CA VAL F 93 -13.16 22.03 6.64
C VAL F 93 -14.02 21.11 7.51
N GLY F 94 -14.33 21.58 8.72
CA GLY F 94 -15.00 20.82 9.77
C GLY F 94 -16.36 21.35 10.14
N ASP F 95 -17.09 21.95 9.22
CA ASP F 95 -18.40 22.59 9.53
C ASP F 95 -19.43 21.53 9.94
N SER F 96 -20.11 21.77 11.06
CA SER F 96 -21.19 20.91 11.58
C SER F 96 -22.54 21.60 11.33
N ARG F 97 -23.58 20.81 11.12
CA ARG F 97 -24.96 21.33 10.86
C ARG F 97 -25.90 20.15 11.06
N MET F 98 -27.00 20.36 11.79
CA MET F 98 -28.03 19.31 11.93
C MET F 98 -28.59 18.99 10.55
N PHE F 99 -28.86 17.73 10.29
CA PHE F 99 -29.28 17.22 8.98
C PHE F 99 -30.43 18.03 8.38
N LEU F 100 -31.48 18.27 9.15
CA LEU F 100 -32.67 18.99 8.62
C LEU F 100 -32.35 20.47 8.38
N ASP F 101 -31.30 21.01 8.96
CA ASP F 101 -30.87 22.42 8.78
C ASP F 101 -29.81 22.56 7.68
N VAL F 102 -29.37 21.46 7.07
CA VAL F 102 -28.36 21.57 5.98
C VAL F 102 -28.99 22.33 4.81
N ASP F 103 -28.25 23.26 4.24
CA ASP F 103 -28.65 23.93 2.97
C ASP F 103 -27.59 23.61 1.90
N ASP F 104 -27.90 23.91 0.64
CA ASP F 104 -27.01 23.60 -0.51
C ASP F 104 -25.62 24.21 -0.28
N ALA F 105 -25.52 25.40 0.29
CA ALA F 105 -24.23 26.09 0.51
C ALA F 105 -23.33 25.26 1.44
N HIS F 106 -23.88 24.76 2.53
CA HIS F 106 -23.13 23.96 3.53
C HIS F 106 -22.68 22.62 2.90
N TYR F 107 -23.60 21.94 2.24
CA TYR F 107 -23.35 20.64 1.60
C TYR F 107 -22.19 20.84 0.60
N LYS F 108 -22.33 21.85 -0.26
CA LYS F 108 -21.30 22.17 -1.30
C LYS F 108 -19.98 22.53 -0.64
N LYS F 109 -19.96 23.38 0.40
CA LYS F 109 -18.69 23.86 0.96
C LYS F 109 -17.86 22.66 1.47
N VAL F 110 -18.48 21.83 2.29
CA VAL F 110 -17.77 20.72 2.95
C VAL F 110 -17.36 19.69 1.90
N ILE F 111 -18.24 19.30 0.99
CA ILE F 111 -17.90 18.23 0.01
C ILE F 111 -16.93 18.74 -1.05
N ASP F 112 -17.06 20.00 -1.49
CA ASP F 112 -16.12 20.56 -2.49
C ASP F 112 -14.70 20.52 -1.92
N VAL F 113 -14.48 20.99 -0.71
CA VAL F 113 -13.10 21.05 -0.16
C VAL F 113 -12.63 19.63 0.22
N ASN F 114 -13.42 18.92 1.00
CA ASN F 114 -12.96 17.64 1.65
C ASN F 114 -12.85 16.55 0.58
N VAL F 115 -13.79 16.49 -0.35
CA VAL F 115 -13.82 15.41 -1.36
C VAL F 115 -13.19 15.90 -2.67
N ARG F 116 -13.83 16.86 -3.33
CA ARG F 116 -13.36 17.28 -4.67
C ARG F 116 -11.94 17.89 -4.56
N GLY F 117 -11.60 18.57 -3.49
CA GLY F 117 -10.25 19.12 -3.27
C GLY F 117 -9.21 18.02 -3.18
N THR F 118 -9.46 16.95 -2.43
CA THR F 118 -8.58 15.77 -2.38
C THR F 118 -8.52 15.14 -3.78
N TRP F 119 -9.64 15.01 -4.45
CA TRP F 119 -9.72 14.46 -5.83
C TRP F 119 -8.81 15.29 -6.76
N ASN F 120 -8.99 16.60 -6.78
CA ASN F 120 -8.24 17.52 -7.67
C ASN F 120 -6.74 17.41 -7.39
N SER F 121 -6.35 17.36 -6.10
CA SER F 121 -4.94 17.23 -5.65
C SER F 121 -4.36 15.90 -6.17
N CYS F 122 -5.04 14.78 -5.94
CA CYS F 122 -4.55 13.46 -6.41
C CYS F 122 -4.45 13.47 -7.95
N ARG F 123 -5.44 14.03 -8.63
CA ARG F 123 -5.51 13.98 -10.12
C ARG F 123 -4.36 14.79 -10.72
N ALA F 124 -3.98 15.89 -10.10
CA ALA F 124 -2.85 16.73 -10.56
C ALA F 124 -1.51 16.07 -10.24
N ALA F 125 -1.41 15.32 -9.13
CA ALA F 125 -0.13 14.73 -8.66
C ALA F 125 0.19 13.41 -9.36
N VAL F 126 -0.79 12.56 -9.58
CA VAL F 126 -0.54 11.14 -9.99
C VAL F 126 0.28 11.12 -11.29
N PRO F 127 -0.02 11.93 -12.34
CA PRO F 127 0.82 11.90 -13.56
C PRO F 127 2.30 12.14 -13.28
N HIS F 128 2.62 13.07 -12.38
CA HIS F 128 4.02 13.39 -12.00
C HIS F 128 4.63 12.24 -11.20
N MET F 129 3.85 11.56 -10.36
CA MET F 129 4.37 10.40 -9.60
C MET F 129 4.60 9.23 -10.53
N LEU F 130 3.78 9.05 -11.57
CA LEU F 130 4.03 7.96 -12.55
C LEU F 130 5.36 8.23 -13.31
N SER F 131 5.62 9.46 -13.71
CA SER F 131 6.90 9.85 -14.39
C SER F 131 8.06 9.61 -13.41
N ASN F 132 7.84 9.86 -12.12
CA ASN F 132 8.82 9.69 -11.02
C ASN F 132 9.06 8.19 -10.74
N LYS F 133 8.19 7.31 -11.23
CA LYS F 133 8.20 5.84 -10.96
C LYS F 133 7.99 5.57 -9.46
N HIS F 134 7.45 6.52 -8.69
CA HIS F 134 7.38 6.46 -7.22
C HIS F 134 6.39 7.52 -6.75
N GLY F 135 5.41 7.16 -5.92
CA GLY F 135 4.62 8.17 -5.22
C GLY F 135 4.13 7.63 -3.89
N ARG F 136 3.98 8.52 -2.92
CA ARG F 136 3.26 8.20 -1.66
C ARG F 136 2.19 9.26 -1.48
N ILE F 137 0.95 8.81 -1.33
CA ILE F 137 -0.21 9.71 -1.07
C ILE F 137 -0.77 9.36 0.31
N ILE F 138 -0.85 10.39 1.15
CA ILE F 138 -1.45 10.28 2.49
C ILE F 138 -2.68 11.20 2.50
N ASN F 139 -3.86 10.60 2.59
CA ASN F 139 -5.13 11.36 2.67
C ASN F 139 -5.52 11.50 4.13
N PHE F 140 -6.16 12.59 4.49
CA PHE F 140 -6.72 12.79 5.84
C PHE F 140 -8.22 12.49 5.78
N GLY F 141 -8.59 11.39 6.44
CA GLY F 141 -10.00 11.08 6.70
C GLY F 141 -10.35 11.62 8.07
N SER F 142 -11.15 10.87 8.79
CA SER F 142 -11.49 11.11 10.21
C SER F 142 -11.99 9.80 10.78
N ILE F 143 -11.97 9.65 12.11
CA ILE F 143 -12.79 8.62 12.77
C ILE F 143 -14.27 8.87 12.50
N SER F 144 -14.66 10.13 12.29
CA SER F 144 -16.06 10.55 12.03
CA SER F 144 -16.06 10.55 12.03
C SER F 144 -16.51 10.12 10.63
N GLY F 145 -17.43 9.16 10.57
CA GLY F 145 -17.94 8.58 9.31
C GLY F 145 -17.61 7.11 9.26
N PRO F 146 -16.32 6.74 9.08
CA PRO F 146 -15.95 5.34 8.98
C PRO F 146 -16.05 4.57 10.31
N ILE F 147 -15.84 5.23 11.46
CA ILE F 147 -15.66 4.51 12.75
C ILE F 147 -16.79 4.92 13.70
N VAL F 148 -16.95 6.22 13.96
CA VAL F 148 -17.91 6.74 14.95
C VAL F 148 -18.60 7.96 14.33
N ALA F 149 -19.63 8.46 14.99
CA ALA F 149 -20.28 9.71 14.57
C ALA F 149 -21.14 10.25 15.72
N ASP F 150 -21.22 11.56 15.78
CA ASP F 150 -22.14 12.28 16.71
C ASP F 150 -23.22 12.92 15.84
N PRO F 151 -24.38 13.25 16.45
CA PRO F 151 -25.38 14.09 15.77
C PRO F 151 -24.74 15.39 15.27
N GLY F 152 -25.15 15.88 14.11
CA GLY F 152 -24.75 17.20 13.61
C GLY F 152 -23.56 17.17 12.66
N TRP F 153 -23.20 15.99 12.18
CA TRP F 153 -21.98 15.83 11.34
C TRP F 153 -22.29 15.04 10.08
N THR F 154 -23.53 15.05 9.56
CA THR F 154 -23.88 14.20 8.40
C THR F 154 -22.99 14.55 7.20
N VAL F 155 -22.82 15.82 6.87
CA VAL F 155 -22.06 16.17 5.63
C VAL F 155 -20.58 15.87 5.85
N TYR F 156 -20.02 16.24 6.99
CA TYR F 156 -18.60 15.97 7.28
C TYR F 156 -18.34 14.46 7.23
N ALA F 157 -19.18 13.67 7.88
CA ALA F 157 -18.98 12.21 7.98
C ALA F 157 -19.14 11.59 6.57
N LEU F 158 -20.09 12.07 5.77
CA LEU F 158 -20.23 11.67 4.35
C LEU F 158 -18.90 11.95 3.63
N SER F 159 -18.33 13.14 3.82
CA SER F 159 -17.08 13.56 3.14
C SER F 159 -15.92 12.63 3.54
N LYS F 160 -15.86 12.22 4.80
CA LYS F 160 -14.73 11.42 5.30
C LYS F 160 -14.92 9.95 4.94
N GLY F 161 -16.18 9.49 4.85
CA GLY F 161 -16.44 8.17 4.27
C GLY F 161 -15.98 8.14 2.82
N ALA F 162 -16.25 9.21 2.08
CA ALA F 162 -15.83 9.31 0.66
C ALA F 162 -14.28 9.16 0.60
N ILE F 163 -13.55 9.87 1.46
CA ILE F 163 -12.07 9.79 1.49
C ILE F 163 -11.63 8.35 1.78
N PHE F 164 -12.29 7.68 2.71
CA PHE F 164 -11.98 6.29 3.09
C PHE F 164 -12.07 5.40 1.84
N GLY F 165 -13.20 5.47 1.13
CA GLY F 165 -13.43 4.63 -0.06
C GLY F 165 -12.50 5.01 -1.20
N PHE F 166 -12.33 6.30 -1.44
CA PHE F 166 -11.45 6.80 -2.53
C PHE F 166 -10.01 6.34 -2.28
N THR F 167 -9.55 6.37 -1.03
CA THR F 167 -8.18 5.97 -0.66
C THR F 167 -7.96 4.51 -1.06
N LYS F 168 -8.90 3.65 -0.73
CA LYS F 168 -8.76 2.21 -1.02
C LYS F 168 -8.76 1.99 -2.54
N ALA F 169 -9.67 2.63 -3.27
CA ALA F 169 -9.72 2.46 -4.75
C ALA F 169 -8.45 3.00 -5.42
N LEU F 170 -7.93 4.16 -4.99
CA LEU F 170 -6.71 4.74 -5.60
C LEU F 170 -5.52 3.82 -5.29
N ALA F 171 -5.41 3.31 -4.07
CA ALA F 171 -4.35 2.35 -3.68
C ALA F 171 -4.41 1.14 -4.60
N SER F 172 -5.61 0.61 -4.83
CA SER F 172 -5.76 -0.63 -5.63
C SER F 172 -5.32 -0.33 -7.07
N GLU F 173 -5.72 0.80 -7.59
CA GLU F 173 -5.48 1.14 -9.01
C GLU F 173 -3.97 1.34 -9.25
N PHE F 174 -3.23 1.95 -8.33
CA PHE F 174 -1.83 2.35 -8.60
C PHE F 174 -0.79 1.48 -7.89
N ALA F 175 -1.19 0.44 -7.14
CA ALA F 175 -0.23 -0.44 -6.44
C ALA F 175 0.87 -0.94 -7.40
N GLY F 176 0.44 -1.43 -8.57
CA GLY F 176 1.36 -2.02 -9.56
C GLY F 176 2.30 -0.97 -10.16
N GLN F 177 2.05 0.34 -9.99
CA GLN F 177 2.90 1.43 -10.50
C GLN F 177 3.63 2.14 -9.34
N ASN F 178 3.65 1.52 -8.15
CA ASN F 178 4.51 1.95 -7.02
C ASN F 178 4.03 3.34 -6.55
N ILE F 179 2.73 3.59 -6.63
CA ILE F 179 2.11 4.70 -5.83
C ILE F 179 1.35 4.03 -4.69
N LEU F 180 1.79 4.27 -3.47
CA LEU F 180 1.14 3.72 -2.24
C LEU F 180 0.22 4.82 -1.71
N VAL F 181 -1.00 4.43 -1.35
CA VAL F 181 -2.04 5.38 -0.91
C VAL F 181 -2.61 4.88 0.40
N ASN F 182 -2.58 5.73 1.43
CA ASN F 182 -3.14 5.39 2.75
C ASN F 182 -3.90 6.62 3.25
N ALA F 183 -4.73 6.41 4.26
CA ALA F 183 -5.43 7.51 4.96
C ALA F 183 -5.03 7.47 6.43
N ILE F 184 -4.91 8.65 7.02
CA ILE F 184 -4.85 8.84 8.47
C ILE F 184 -6.27 9.19 8.91
N LEU F 185 -6.76 8.53 9.94
CA LEU F 185 -8.08 8.83 10.56
C LEU F 185 -7.77 9.39 11.94
N PRO F 186 -7.58 10.70 12.06
CA PRO F 186 -7.29 11.27 13.38
C PRO F 186 -8.54 11.24 14.29
N GLY F 187 -8.27 11.22 15.58
CA GLY F 187 -9.29 11.45 16.63
C GLY F 187 -9.34 12.95 16.95
N SER F 188 -9.33 13.28 18.23
CA SER F 188 -9.38 14.68 18.72
C SER F 188 -7.99 15.26 18.74
N MET F 189 -7.68 16.16 17.80
CA MET F 189 -6.31 16.72 17.64
C MET F 189 -6.34 18.22 17.94
N ASP F 190 -5.26 18.74 18.50
CA ASP F 190 -5.18 20.19 18.90
C ASP F 190 -4.74 21.01 17.70
N THR F 191 -5.74 21.46 16.93
CA THR F 191 -5.54 22.22 15.71
C THR F 191 -6.47 23.43 15.75
N PRO F 192 -6.24 24.43 14.88
CA PRO F 192 -7.19 25.52 14.69
C PRO F 192 -8.62 25.06 14.43
N MET F 193 -8.84 24.00 13.65
CA MET F 193 -10.21 23.45 13.41
C MET F 193 -10.86 23.05 14.75
N MET F 194 -10.13 22.36 15.60
CA MET F 194 -10.65 21.89 16.91
C MET F 194 -10.85 23.11 17.82
N ARG F 195 -9.89 24.03 17.86
CA ARG F 195 -9.99 25.26 18.71
C ARG F 195 -11.20 26.08 18.26
N ALA F 196 -11.53 26.14 16.99
CA ALA F 196 -12.72 26.85 16.44
C ALA F 196 -13.97 26.17 16.97
N ALA F 197 -14.04 24.83 16.94
CA ALA F 197 -15.21 24.07 17.44
C ALA F 197 -15.36 24.29 18.95
N ALA F 198 -14.23 24.36 19.68
CA ALA F 198 -14.25 24.59 21.14
C ALA F 198 -14.84 25.99 21.42
N ALA F 199 -14.40 27.01 20.69
CA ALA F 199 -14.83 28.42 20.86
C ALA F 199 -16.31 28.51 20.50
N ASP F 200 -16.77 27.78 19.48
CA ASP F 200 -18.21 27.73 19.08
C ASP F 200 -19.02 27.14 20.24
N THR F 201 -18.53 26.11 20.93
CA THR F 201 -19.32 25.44 22.00
C THR F 201 -19.30 26.30 23.26
N ASN F 202 -18.23 27.04 23.55
CA ASN F 202 -18.13 27.88 24.78
C ASN F 202 -17.20 29.05 24.53
N PRO F 203 -17.72 30.15 23.94
CA PRO F 203 -16.90 31.33 23.62
C PRO F 203 -16.18 31.93 24.83
N ALA F 204 -16.81 31.89 26.01
CA ALA F 204 -16.26 32.45 27.28
C ALA F 204 -15.07 31.62 27.76
N ASP F 205 -15.04 30.26 27.46
CA ASP F 205 -13.99 29.37 28.05
C ASP F 205 -13.79 28.19 27.11
N PRO F 206 -13.12 28.42 25.95
CA PRO F 206 -12.87 27.34 25.00
C PRO F 206 -11.95 26.28 25.60
N GLN F 207 -11.00 26.68 26.45
CA GLN F 207 -10.02 25.75 27.05
C GLN F 207 -10.74 24.68 27.87
N SER F 208 -11.84 25.01 28.56
CA SER F 208 -12.61 24.02 29.37
C SER F 208 -13.18 22.94 28.45
N VAL F 209 -13.57 23.29 27.22
CA VAL F 209 -14.09 22.28 26.25
C VAL F 209 -12.92 21.38 25.82
N ILE F 210 -11.77 21.96 25.50
CA ILE F 210 -10.54 21.18 25.13
C ILE F 210 -10.20 20.23 26.29
N ASP F 211 -10.25 20.70 27.53
CA ASP F 211 -9.94 19.87 28.72
C ASP F 211 -10.91 18.71 28.85
N GLU F 212 -12.21 18.93 28.61
CA GLU F 212 -13.23 17.86 28.68
C GLU F 212 -12.93 16.82 27.58
N ILE F 213 -12.56 17.25 26.38
CA ILE F 213 -12.28 16.30 25.25
C ILE F 213 -11.04 15.47 25.66
N ALA F 214 -10.00 16.12 26.15
CA ALA F 214 -8.75 15.45 26.59
C ALA F 214 -9.06 14.40 27.65
N ALA F 215 -9.98 14.67 28.58
CA ALA F 215 -10.33 13.74 29.66
C ALA F 215 -11.06 12.52 29.13
N ALA F 216 -11.74 12.64 27.99
CA ALA F 216 -12.46 11.50 27.35
C ALA F 216 -11.48 10.62 26.56
N VAL F 217 -10.23 11.04 26.38
CA VAL F 217 -9.20 10.25 25.64
C VAL F 217 -8.47 9.40 26.66
N PRO F 218 -8.35 8.08 26.48
CA PRO F 218 -7.61 7.27 27.45
C PRO F 218 -6.18 7.75 27.71
N LEU F 219 -5.50 8.31 26.70
CA LEU F 219 -4.14 8.89 26.90
C LEU F 219 -4.21 10.24 27.61
N LYS F 220 -5.40 10.83 27.77
CA LYS F 220 -5.65 12.03 28.61
C LYS F 220 -5.08 13.30 27.98
N ARG F 221 -4.89 13.33 26.67
CA ARG F 221 -4.47 14.54 25.93
C ARG F 221 -5.05 14.46 24.51
N LEU F 222 -5.11 15.60 23.86
CA LEU F 222 -5.43 15.65 22.42
C LEU F 222 -4.17 15.21 21.67
N GLY F 223 -4.35 14.74 20.44
CA GLY F 223 -3.20 14.50 19.57
C GLY F 223 -2.61 15.84 19.14
N THR F 224 -1.39 15.82 18.67
CA THR F 224 -0.72 17.06 18.23
C THR F 224 -0.51 17.01 16.72
N ILE F 225 -0.21 18.17 16.17
CA ILE F 225 0.15 18.22 14.73
C ILE F 225 1.44 17.42 14.51
N ASP F 226 2.33 17.33 15.51
CA ASP F 226 3.54 16.50 15.43
C ASP F 226 3.18 15.00 15.37
N ASP F 227 2.21 14.54 16.16
CA ASP F 227 1.79 13.13 16.13
C ASP F 227 1.32 12.79 14.69
N ALA F 228 0.49 13.65 14.11
CA ALA F 228 -0.03 13.47 12.75
C ALA F 228 1.10 13.50 11.74
N GLY F 229 2.00 14.49 11.82
CA GLY F 229 3.12 14.59 10.88
C GLY F 229 4.04 13.40 10.96
N ASN F 230 4.23 12.87 12.17
CA ASN F 230 5.10 11.68 12.39
C ASN F 230 4.53 10.46 11.65
N LEU F 231 3.22 10.26 11.68
CA LEU F 231 2.59 9.11 10.96
C LEU F 231 2.68 9.35 9.44
N ALA F 232 2.43 10.57 8.96
CA ALA F 232 2.54 10.90 7.52
C ALA F 232 3.99 10.68 7.05
N LEU F 233 4.96 11.10 7.86
CA LEU F 233 6.40 10.89 7.54
C LEU F 233 6.67 9.39 7.43
N PHE F 234 6.19 8.59 8.40
CA PHE F 234 6.38 7.13 8.35
C PHE F 234 5.82 6.60 7.02
N LEU F 235 4.59 6.96 6.68
CA LEU F 235 3.90 6.42 5.49
C LEU F 235 4.62 6.84 4.20
N ALA F 236 5.27 8.01 4.19
CA ALA F 236 5.97 8.57 3.03
C ALA F 236 7.35 7.92 2.84
N SER F 237 7.85 7.23 3.87
CA SER F 237 9.26 6.78 4.00
C SER F 237 9.43 5.34 3.50
N ASP F 238 10.69 4.91 3.40
CA ASP F 238 11.06 3.51 3.08
C ASP F 238 10.62 2.56 4.22
N LEU F 239 10.26 3.07 5.39
CA LEU F 239 9.82 2.22 6.52
C LEU F 239 8.40 1.66 6.23
N ALA F 240 7.68 2.18 5.23
CA ALA F 240 6.28 1.80 4.97
C ALA F 240 6.09 1.35 3.52
N SER F 241 7.13 0.80 2.88
CA SER F 241 7.11 0.43 1.43
CA SER F 241 7.14 0.41 1.44
C SER F 241 6.16 -0.74 1.12
N TYR F 242 5.67 -1.47 2.13
CA TYR F 242 4.73 -2.60 1.93
C TYR F 242 3.35 -2.27 2.50
N LEU F 243 3.13 -1.03 2.93
CA LEU F 243 1.86 -0.65 3.57
C LEU F 243 1.10 0.25 2.59
N THR F 244 -0.01 -0.24 2.07
CA THR F 244 -0.86 0.50 1.12
C THR F 244 -2.31 0.08 1.27
N GLY F 245 -3.22 1.00 1.00
CA GLY F 245 -4.66 0.73 1.02
C GLY F 245 -5.26 0.75 2.42
N GLN F 246 -4.56 1.30 3.40
CA GLN F 246 -4.99 1.19 4.80
C GLN F 246 -5.44 2.56 5.32
N ALA F 247 -6.36 2.53 6.26
CA ALA F 247 -6.83 3.71 7.01
C ALA F 247 -6.39 3.51 8.45
N ILE F 248 -5.44 4.30 8.91
CA ILE F 248 -4.82 4.11 10.24
C ILE F 248 -5.43 5.11 11.22
N VAL F 249 -5.95 4.61 12.33
CA VAL F 249 -6.59 5.45 13.37
C VAL F 249 -5.51 5.97 14.31
N LEU F 250 -5.43 7.29 14.45
CA LEU F 250 -4.46 7.99 15.29
C LEU F 250 -5.24 8.77 16.34
N ASP F 251 -5.54 8.15 17.49
CA ASP F 251 -6.59 8.69 18.37
C ASP F 251 -6.36 8.45 19.86
N GLY F 252 -5.20 7.98 20.29
CA GLY F 252 -4.98 7.79 21.73
C GLY F 252 -6.01 6.90 22.42
N ALA F 253 -6.61 5.96 21.69
CA ALA F 253 -7.65 4.99 22.12
C ALA F 253 -9.00 5.67 22.41
N PHE F 254 -9.24 6.87 21.86
CA PHE F 254 -10.55 7.57 21.96
C PHE F 254 -11.68 6.68 21.44
N THR F 255 -11.50 5.94 20.34
CA THR F 255 -12.59 5.13 19.76
C THR F 255 -12.62 3.71 20.39
N LEU F 256 -11.64 3.39 21.20
CA LEU F 256 -11.44 2.03 21.76
C LEU F 256 -12.23 1.89 23.06
N ALA F 257 -12.27 2.95 23.87
CA ALA F 257 -12.89 2.90 25.20
C ALA F 257 -14.34 2.41 25.06
N GLU F 258 -14.74 1.43 25.88
CA GLU F 258 -16.11 0.92 25.83
C GLU F 258 -17.06 1.87 26.60
N TYR F 259 -16.76 2.19 27.86
CA TYR F 259 -17.69 2.79 28.85
C TYR F 259 -16.83 3.37 29.97
PA NAD G . 9.26 -17.92 12.02
O1A NAD G . 8.77 -19.33 12.35
O2A NAD G . 10.00 -17.70 10.71
O5B NAD G . 10.04 -17.31 13.27
C5B NAD G . 9.37 -17.62 14.56
C4B NAD G . 10.37 -17.52 15.67
O4B NAD G . 9.63 -17.73 16.91
C3B NAD G . 11.53 -18.55 15.66
O3B NAD G . 12.79 -17.90 15.90
C2B NAD G . 11.11 -19.57 16.74
O2B NAD G . 12.15 -20.29 17.37
C1B NAD G . 10.39 -18.62 17.71
N9A NAD G . 9.53 -19.32 18.64
C8A NAD G . 8.54 -20.24 18.30
N7A NAD G . 7.99 -20.80 19.35
C5A NAD G . 8.63 -20.20 20.46
C6A NAD G . 8.49 -20.38 21.86
N6A NAD G . 7.66 -21.27 22.40
N1A NAD G . 9.36 -19.71 22.68
C2A NAD G . 10.20 -18.82 22.12
N3A NAD G . 10.42 -18.54 20.83
C4A NAD G . 9.61 -19.30 20.03
O3 NAD G . 7.92 -17.00 12.03
PN NAD G . 7.64 -15.55 11.41
O1N NAD G . 7.12 -15.85 10.01
O2N NAD G . 8.75 -14.64 11.70
O5D NAD G . 6.30 -15.25 12.32
C5D NAD G . 6.31 -14.24 13.35
C4D NAD G . 4.88 -13.92 13.76
O4D NAD G . 4.13 -13.35 12.63
C3D NAD G . 4.07 -15.12 14.24
O3D NAD G . 3.28 -14.73 15.33
C2D NAD G . 3.30 -15.50 12.98
O2D NAD G . 2.18 -16.28 13.32
C1D NAD G . 2.94 -14.10 12.44
N1N NAD G . 2.55 -14.11 10.99
C2N NAD G . 3.37 -14.71 10.02
C3N NAD G . 3.03 -14.54 8.65
C7N NAD G . 3.99 -14.90 7.55
O7N NAD G . 3.60 -14.82 6.37
N7N NAD G . 5.17 -15.38 7.91
C4N NAD G . 1.76 -14.06 8.33
C5N NAD G . 0.90 -13.69 9.32
C6N NAD G . 1.40 -13.53 10.60
NA NA H . -9.84 -10.82 -0.90
PA NAD I . 32.83 -13.05 -22.94
O1A NAD I . 31.54 -13.11 -23.68
O2A NAD I . 34.01 -13.78 -23.52
O5B NAD I . 32.73 -13.37 -21.40
C5B NAD I . 31.67 -12.68 -20.65
C4B NAD I . 31.29 -13.47 -19.43
O4B NAD I . 30.19 -12.76 -18.78
C3B NAD I . 30.80 -14.91 -19.73
O3B NAD I . 31.43 -15.83 -18.85
C2B NAD I . 29.28 -14.79 -19.51
O2B NAD I . 28.62 -15.95 -19.08
C1B NAD I . 29.24 -13.73 -18.40
N9A NAD I . 27.93 -13.13 -18.26
C8A NAD I . 27.18 -12.61 -19.28
N7A NAD I . 26.00 -12.17 -18.88
C5A NAD I . 25.96 -12.48 -17.52
C6A NAD I . 24.95 -12.30 -16.54
N6A NAD I . 23.74 -11.78 -16.79
N1A NAD I . 25.25 -12.69 -15.29
C2A NAD I . 26.44 -13.25 -15.06
N3A NAD I . 27.45 -13.47 -15.89
C4A NAD I . 27.14 -13.07 -17.13
O3 NAD I . 33.21 -11.46 -22.92
PN NAD I . 34.63 -10.74 -22.85
O1N NAD I . 35.08 -10.55 -24.27
O2N NAD I . 35.48 -11.32 -21.80
O5D NAD I . 34.15 -9.27 -22.35
C5D NAD I . 34.41 -8.89 -20.99
C4D NAD I . 33.98 -7.45 -20.86
O4D NAD I . 34.84 -6.64 -21.74
C3D NAD I . 32.55 -7.14 -21.29
O3D NAD I . 32.02 -6.04 -20.54
C2D NAD I . 32.73 -6.72 -22.75
O2D NAD I . 31.67 -5.91 -23.20
C1D NAD I . 34.03 -5.92 -22.65
N1N NAD I . 34.75 -5.77 -23.93
C2N NAD I . 35.19 -6.88 -24.70
C3N NAD I . 35.91 -6.65 -25.88
C7N NAD I . 36.42 -7.79 -26.75
O7N NAD I . 37.03 -7.52 -27.79
N7N NAD I . 36.17 -9.02 -26.35
C4N NAD I . 36.17 -5.34 -26.31
C5N NAD I . 35.84 -4.26 -25.50
C6N NAD I . 35.12 -4.49 -24.34
NA NA J . 40.24 4.53 -35.71
PA NAD K . -26.00 -15.40 30.86
O1A NAD K . -24.90 -15.62 31.88
O2A NAD K . -27.15 -14.54 31.20
O5B NAD K . -26.47 -16.79 30.24
C5B NAD K . -25.37 -17.72 29.98
C4B NAD K . -25.91 -19.12 29.95
O4B NAD K . -24.85 -20.02 29.53
C3B NAD K . -26.42 -19.64 31.30
O3B NAD K . -27.65 -20.34 31.11
C2B NAD K . -25.25 -20.50 31.77
O2B NAD K . -25.67 -21.52 32.67
C1B NAD K . -24.80 -21.09 30.43
N9A NAD K . -23.45 -21.64 30.50
C8A NAD K . -22.32 -21.02 31.00
N7A NAD K . -21.26 -21.80 31.02
C5A NAD K . -21.72 -23.01 30.51
C6A NAD K . -21.09 -24.25 30.30
N6A NAD K . -19.82 -24.49 30.62
N1A NAD K . -21.84 -25.27 29.80
C2A NAD K . -23.12 -25.03 29.52
N3A NAD K . -23.83 -23.91 29.66
C4A NAD K . -23.07 -22.92 30.17
O3 NAD K . -25.21 -14.78 29.56
PN NAD K . -25.77 -13.81 28.40
O1N NAD K . -25.67 -12.40 28.95
O2N NAD K . -26.98 -14.39 27.88
O5D NAD K . -24.52 -14.04 27.38
C5D NAD K . -24.71 -14.86 26.21
C4D NAD K . -23.45 -14.71 25.36
O4D NAD K . -23.34 -13.32 24.88
C3D NAD K . -22.13 -15.02 26.08
O3D NAD K . -21.17 -15.61 25.20
C2D NAD K . -21.62 -13.64 26.50
O2D NAD K . -20.21 -13.69 26.74
C1D NAD K . -22.08 -12.79 25.33
N1N NAD K . -22.25 -11.34 25.66
C2N NAD K . -23.17 -10.87 26.60
C3N NAD K . -23.39 -9.47 26.76
C7N NAD K . -24.41 -8.90 27.75
O7N NAD K . -24.54 -7.67 27.82
N7N NAD K . -25.20 -9.75 28.43
C4N NAD K . -22.62 -8.58 25.97
C5N NAD K . -21.79 -9.07 24.97
C6N NAD K . -21.55 -10.42 24.90
NA NA L . -16.90 4.81 21.81
PA NAD M . -29.57 -2.12 -11.40
O1A NAD M . -28.92 -1.11 -12.31
O2A NAD M . -29.68 -3.55 -11.86
O5B NAD M . -31.00 -1.49 -10.96
C5B NAD M . -30.82 -0.14 -10.49
C4B NAD M . -32.12 0.61 -10.49
O4B NAD M . -31.84 1.96 -10.04
C3B NAD M . -32.89 0.73 -11.83
O3B NAD M . -34.24 0.33 -11.60
C2B NAD M . -32.63 2.19 -12.25
O2B NAD M . -33.53 2.80 -13.17
C1B NAD M . -32.63 2.82 -10.85
N9A NAD M . -32.08 4.15 -10.85
C8A NAD M . -30.85 4.48 -11.37
N7A NAD M . -30.63 5.78 -11.38
C5A NAD M . -31.77 6.34 -10.80
C6A NAD M . -32.13 7.68 -10.52
N6A NAD M . -31.41 8.74 -10.89
N1A NAD M . -33.39 7.90 -10.02
C2A NAD M . -34.14 6.82 -9.67
N3A NAD M . -33.90 5.54 -9.86
C4A NAD M . -32.69 5.34 -10.47
O3 NAD M . -28.84 -2.09 -9.96
PN NAD M . -28.80 -3.16 -8.76
O1N NAD M . -27.74 -4.13 -9.20
O2N NAD M . -30.09 -3.63 -8.35
O5D NAD M . -28.05 -2.26 -7.63
C5D NAD M . -28.67 -1.62 -6.49
C4D NAD M . -27.63 -0.98 -5.60
O4D NAD M . -26.67 -1.95 -5.06
C3D NAD M . -26.77 0.08 -6.27
O3D NAD M . -26.49 1.01 -5.26
C2D NAD M . -25.51 -0.67 -6.66
O2D NAD M . -24.47 0.26 -6.94
C1D NAD M . -25.32 -1.54 -5.41
N1N NAD M . -24.40 -2.72 -5.66
C2N NAD M . -24.56 -3.57 -6.74
C3N NAD M . -23.85 -4.77 -6.76
C7N NAD M . -24.00 -5.83 -7.82
O7N NAD M . -23.21 -6.80 -7.81
N7N NAD M . -24.97 -5.69 -8.72
C4N NAD M . -22.96 -5.03 -5.73
C5N NAD M . -22.55 -4.00 -4.95
C6N NAD M . -23.37 -2.92 -4.82
NA NA N . 38.32 20.56 -12.21
PA NAD O . -7.19 23.19 10.25
O1A NAD O . -8.49 23.89 9.98
O2A NAD O . -6.45 23.33 11.52
O5B NAD O . -6.16 23.33 9.04
C5B NAD O . -6.77 23.11 7.74
C4B NAD O . -5.89 23.82 6.73
O4B NAD O . -6.41 23.54 5.40
C3B NAD O . -5.87 25.35 6.86
O3B NAD O . -4.52 25.87 6.68
C2B NAD O . -6.80 25.82 5.73
O2B NAD O . -6.53 27.10 5.21
C1B NAD O . -6.51 24.74 4.67
N9A NAD O . -7.56 24.66 3.67
C8A NAD O . -8.92 24.54 3.93
N7A NAD O . -9.67 24.64 2.85
C5A NAD O . -8.75 24.82 1.82
C6A NAD O . -8.92 24.99 0.43
N6A NAD O . -10.12 25.02 -0.17
N1A NAD O . -7.79 25.12 -0.33
C2A NAD O . -6.60 25.13 0.29
N3A NAD O . -6.33 25.01 1.58
C4A NAD O . -7.46 24.86 2.30
O3 NAD O . -7.52 21.59 10.03
PN NAD O . -6.91 20.33 10.78
O1N NAD O . -7.55 20.15 12.13
O2N NAD O . -5.45 20.40 10.69
O5D NAD O . -7.45 19.18 9.84
C5D NAD O . -6.61 18.59 8.85
C4D NAD O . -7.41 17.45 8.24
O4D NAD O . -7.67 16.47 9.28
C3D NAD O . -8.76 17.83 7.65
O3D NAD O . -9.05 17.06 6.47
C2D NAD O . -9.70 17.51 8.81
O2D NAD O . -11.03 17.35 8.36
C1D NAD O . -9.06 16.24 9.35
N1N NAD O . -9.41 15.92 10.75
C2N NAD O . -9.27 16.86 11.84
C3N NAD O . -9.46 16.44 13.17
C7N NAD O . -9.17 17.33 14.37
O7N NAD O . -9.39 16.93 15.52
N7N NAD O . -8.53 18.46 14.15
C4N NAD O . -9.92 15.12 13.37
C5N NAD O . -10.16 14.27 12.30
C6N NAD O . -9.95 14.69 11.01
#